data_2UVD
#
_entry.id   2UVD
#
_cell.length_a   70.620
_cell.length_b   120.650
_cell.length_c   136.380
_cell.angle_alpha   90.00
_cell.angle_beta   104.42
_cell.angle_gamma   90.00
#
_symmetry.space_group_name_H-M   'P 1 21 1'
#
loop_
_entity.id
_entity.type
_entity.pdbx_description
1 polymer '3-OXOACYL-(ACYL-CARRIER-PROTEIN) REDUCTASE'
2 water water
#
_entity_poly.entity_id   1
_entity_poly.type   'polypeptide(L)'
_entity_poly.pdbx_seq_one_letter_code
;MLKGKVALVTGASRGIGRAIAIDLAKQGANVVVNYAGNEQKANEVVDEIKKLGSDAIAVRADVANAEDVTNMVKQTVDVF
GQVDILVNNAGVTKDNLLMRMKEEEWDTVINTNLKGVFLCTKAVSRFMMRQRHGRIVNIASVVGVTGNPGQANYVAAKAG
VIGLTKTSAKELASRNITVNAIAPGFIATDMTDVLDENIKAEMLKLIPAAQFGEAQDIANAVTFFASDQSKYITGQTLNV
DGGMVM
;
_entity_poly.pdbx_strand_id   A,B,C,D,E,F,G,H
#
# COMPACT_ATOMS: atom_id res chain seq x y z
N MET A 1 12.20 -26.41 31.54
CA MET A 1 10.98 -26.23 32.38
C MET A 1 10.81 -24.81 32.99
N LEU A 2 11.05 -23.81 32.15
CA LEU A 2 10.32 -22.50 32.09
C LEU A 2 9.45 -21.94 33.25
N LYS A 3 9.69 -22.39 34.46
CA LYS A 3 8.97 -21.90 35.64
C LYS A 3 9.19 -20.41 35.88
N GLY A 4 8.10 -19.68 36.04
CA GLY A 4 8.15 -18.21 36.23
C GLY A 4 8.44 -17.38 35.00
N LYS A 5 8.60 -18.03 33.85
CA LYS A 5 8.86 -17.31 32.59
C LYS A 5 7.58 -16.76 32.00
N VAL A 6 7.68 -15.66 31.26
CA VAL A 6 6.52 -15.26 30.44
C VAL A 6 6.93 -15.20 28.96
N ALA A 7 6.06 -15.80 28.15
CA ALA A 7 6.27 -15.95 26.71
C ALA A 7 5.25 -15.18 25.93
N LEU A 8 5.71 -14.44 24.93
CA LEU A 8 4.84 -13.79 23.92
C LEU A 8 4.99 -14.55 22.60
N VAL A 9 3.92 -15.19 22.17
CA VAL A 9 3.89 -15.96 20.92
C VAL A 9 2.99 -15.27 19.90
N THR A 10 3.56 -14.84 18.79
CA THR A 10 2.79 -14.20 17.72
C THR A 10 2.23 -15.25 16.79
N GLY A 11 1.02 -15.02 16.31
CA GLY A 11 0.32 -16.03 15.49
C GLY A 11 0.08 -17.35 16.23
N ALA A 12 -0.47 -17.26 17.44
CA ALA A 12 -0.54 -18.37 18.39
C ALA A 12 -1.90 -19.05 18.45
N SER A 13 -2.82 -18.66 17.58
CA SER A 13 -4.24 -19.10 17.70
C SER A 13 -4.52 -20.48 17.09
N ARG A 14 -3.56 -20.99 16.32
CA ARG A 14 -3.71 -22.33 15.76
C ARG A 14 -2.42 -22.89 15.18
N GLY A 15 -2.50 -24.18 14.85
CA GLY A 15 -1.45 -24.92 14.16
C GLY A 15 -0.17 -24.95 14.95
N ILE A 16 0.91 -24.52 14.30
CA ILE A 16 2.23 -24.48 14.91
C ILE A 16 2.26 -23.52 16.10
N GLY A 17 1.77 -22.32 15.88
CA GLY A 17 1.80 -21.26 16.91
C GLY A 17 1.03 -21.65 18.16
N ARG A 18 -0.06 -22.37 17.96
CA ARG A 18 -0.85 -22.86 19.06
C ARG A 18 -0.15 -23.94 19.85
N ALA A 19 0.44 -24.89 19.15
CA ALA A 19 1.21 -25.99 19.75
C ALA A 19 2.40 -25.46 20.57
N ILE A 20 3.03 -24.41 20.05
CA ILE A 20 4.15 -23.75 20.73
C ILE A 20 3.67 -23.10 22.03
N ALA A 21 2.55 -22.36 21.93
CA ALA A 21 2.00 -21.65 23.11
C ALA A 21 1.67 -22.65 24.22
N ILE A 22 1.02 -23.74 23.83
CA ILE A 22 0.59 -24.79 24.75
C ILE A 22 1.78 -25.48 25.38
N ASP A 23 2.83 -25.73 24.60
CA ASP A 23 4.01 -26.46 25.13
C ASP A 23 4.80 -25.62 26.11
N LEU A 24 5.02 -24.38 25.76
CA LEU A 24 5.60 -23.39 26.68
C LEU A 24 4.85 -23.32 28.04
N ALA A 25 3.53 -23.23 27.97
CA ALA A 25 2.67 -23.24 29.19
C ALA A 25 2.81 -24.52 30.01
N LYS A 26 2.95 -25.62 29.29
CA LYS A 26 3.15 -26.95 29.88
C LYS A 26 4.43 -26.99 30.72
N GLN A 27 5.46 -26.29 30.25
CA GLN A 27 6.75 -26.16 30.96
C GLN A 27 6.75 -25.10 32.04
N GLY A 28 5.62 -24.43 32.23
CA GLY A 28 5.43 -23.50 33.37
C GLY A 28 5.31 -22.02 33.03
N ALA A 29 5.44 -21.70 31.75
CA ALA A 29 5.37 -20.32 31.27
C ALA A 29 3.95 -19.75 31.34
N ASN A 30 3.85 -18.45 31.62
CA ASN A 30 2.64 -17.67 31.36
C ASN A 30 2.73 -17.19 29.94
N VAL A 31 1.61 -17.23 29.23
CA VAL A 31 1.67 -17.02 27.77
C VAL A 31 0.74 -15.94 27.26
N VAL A 32 1.31 -15.06 26.43
CA VAL A 32 0.49 -14.13 25.66
C VAL A 32 0.23 -14.73 24.28
N VAL A 33 -1.03 -15.03 24.02
CA VAL A 33 -1.50 -15.61 22.75
C VAL A 33 -1.93 -14.49 21.79
N ASN A 34 -1.02 -14.10 20.90
CA ASN A 34 -1.32 -13.09 19.88
C ASN A 34 -2.06 -13.65 18.67
N TYR A 35 -2.96 -12.83 18.15
CA TYR A 35 -3.76 -13.14 16.98
C TYR A 35 -4.07 -11.86 16.22
N ALA A 36 -4.37 -12.00 14.94
CA ALA A 36 -4.66 -10.86 14.06
C ALA A 36 -6.14 -10.69 13.88
N GLY A 37 -6.84 -11.79 13.65
CA GLY A 37 -8.22 -11.71 13.26
C GLY A 37 -9.13 -12.38 14.26
N ASN A 38 -9.14 -13.70 14.23
CA ASN A 38 -10.16 -14.45 14.97
C ASN A 38 -9.85 -14.57 16.45
N GLU A 39 -10.70 -13.89 17.23
CA GLU A 39 -10.59 -13.89 18.67
C GLU A 39 -10.96 -15.24 19.22
N GLN A 40 -11.87 -15.94 18.54
CA GLN A 40 -12.50 -17.13 19.10
C GLN A 40 -11.54 -18.29 19.26
N LYS A 41 -10.67 -18.48 18.29
CA LYS A 41 -9.64 -19.52 18.35
C LYS A 41 -8.57 -19.21 19.39
N ALA A 42 -8.15 -17.97 19.44
CA ALA A 42 -7.17 -17.49 20.45
C ALA A 42 -7.67 -17.73 21.86
N ASN A 43 -8.96 -17.47 22.09
CA ASN A 43 -9.62 -17.70 23.38
C ASN A 43 -9.65 -19.18 23.79
N GLU A 44 -9.72 -20.06 22.80
CA GLU A 44 -9.64 -21.50 23.03
C GLU A 44 -8.26 -21.91 23.50
N VAL A 45 -7.24 -21.36 22.87
CA VAL A 45 -5.85 -21.63 23.28
C VAL A 45 -5.59 -21.15 24.70
N VAL A 46 -6.07 -19.94 25.00
CA VAL A 46 -6.03 -19.39 26.39
C VAL A 46 -6.73 -20.34 27.39
N ASP A 47 -7.90 -20.83 27.03
CA ASP A 47 -8.68 -21.74 27.90
C ASP A 47 -7.93 -23.04 28.21
N GLU A 48 -7.26 -23.54 27.19
CA GLU A 48 -6.48 -24.76 27.30
C GLU A 48 -5.25 -24.60 28.18
N ILE A 49 -4.61 -23.43 28.06
CA ILE A 49 -3.43 -23.10 28.89
C ILE A 49 -3.83 -23.00 30.38
N LYS A 50 -4.99 -22.42 30.65
CA LYS A 50 -5.48 -22.27 32.03
C LYS A 50 -5.87 -23.63 32.63
N LYS A 51 -6.43 -24.48 31.80
CA LYS A 51 -6.72 -25.88 32.16
C LYS A 51 -5.50 -26.65 32.67
N LEU A 52 -4.36 -26.42 32.04
CA LEU A 52 -3.14 -27.12 32.45
C LEU A 52 -2.32 -26.39 33.55
N GLY A 53 -2.94 -25.41 34.20
CA GLY A 53 -2.38 -24.83 35.43
C GLY A 53 -1.60 -23.55 35.25
N SER A 54 -1.43 -23.12 34.01
CA SER A 54 -0.72 -21.85 33.73
C SER A 54 -1.71 -20.70 33.50
N ASP A 55 -1.17 -19.52 33.20
CA ASP A 55 -2.00 -18.35 32.92
C ASP A 55 -1.73 -17.85 31.49
N ALA A 56 -2.74 -17.22 30.91
CA ALA A 56 -2.62 -16.68 29.54
C ALA A 56 -3.63 -15.59 29.27
N ILE A 57 -3.28 -14.73 28.32
CA ILE A 57 -4.21 -13.76 27.77
C ILE A 57 -4.10 -13.77 26.24
N ALA A 58 -5.20 -13.41 25.58
CA ALA A 58 -5.24 -13.27 24.14
C ALA A 58 -5.10 -11.78 23.78
N VAL A 59 -4.17 -11.45 22.89
CA VAL A 59 -3.96 -10.05 22.45
C VAL A 59 -3.98 -9.87 20.92
N ARG A 60 -4.90 -9.04 20.42
CA ARG A 60 -5.01 -8.72 19.01
C ARG A 60 -3.96 -7.70 18.58
N ALA A 61 -3.15 -8.03 17.58
CA ALA A 61 -2.15 -7.08 17.06
C ALA A 61 -1.70 -7.51 15.68
N ASP A 62 -1.60 -6.55 14.76
CA ASP A 62 -1.00 -6.80 13.45
C ASP A 62 0.49 -6.59 13.62
N VAL A 63 1.26 -7.65 13.45
CA VAL A 63 2.72 -7.57 13.71
C VAL A 63 3.46 -6.66 12.71
N ALA A 64 2.80 -6.33 11.61
CA ALA A 64 3.31 -5.35 10.64
C ALA A 64 2.98 -3.89 11.03
N ASN A 65 2.29 -3.72 12.15
CA ASN A 65 1.85 -2.41 12.63
C ASN A 65 2.58 -2.03 13.92
N ALA A 66 3.39 -0.98 13.84
CA ALA A 66 4.34 -0.60 14.89
C ALA A 66 3.64 -0.27 16.20
N GLU A 67 2.55 0.46 16.10
CA GLU A 67 1.76 0.83 17.25
C GLU A 67 1.09 -0.39 17.94
N ASP A 68 0.55 -1.32 17.14
CA ASP A 68 -0.02 -2.58 17.64
C ASP A 68 1.04 -3.38 18.41
N VAL A 69 2.19 -3.51 17.81
CA VAL A 69 3.31 -4.25 18.43
C VAL A 69 3.73 -3.63 19.77
N THR A 70 3.88 -2.32 19.78
CA THR A 70 4.28 -1.61 20.98
C THR A 70 3.28 -1.82 22.11
N ASN A 71 2.00 -1.72 21.79
CA ASN A 71 0.95 -1.90 22.81
C ASN A 71 0.85 -3.34 23.30
N MET A 72 1.13 -4.29 22.41
CA MET A 72 1.09 -5.69 22.74
C MET A 72 2.17 -6.03 23.77
N VAL A 73 3.39 -5.61 23.47
CA VAL A 73 4.52 -5.85 24.39
C VAL A 73 4.27 -5.20 25.73
N LYS A 74 3.73 -4.00 25.69
CA LYS A 74 3.42 -3.23 26.88
C LYS A 74 2.36 -3.92 27.75
N GLN A 75 1.36 -4.50 27.09
CA GLN A 75 0.31 -5.25 27.78
C GLN A 75 0.91 -6.49 28.46
N THR A 76 1.83 -7.14 27.78
CA THR A 76 2.47 -8.35 28.29
C THR A 76 3.14 -8.05 29.61
N VAL A 77 3.91 -6.96 29.59
CA VAL A 77 4.69 -6.54 30.76
C VAL A 77 3.77 -6.03 31.86
N ASP A 78 2.71 -5.35 31.47
CA ASP A 78 1.69 -4.85 32.42
C ASP A 78 0.98 -5.99 33.13
N VAL A 79 0.54 -6.98 32.37
CA VAL A 79 -0.28 -8.07 32.93
C VAL A 79 0.58 -9.10 33.66
N PHE A 80 1.67 -9.47 33.03
CA PHE A 80 2.50 -10.55 33.57
C PHE A 80 3.84 -10.11 34.22
N GLY A 81 4.13 -8.82 34.17
CA GLY A 81 5.27 -8.26 34.92
C GLY A 81 6.57 -8.17 34.14
N GLN A 82 6.69 -8.92 33.06
CA GLN A 82 7.93 -8.98 32.29
C GLN A 82 7.70 -9.79 31.04
N VAL A 83 8.69 -9.78 30.16
CA VAL A 83 8.72 -10.65 29.00
C VAL A 83 10.10 -11.34 28.95
N ASP A 84 10.06 -12.67 28.94
CA ASP A 84 11.27 -13.51 28.97
C ASP A 84 11.55 -14.22 27.65
N ILE A 85 10.48 -14.54 26.93
CA ILE A 85 10.57 -15.28 25.68
C ILE A 85 9.69 -14.63 24.63
N LEU A 86 10.25 -14.46 23.44
CA LEU A 86 9.47 -14.04 22.25
C LEU A 86 9.60 -15.12 21.19
N VAL A 87 8.46 -15.65 20.75
CA VAL A 87 8.46 -16.46 19.54
C VAL A 87 7.64 -15.82 18.39
N ASN A 88 8.37 -15.52 17.34
CA ASN A 88 7.83 -14.86 16.17
C ASN A 88 7.34 -15.93 15.21
N ASN A 89 6.04 -16.19 15.26
CA ASN A 89 5.40 -17.18 14.39
C ASN A 89 4.37 -16.60 13.42
N ALA A 90 3.98 -15.33 13.60
CA ALA A 90 3.02 -14.68 12.68
C ALA A 90 3.55 -14.67 11.25
N GLY A 91 2.66 -14.78 10.29
CA GLY A 91 3.05 -14.87 8.88
C GLY A 91 1.96 -15.41 7.98
N VAL A 92 1.81 -14.83 6.80
CA VAL A 92 0.88 -15.34 5.78
C VAL A 92 1.64 -15.84 4.53
N THR A 93 0.96 -16.63 3.72
CA THR A 93 1.45 -16.96 2.39
C THR A 93 0.47 -16.39 1.36
N LYS A 94 1.00 -16.01 0.21
CA LYS A 94 0.21 -15.57 -0.94
C LYS A 94 0.98 -16.04 -2.17
N ASP A 95 0.80 -17.31 -2.50
CA ASP A 95 1.62 -17.96 -3.51
C ASP A 95 1.24 -17.51 -4.92
N ASN A 96 2.24 -17.51 -5.78
CA ASN A 96 2.09 -17.24 -7.20
C ASN A 96 3.43 -17.37 -7.90
N LEU A 97 3.40 -17.74 -9.17
CA LEU A 97 4.58 -17.63 -10.01
C LEU A 97 4.99 -16.15 -10.09
N LEU A 98 6.29 -15.93 -10.01
CA LEU A 98 6.92 -14.59 -10.03
C LEU A 98 6.22 -13.66 -11.05
N MET A 99 5.98 -14.20 -12.23
CA MET A 99 5.35 -13.51 -13.36
C MET A 99 3.87 -13.15 -13.09
N ARG A 100 3.29 -13.86 -12.14
CA ARG A 100 1.88 -13.73 -11.78
C ARG A 100 1.68 -12.94 -10.49
N MET A 101 2.78 -12.72 -9.76
CA MET A 101 2.69 -12.22 -8.41
C MET A 101 2.47 -10.72 -8.32
N LYS A 102 1.37 -10.34 -7.68
CA LYS A 102 1.01 -8.93 -7.49
C LYS A 102 1.92 -8.26 -6.48
N GLU A 103 2.07 -6.95 -6.66
CA GLU A 103 2.90 -6.13 -5.76
C GLU A 103 2.37 -6.18 -4.35
N GLU A 104 1.04 -6.14 -4.19
CA GLU A 104 0.44 -6.25 -2.83
C GLU A 104 0.60 -7.65 -2.19
N GLU A 105 0.59 -8.69 -3.01
CA GLU A 105 0.88 -10.06 -2.52
C GLU A 105 2.31 -10.10 -1.96
N TRP A 106 3.21 -9.43 -2.67
CA TRP A 106 4.60 -9.30 -2.23
C TRP A 106 4.68 -8.54 -0.91
N ASP A 107 4.04 -7.37 -0.87
CA ASP A 107 4.12 -6.46 0.28
C ASP A 107 3.56 -7.08 1.55
N THR A 108 2.36 -7.62 1.43
CA THR A 108 1.67 -8.23 2.60
C THR A 108 2.49 -9.38 3.22
N VAL A 109 3.10 -10.22 2.40
CA VAL A 109 3.92 -11.34 2.88
C VAL A 109 5.21 -10.84 3.52
N ILE A 110 5.86 -9.86 2.89
CA ILE A 110 7.14 -9.32 3.43
C ILE A 110 6.89 -8.62 4.78
N ASN A 111 5.86 -7.80 4.82
CA ASN A 111 5.54 -7.02 6.03
C ASN A 111 5.12 -7.90 7.20
N THR A 112 4.27 -8.89 6.93
CA THR A 112 3.79 -9.80 7.99
C THR A 112 4.89 -10.72 8.49
N ASN A 113 5.58 -11.37 7.57
CA ASN A 113 6.60 -12.39 7.93
C ASN A 113 7.94 -11.84 8.33
N LEU A 114 8.39 -10.77 7.70
CA LEU A 114 9.75 -10.28 7.91
C LEU A 114 9.74 -9.03 8.78
N LYS A 115 8.98 -8.02 8.37
CA LYS A 115 8.91 -6.77 9.15
C LYS A 115 8.33 -6.99 10.56
N GLY A 116 7.44 -7.96 10.70
CA GLY A 116 6.90 -8.35 12.01
C GLY A 116 7.99 -8.81 12.97
N VAL A 117 8.90 -9.61 12.45
CA VAL A 117 10.00 -10.08 13.27
C VAL A 117 10.85 -8.90 13.73
N PHE A 118 11.14 -8.00 12.81
CA PHE A 118 11.90 -6.79 13.12
C PHE A 118 11.21 -5.97 14.22
N LEU A 119 9.96 -5.68 13.96
CA LEU A 119 9.16 -4.85 14.87
C LEU A 119 9.03 -5.47 16.26
N CYS A 120 8.73 -6.76 16.32
CA CYS A 120 8.59 -7.46 17.62
C CYS A 120 9.90 -7.60 18.38
N THR A 121 10.96 -7.92 17.66
CA THR A 121 12.30 -8.02 18.24
C THR A 121 12.72 -6.69 18.84
N LYS A 122 12.55 -5.63 18.05
CA LYS A 122 12.84 -4.29 18.51
C LYS A 122 12.08 -3.92 19.80
N ALA A 123 10.77 -4.24 19.82
CA ALA A 123 9.89 -3.89 20.94
C ALA A 123 10.23 -4.62 22.26
N VAL A 124 10.58 -5.90 22.18
CA VAL A 124 10.96 -6.67 23.39
C VAL A 124 12.39 -6.40 23.89
N SER A 125 13.24 -5.93 23.00
CA SER A 125 14.68 -5.79 23.28
C SER A 125 14.97 -5.03 24.55
N ARG A 126 14.27 -3.92 24.71
CA ARG A 126 14.54 -2.94 25.77
C ARG A 126 14.31 -3.57 27.14
N PHE A 127 13.25 -4.36 27.22
CA PHE A 127 12.90 -5.12 28.42
C PHE A 127 13.86 -6.26 28.73
N MET A 128 14.26 -6.98 27.67
CA MET A 128 15.24 -8.07 27.80
C MET A 128 16.67 -7.57 28.10
N MET A 129 17.10 -6.51 27.41
CA MET A 129 18.41 -5.93 27.61
C MET A 129 18.55 -5.38 29.02
N ARG A 130 17.51 -4.74 29.49
CA ARG A 130 17.53 -4.23 30.84
C ARG A 130 17.63 -5.30 31.93
N GLN A 131 16.81 -6.34 31.82
CA GLN A 131 16.82 -7.46 32.77
C GLN A 131 18.02 -8.37 32.56
N ARG A 132 18.66 -8.24 31.41
CA ARG A 132 19.86 -9.03 31.07
C ARG A 132 19.62 -10.52 30.93
N HIS A 133 18.52 -10.85 30.27
CA HIS A 133 18.25 -12.20 29.84
C HIS A 133 17.05 -12.17 28.89
N GLY A 134 17.00 -13.21 28.07
CA GLY A 134 15.90 -13.36 27.14
C GLY A 134 16.18 -14.44 26.12
N ARG A 135 15.11 -14.85 25.49
CA ARG A 135 15.13 -15.83 24.41
C ARG A 135 14.23 -15.29 23.32
N ILE A 136 14.76 -15.23 22.11
CA ILE A 136 13.94 -14.99 20.92
C ILE A 136 14.07 -16.20 20.02
N VAL A 137 12.93 -16.76 19.61
CA VAL A 137 12.96 -17.79 18.58
C VAL A 137 12.02 -17.42 17.43
N ASN A 138 12.62 -17.40 16.25
CA ASN A 138 11.95 -17.02 15.03
C ASN A 138 11.61 -18.25 14.21
N ILE A 139 10.37 -18.38 13.80
CA ILE A 139 9.92 -19.49 12.97
C ILE A 139 10.07 -19.09 11.51
N ALA A 140 11.02 -19.72 10.85
CA ALA A 140 11.32 -19.44 9.46
C ALA A 140 10.68 -20.53 8.60
N SER A 141 11.43 -21.04 7.64
CA SER A 141 10.97 -22.13 6.79
C SER A 141 12.13 -22.64 6.00
N VAL A 142 12.12 -23.93 5.78
CA VAL A 142 13.19 -24.64 5.05
C VAL A 142 13.27 -24.09 3.57
N VAL A 143 12.14 -23.66 3.10
CA VAL A 143 11.98 -23.03 1.79
C VAL A 143 12.79 -21.73 1.65
N GLY A 144 13.03 -21.05 2.79
CA GLY A 144 13.96 -19.93 2.89
C GLY A 144 15.41 -20.28 2.64
N VAL A 145 15.77 -21.55 2.83
CA VAL A 145 17.16 -22.06 2.60
C VAL A 145 17.39 -22.52 1.13
N THR A 146 16.37 -23.15 0.56
CA THR A 146 16.50 -23.85 -0.72
C THR A 146 15.81 -23.14 -1.90
N GLY A 147 14.92 -22.20 -1.59
CA GLY A 147 14.02 -21.62 -2.61
C GLY A 147 12.87 -22.55 -2.92
N ASN A 148 11.88 -22.04 -3.63
CA ASN A 148 10.66 -22.82 -3.95
C ASN A 148 9.81 -22.10 -4.99
N PRO A 149 9.55 -22.75 -6.14
CA PRO A 149 8.91 -22.13 -7.29
C PRO A 149 7.66 -21.28 -7.05
N GLY A 150 6.75 -21.66 -6.17
CA GLY A 150 5.52 -20.83 -6.08
C GLY A 150 5.58 -19.60 -5.18
N GLN A 151 6.74 -19.33 -4.58
CA GLN A 151 6.79 -18.60 -3.33
C GLN A 151 7.91 -17.58 -3.19
N ALA A 152 8.15 -16.80 -4.23
CA ALA A 152 9.22 -15.77 -4.22
C ALA A 152 9.09 -14.86 -2.99
N ASN A 153 7.87 -14.42 -2.70
CA ASN A 153 7.63 -13.54 -1.55
C ASN A 153 7.93 -14.21 -0.21
N TYR A 154 7.44 -15.44 -0.07
CA TYR A 154 7.55 -16.18 1.19
C TYR A 154 9.00 -16.61 1.44
N VAL A 155 9.65 -17.09 0.39
CA VAL A 155 11.07 -17.48 0.41
C VAL A 155 11.96 -16.30 0.77
N ALA A 156 11.76 -15.18 0.09
CA ALA A 156 12.47 -13.92 0.43
C ALA A 156 12.27 -13.53 1.90
N ALA A 157 11.03 -13.58 2.36
CA ALA A 157 10.73 -13.22 3.77
C ALA A 157 11.47 -14.12 4.75
N LYS A 158 11.36 -15.44 4.54
CA LYS A 158 11.89 -16.43 5.48
C LYS A 158 13.41 -16.53 5.43
N ALA A 159 13.99 -16.36 4.25
CA ALA A 159 15.45 -16.21 4.11
C ALA A 159 15.90 -14.94 4.88
N GLY A 160 15.13 -13.87 4.73
CA GLY A 160 15.41 -12.64 5.47
C GLY A 160 15.37 -12.83 6.99
N VAL A 161 14.38 -13.59 7.46
CA VAL A 161 14.23 -13.87 8.91
C VAL A 161 15.48 -14.58 9.46
N ILE A 162 15.99 -15.52 8.67
CA ILE A 162 17.14 -16.33 9.07
C ILE A 162 18.38 -15.42 9.22
N GLY A 163 18.54 -14.48 8.29
CA GLY A 163 19.59 -13.46 8.40
C GLY A 163 19.39 -12.51 9.57
N LEU A 164 18.16 -12.06 9.77
CA LEU A 164 17.81 -11.12 10.85
C LEU A 164 18.09 -11.75 12.22
N THR A 165 17.85 -13.05 12.30
CA THR A 165 18.17 -13.87 13.48
C THR A 165 19.64 -13.78 13.89
N LYS A 166 20.52 -13.77 12.90
CA LYS A 166 21.97 -13.69 13.14
C LYS A 166 22.42 -12.31 13.60
N THR A 167 21.93 -11.26 12.96
CA THR A 167 22.20 -9.88 13.39
C THR A 167 21.75 -9.66 14.85
N SER A 168 20.54 -10.15 15.16
CA SER A 168 19.94 -10.03 16.49
C SER A 168 20.76 -10.78 17.54
N ALA A 169 21.10 -12.02 17.23
CA ALA A 169 21.96 -12.85 18.07
C ALA A 169 23.23 -12.07 18.43
N LYS A 170 23.85 -11.46 17.43
CA LYS A 170 25.10 -10.72 17.60
C LYS A 170 24.93 -9.46 18.44
N GLU A 171 23.83 -8.74 18.22
CA GLU A 171 23.59 -7.47 18.90
C GLU A 171 23.18 -7.63 20.35
N LEU A 172 22.57 -8.77 20.66
CA LEU A 172 21.95 -8.99 21.98
C LEU A 172 22.75 -9.92 22.89
N ALA A 173 23.79 -10.56 22.35
CA ALA A 173 24.66 -11.46 23.12
C ALA A 173 25.17 -10.85 24.43
N SER A 174 25.52 -9.58 24.42
CA SER A 174 26.14 -8.89 25.57
C SER A 174 25.19 -8.72 26.76
N ARG A 175 23.88 -8.90 26.54
CA ARG A 175 22.88 -8.85 27.60
C ARG A 175 22.26 -10.24 27.88
N ASN A 176 23.04 -11.30 27.67
CA ASN A 176 22.58 -12.69 27.85
C ASN A 176 21.24 -13.03 27.20
N ILE A 177 21.05 -12.55 25.98
CA ILE A 177 19.88 -12.88 25.17
C ILE A 177 20.34 -13.75 24.00
N THR A 178 19.71 -14.92 23.82
CA THR A 178 19.96 -15.75 22.63
C THR A 178 18.81 -15.59 21.62
N VAL A 179 19.16 -15.69 20.35
CA VAL A 179 18.22 -15.55 19.25
C VAL A 179 18.54 -16.64 18.23
N ASN A 180 17.55 -17.49 17.99
CA ASN A 180 17.69 -18.65 17.12
C ASN A 180 16.41 -18.78 16.29
N ALA A 181 16.52 -19.59 15.25
CA ALA A 181 15.43 -19.82 14.30
C ALA A 181 15.17 -21.33 14.18
N ILE A 182 13.89 -21.66 14.03
CA ILE A 182 13.46 -22.98 13.62
C ILE A 182 12.87 -22.87 12.21
N ALA A 183 13.34 -23.75 11.33
CA ALA A 183 12.86 -23.79 9.94
C ALA A 183 12.09 -25.07 9.76
N PRO A 184 10.74 -24.99 9.84
CA PRO A 184 9.90 -26.12 9.56
C PRO A 184 9.93 -26.53 8.10
N GLY A 185 9.76 -27.84 7.89
CA GLY A 185 9.51 -28.37 6.56
C GLY A 185 8.01 -28.45 6.32
N PHE A 186 7.54 -29.60 5.85
CA PHE A 186 6.11 -29.80 5.55
C PHE A 186 5.41 -30.41 6.76
N ILE A 187 4.67 -29.56 7.44
CA ILE A 187 3.98 -29.92 8.70
C ILE A 187 2.47 -29.97 8.43
N ALA A 188 1.81 -30.99 8.95
CA ALA A 188 0.39 -31.27 8.64
C ALA A 188 -0.58 -30.09 8.84
N THR A 189 -0.50 -29.39 9.96
CA THR A 189 -1.41 -28.24 10.20
C THR A 189 -1.16 -27.01 9.28
N ASP A 190 0.02 -26.90 8.67
CA ASP A 190 0.25 -25.92 7.56
C ASP A 190 -0.38 -26.34 6.21
N MET A 191 -0.68 -27.63 6.05
CA MET A 191 -1.11 -28.19 4.75
C MET A 191 -2.57 -28.65 4.76
N THR A 192 -3.37 -28.08 5.66
CA THR A 192 -4.83 -28.20 5.57
C THR A 192 -5.26 -27.58 4.22
N ASP A 193 -4.52 -26.53 3.85
CA ASP A 193 -4.58 -25.85 2.55
C ASP A 193 -4.47 -26.77 1.31
N VAL A 194 -3.39 -27.55 1.25
CA VAL A 194 -3.01 -28.29 0.01
C VAL A 194 -3.55 -29.72 -0.02
N LEU A 195 -4.76 -29.89 -0.55
CA LEU A 195 -5.48 -31.16 -0.49
C LEU A 195 -5.37 -32.06 -1.73
N ASP A 196 -4.71 -31.59 -2.79
CA ASP A 196 -4.58 -32.39 -4.03
C ASP A 196 -3.67 -33.60 -3.80
N GLU A 197 -4.24 -34.80 -3.83
CA GLU A 197 -3.51 -36.03 -3.47
C GLU A 197 -2.57 -36.46 -4.59
N ASN A 198 -1.71 -35.54 -4.98
CA ASN A 198 -0.70 -35.78 -6.00
C ASN A 198 0.41 -34.74 -5.87
N ILE A 199 0.02 -33.48 -5.69
CA ILE A 199 0.93 -32.46 -5.19
C ILE A 199 1.44 -32.89 -3.82
N LYS A 200 0.56 -33.52 -3.05
CA LYS A 200 0.88 -34.00 -1.70
C LYS A 200 1.89 -35.16 -1.78
N ALA A 201 1.53 -36.17 -2.57
CA ALA A 201 2.35 -37.37 -2.75
C ALA A 201 3.78 -37.09 -3.25
N GLU A 202 3.97 -35.99 -3.97
CA GLU A 202 5.26 -35.66 -4.54
C GLU A 202 6.13 -34.99 -3.49
N MET A 203 5.60 -33.95 -2.86
CA MET A 203 6.17 -33.34 -1.64
C MET A 203 6.76 -34.40 -0.71
N LEU A 204 6.02 -35.49 -0.56
CA LEU A 204 6.36 -36.58 0.35
C LEU A 204 7.59 -37.38 -0.10
N LYS A 205 7.77 -37.51 -1.41
CA LYS A 205 8.99 -38.12 -2.00
C LYS A 205 10.29 -37.37 -1.61
N LEU A 206 10.17 -36.06 -1.42
CA LEU A 206 11.27 -35.20 -1.01
C LEU A 206 11.75 -35.38 0.46
N ILE A 207 10.98 -36.10 1.26
CA ILE A 207 11.23 -36.24 2.71
C ILE A 207 11.71 -37.66 3.04
N PRO A 208 12.98 -37.82 3.46
CA PRO A 208 13.49 -39.15 3.86
C PRO A 208 12.68 -39.86 4.97
N ALA A 209 12.13 -39.10 5.89
CA ALA A 209 11.20 -39.63 6.90
C ALA A 209 9.92 -40.19 6.28
N ALA A 210 9.62 -39.79 5.05
CA ALA A 210 8.50 -40.35 4.26
C ALA A 210 7.14 -40.04 4.90
N GLN A 211 7.05 -38.92 5.60
CA GLN A 211 5.82 -38.53 6.24
C GLN A 211 5.91 -37.06 6.58
N PHE A 212 4.77 -36.40 6.66
CA PHE A 212 4.71 -34.99 7.06
C PHE A 212 4.85 -34.90 8.58
N GLY A 213 5.33 -33.76 9.01
CA GLY A 213 5.55 -33.52 10.42
C GLY A 213 4.26 -33.14 11.13
N GLU A 214 4.38 -32.93 12.42
CA GLU A 214 3.26 -32.47 13.21
C GLU A 214 3.65 -31.19 13.96
N ALA A 215 2.65 -30.42 14.36
CA ALA A 215 2.90 -29.10 14.99
C ALA A 215 3.77 -29.23 16.25
N GLN A 216 3.59 -30.34 16.96
CA GLN A 216 4.33 -30.64 18.20
C GLN A 216 5.84 -30.80 17.97
N ASP A 217 6.23 -31.24 16.77
CA ASP A 217 7.64 -31.36 16.39
C ASP A 217 8.31 -29.99 16.47
N ILE A 218 7.61 -28.96 16.04
CA ILE A 218 8.11 -27.58 16.05
C ILE A 218 8.12 -27.01 17.47
N ALA A 219 7.06 -27.27 18.22
CA ALA A 219 6.98 -26.92 19.63
C ALA A 219 8.14 -27.54 20.46
N ASN A 220 8.42 -28.82 20.24
CA ASN A 220 9.56 -29.51 20.89
C ASN A 220 10.85 -28.70 20.73
N ALA A 221 11.10 -28.27 19.51
CA ALA A 221 12.34 -27.55 19.16
C ALA A 221 12.36 -26.15 19.75
N VAL A 222 11.23 -25.48 19.69
CA VAL A 222 11.10 -24.11 20.24
C VAL A 222 11.38 -24.10 21.73
N THR A 223 10.80 -25.06 22.43
CA THR A 223 10.93 -25.16 23.87
C THR A 223 12.37 -25.41 24.28
N PHE A 224 13.08 -26.17 23.48
CA PHE A 224 14.51 -26.47 23.69
C PHE A 224 15.35 -25.17 23.62
N PHE A 225 15.09 -24.38 22.62
CA PHE A 225 15.75 -23.09 22.49
C PHE A 225 15.32 -22.06 23.57
N ALA A 226 14.07 -22.14 23.99
CA ALA A 226 13.54 -21.23 25.00
C ALA A 226 14.10 -21.50 26.40
N SER A 227 14.69 -22.67 26.58
CA SER A 227 15.13 -23.14 27.89
C SER A 227 16.53 -22.63 28.24
N ASP A 228 16.77 -22.53 29.55
CA ASP A 228 18.04 -22.03 30.13
C ASP A 228 19.24 -22.88 29.71
N GLN A 229 18.99 -24.14 29.43
CA GLN A 229 20.05 -25.08 29.19
C GLN A 229 20.72 -24.85 27.84
N SER A 230 19.94 -24.36 26.88
CA SER A 230 20.45 -24.05 25.52
C SER A 230 21.15 -22.64 25.41
N LYS A 231 21.66 -22.18 26.55
CA LYS A 231 22.28 -20.85 26.70
C LYS A 231 23.44 -20.56 25.78
N TYR A 232 24.16 -21.60 25.37
CA TYR A 232 25.33 -21.44 24.49
C TYR A 232 25.06 -21.61 23.00
N ILE A 233 23.78 -21.65 22.64
CA ILE A 233 23.38 -21.74 21.24
C ILE A 233 22.75 -20.40 20.85
N THR A 234 23.37 -19.71 19.90
CA THR A 234 22.79 -18.48 19.40
C THR A 234 23.12 -18.24 17.93
N GLY A 235 22.17 -17.62 17.25
CA GLY A 235 22.29 -17.29 15.82
C GLY A 235 22.10 -18.46 14.87
N GLN A 236 21.55 -19.55 15.38
CA GLN A 236 21.45 -20.81 14.64
C GLN A 236 20.04 -21.05 14.10
N THR A 237 19.99 -21.81 13.01
CA THR A 237 18.74 -22.25 12.37
C THR A 237 18.72 -23.76 12.38
N LEU A 238 17.68 -24.32 12.98
CA LEU A 238 17.50 -25.76 13.04
C LEU A 238 16.34 -26.16 12.14
N ASN A 239 16.64 -26.99 11.14
CA ASN A 239 15.62 -27.54 10.26
C ASN A 239 14.88 -28.67 10.92
N VAL A 240 13.56 -28.53 11.00
CA VAL A 240 12.69 -29.62 11.50
C VAL A 240 11.81 -30.06 10.33
N ASP A 241 12.29 -31.06 9.59
CA ASP A 241 11.78 -31.34 8.23
C ASP A 241 11.84 -32.78 7.74
N GLY A 242 12.08 -33.72 8.65
CA GLY A 242 12.17 -35.12 8.28
C GLY A 242 13.34 -35.50 7.37
N GLY A 243 14.32 -34.62 7.28
CA GLY A 243 15.53 -34.80 6.44
C GLY A 243 15.46 -34.19 5.06
N MET A 244 14.47 -33.33 4.84
CA MET A 244 14.21 -32.79 3.50
C MET A 244 15.32 -31.88 3.03
N VAL A 245 15.78 -31.03 3.93
CA VAL A 245 16.92 -30.15 3.68
C VAL A 245 18.04 -30.45 4.67
N MET A 246 19.14 -31.02 4.17
CA MET A 246 20.35 -31.29 4.98
C MET A 246 21.56 -30.55 4.41
N MET B 1 32.14 -13.30 -23.48
CA MET B 1 32.29 -12.64 -24.83
C MET B 1 30.97 -12.11 -25.46
N LEU B 2 29.90 -12.07 -24.67
CA LEU B 2 28.72 -11.16 -24.79
C LEU B 2 28.38 -10.33 -26.05
N LYS B 3 28.87 -10.75 -27.21
CA LYS B 3 28.55 -10.10 -28.50
C LYS B 3 27.05 -10.14 -28.85
N GLY B 4 26.51 -8.97 -29.18
CA GLY B 4 25.07 -8.84 -29.47
C GLY B 4 24.10 -8.89 -28.28
N LYS B 5 24.63 -9.05 -27.07
CA LYS B 5 23.79 -9.08 -25.87
C LYS B 5 23.36 -7.67 -25.45
N VAL B 6 22.22 -7.56 -24.79
CA VAL B 6 21.94 -6.29 -24.12
C VAL B 6 21.72 -6.51 -22.62
N ALA B 7 22.39 -5.66 -21.84
CA ALA B 7 22.38 -5.76 -20.39
C ALA B 7 21.71 -4.54 -19.76
N LEU B 8 20.84 -4.82 -18.80
CA LEU B 8 20.26 -3.79 -17.95
C LEU B 8 20.90 -3.93 -16.59
N VAL B 9 21.64 -2.91 -16.17
CA VAL B 9 22.29 -2.88 -14.85
C VAL B 9 21.66 -1.79 -13.98
N THR B 10 21.04 -2.20 -12.88
CA THR B 10 20.44 -1.25 -11.93
C THR B 10 21.52 -0.71 -10.99
N GLY B 11 21.40 0.55 -10.62
CA GLY B 11 22.42 1.21 -9.78
C GLY B 11 23.81 1.22 -10.41
N ALA B 12 23.87 1.63 -11.68
CA ALA B 12 25.09 1.47 -12.50
C ALA B 12 25.93 2.71 -12.63
N SER B 13 25.61 3.77 -11.90
CA SER B 13 26.25 5.08 -12.11
C SER B 13 27.62 5.22 -11.43
N ARG B 14 27.90 4.36 -10.47
CA ARG B 14 29.22 4.38 -9.83
C ARG B 14 29.58 3.08 -9.11
N GLY B 15 30.82 3.02 -8.66
CA GLY B 15 31.34 1.92 -7.86
C GLY B 15 31.21 0.57 -8.53
N ILE B 16 30.63 -0.37 -7.79
CA ILE B 16 30.48 -1.73 -8.28
C ILE B 16 29.62 -1.75 -9.55
N GLY B 17 28.48 -1.07 -9.48
CA GLY B 17 27.52 -1.06 -10.58
C GLY B 17 28.12 -0.53 -11.85
N ARG B 18 28.94 0.51 -11.71
CA ARG B 18 29.60 1.11 -12.83
C ARG B 18 30.64 0.17 -13.46
N ALA B 19 31.45 -0.46 -12.61
CA ALA B 19 32.47 -1.41 -13.06
C ALA B 19 31.81 -2.56 -13.82
N ILE B 20 30.67 -3.00 -13.31
CA ILE B 20 29.90 -4.05 -13.95
C ILE B 20 29.45 -3.63 -15.37
N ALA B 21 28.88 -2.44 -15.45
CA ALA B 21 28.37 -1.90 -16.70
C ALA B 21 29.49 -1.83 -17.75
N ILE B 22 30.61 -1.26 -17.34
CA ILE B 22 31.75 -1.11 -18.20
C ILE B 22 32.34 -2.44 -18.66
N ASP B 23 32.38 -3.43 -17.77
CA ASP B 23 32.96 -4.73 -18.11
C ASP B 23 32.09 -5.48 -19.08
N LEU B 24 30.79 -5.51 -18.82
CA LEU B 24 29.82 -6.06 -19.77
C LEU B 24 29.97 -5.46 -21.19
N ALA B 25 30.10 -4.14 -21.25
CA ALA B 25 30.30 -3.41 -22.53
C ALA B 25 31.59 -3.79 -23.22
N LYS B 26 32.60 -3.98 -22.39
CA LYS B 26 33.91 -4.43 -22.84
C LYS B 26 33.82 -5.79 -23.55
N GLN B 27 32.95 -6.66 -23.05
CA GLN B 27 32.71 -7.97 -23.65
C GLN B 27 31.72 -7.95 -24.83
N GLY B 28 31.23 -6.76 -25.17
CA GLY B 28 30.43 -6.57 -26.39
C GLY B 28 28.96 -6.27 -26.17
N ALA B 29 28.52 -6.21 -24.91
CA ALA B 29 27.11 -5.92 -24.60
C ALA B 29 26.78 -4.43 -24.84
N ASN B 30 25.56 -4.17 -25.29
CA ASN B 30 24.94 -2.87 -25.20
C ASN B 30 24.32 -2.76 -23.82
N VAL B 31 24.45 -1.60 -23.19
CA VAL B 31 24.13 -1.50 -21.76
C VAL B 31 23.14 -0.38 -21.41
N VAL B 32 22.15 -0.72 -20.59
CA VAL B 32 21.27 0.27 -19.99
C VAL B 32 21.77 0.60 -18.57
N VAL B 33 22.22 1.83 -18.42
CA VAL B 33 22.78 2.33 -17.18
C VAL B 33 21.66 2.97 -16.35
N ASN B 34 21.12 2.22 -15.40
CA ASN B 34 20.07 2.74 -14.53
C ASN B 34 20.63 3.56 -13.36
N TYR B 35 19.91 4.62 -13.02
CA TYR B 35 20.23 5.44 -11.86
C TYR B 35 18.94 5.92 -11.20
N ALA B 36 19.05 6.38 -9.96
CA ALA B 36 17.90 6.91 -9.21
C ALA B 36 17.90 8.44 -9.11
N GLY B 37 19.07 8.99 -8.81
CA GLY B 37 19.18 10.40 -8.45
C GLY B 37 19.56 11.26 -9.63
N ASN B 38 20.63 12.05 -9.45
CA ASN B 38 21.14 12.97 -10.47
C ASN B 38 21.78 12.22 -11.63
N GLU B 39 21.43 12.63 -12.84
CA GLU B 39 21.74 11.86 -14.04
C GLU B 39 23.17 11.99 -14.53
N GLN B 40 23.96 12.85 -13.92
CA GLN B 40 25.30 13.20 -14.42
C GLN B 40 26.31 12.05 -14.46
N LYS B 41 26.50 11.40 -13.34
CA LYS B 41 27.44 10.26 -13.21
C LYS B 41 27.07 9.14 -14.18
N ALA B 42 25.76 8.91 -14.30
CA ALA B 42 25.22 7.89 -15.22
C ALA B 42 25.60 8.21 -16.68
N ASN B 43 25.52 9.51 -17.04
CA ASN B 43 25.97 10.00 -18.34
C ASN B 43 27.48 9.78 -18.61
N GLU B 44 28.30 9.90 -17.57
CA GLU B 44 29.73 9.63 -17.68
C GLU B 44 29.96 8.17 -18.01
N VAL B 45 29.25 7.29 -17.34
CA VAL B 45 29.39 5.84 -17.58
C VAL B 45 28.98 5.56 -19.03
N VAL B 46 27.87 6.13 -19.46
CA VAL B 46 27.39 6.00 -20.84
C VAL B 46 28.44 6.46 -21.84
N ASP B 47 29.08 7.58 -21.56
CA ASP B 47 30.18 8.11 -22.41
C ASP B 47 31.36 7.15 -22.50
N GLU B 48 31.70 6.54 -21.39
CA GLU B 48 32.82 5.62 -21.33
C GLU B 48 32.54 4.36 -22.15
N ILE B 49 31.30 3.88 -22.07
CA ILE B 49 30.87 2.68 -22.79
C ILE B 49 30.93 2.90 -24.29
N LYS B 50 30.52 4.08 -24.72
CA LYS B 50 30.58 4.47 -26.15
C LYS B 50 32.01 4.61 -26.68
N LYS B 51 32.88 5.15 -25.83
CA LYS B 51 34.32 5.25 -26.10
C LYS B 51 34.94 3.91 -26.45
N LEU B 52 34.54 2.86 -25.73
CA LEU B 52 35.09 1.53 -25.96
C LEU B 52 34.31 0.72 -27.05
N GLY B 53 33.48 1.40 -27.80
CA GLY B 53 32.91 0.83 -29.01
C GLY B 53 31.50 0.29 -28.89
N SER B 54 30.99 0.23 -27.68
CA SER B 54 29.65 -0.32 -27.45
C SER B 54 28.59 0.80 -27.41
N ASP B 55 27.35 0.44 -27.18
CA ASP B 55 26.29 1.44 -27.07
C ASP B 55 25.61 1.39 -25.69
N ALA B 56 25.12 2.52 -25.25
CA ALA B 56 24.48 2.62 -23.94
C ALA B 56 23.51 3.78 -23.87
N ILE B 57 22.56 3.66 -22.94
CA ILE B 57 21.71 4.78 -22.54
C ILE B 57 21.58 4.82 -21.03
N ALA B 58 21.34 6.00 -20.49
CA ALA B 58 21.08 6.20 -19.07
C ALA B 58 19.58 6.29 -18.86
N VAL B 59 19.05 5.50 -17.93
CA VAL B 59 17.60 5.52 -17.62
C VAL B 59 17.25 5.67 -16.13
N ARG B 60 16.41 6.68 -15.85
CA ARG B 60 15.95 6.94 -14.50
C ARG B 60 14.85 5.92 -14.08
N ALA B 61 15.07 5.23 -12.96
CA ALA B 61 14.01 4.45 -12.33
C ALA B 61 14.27 4.13 -10.86
N ASP B 62 13.26 4.35 -10.01
CA ASP B 62 13.26 3.83 -8.63
C ASP B 62 12.96 2.36 -8.75
N VAL B 63 13.92 1.53 -8.40
CA VAL B 63 13.67 0.08 -8.53
C VAL B 63 12.60 -0.48 -7.57
N ALA B 64 12.25 0.30 -6.53
CA ALA B 64 11.14 -0.02 -5.63
C ALA B 64 9.77 0.44 -6.20
N ASN B 65 9.79 1.10 -7.37
CA ASN B 65 8.58 1.68 -7.98
C ASN B 65 8.21 0.87 -9.21
N ALA B 66 7.04 0.24 -9.16
CA ALA B 66 6.59 -0.71 -10.19
C ALA B 66 6.51 -0.10 -11.59
N GLU B 67 5.87 1.04 -11.68
CA GLU B 67 5.74 1.76 -12.94
C GLU B 67 7.12 2.16 -13.52
N ASP B 68 8.01 2.67 -12.66
CA ASP B 68 9.38 3.05 -13.08
C ASP B 68 10.10 1.89 -13.70
N VAL B 69 10.02 0.76 -13.01
CA VAL B 69 10.64 -0.49 -13.46
C VAL B 69 10.04 -0.95 -14.79
N THR B 70 8.72 -0.94 -14.89
CA THR B 70 8.05 -1.38 -16.11
C THR B 70 8.46 -0.54 -17.29
N ASN B 71 8.45 0.78 -17.13
CA ASN B 71 8.90 1.70 -18.17
C ASN B 71 10.39 1.54 -18.52
N MET B 72 11.20 1.21 -17.54
CA MET B 72 12.63 1.05 -17.78
C MET B 72 12.89 -0.14 -18.69
N VAL B 73 12.25 -1.27 -18.40
CA VAL B 73 12.43 -2.51 -19.14
C VAL B 73 11.90 -2.31 -20.55
N LYS B 74 10.81 -1.60 -20.63
CA LYS B 74 10.20 -1.33 -21.92
C LYS B 74 11.08 -0.44 -22.81
N GLN B 75 11.76 0.53 -22.19
CA GLN B 75 12.69 1.39 -22.91
C GLN B 75 13.88 0.59 -23.43
N THR B 76 14.38 -0.32 -22.61
CA THR B 76 15.49 -1.20 -22.96
C THR B 76 15.15 -1.95 -24.26
N VAL B 77 14.00 -2.59 -24.24
CA VAL B 77 13.56 -3.41 -25.36
C VAL B 77 13.25 -2.55 -26.57
N ASP B 78 12.72 -1.36 -26.34
CA ASP B 78 12.42 -0.39 -27.40
C ASP B 78 13.67 0.14 -28.10
N VAL B 79 14.67 0.53 -27.32
CA VAL B 79 15.89 1.12 -27.86
C VAL B 79 16.80 0.01 -28.41
N PHE B 80 17.01 -1.04 -27.62
CA PHE B 80 18.02 -2.05 -27.98
C PHE B 80 17.45 -3.36 -28.54
N GLY B 81 16.13 -3.45 -28.61
CA GLY B 81 15.48 -4.60 -29.28
C GLY B 81 15.15 -5.81 -28.39
N GLN B 82 15.81 -5.89 -27.25
CA GLN B 82 15.68 -7.05 -26.39
C GLN B 82 16.41 -6.81 -25.08
N VAL B 83 16.23 -7.71 -24.13
CA VAL B 83 17.01 -7.72 -22.90
C VAL B 83 17.48 -9.16 -22.65
N ASP B 84 18.79 -9.31 -22.52
CA ASP B 84 19.46 -10.62 -22.40
C ASP B 84 20.01 -10.85 -21.01
N ILE B 85 20.43 -9.75 -20.37
CA ILE B 85 21.06 -9.79 -19.07
C ILE B 85 20.49 -8.73 -18.14
N LEU B 86 20.08 -9.16 -16.94
CA LEU B 86 19.74 -8.24 -15.85
C LEU B 86 20.75 -8.41 -14.70
N VAL B 87 21.40 -7.33 -14.32
CA VAL B 87 22.08 -7.32 -13.03
C VAL B 87 21.47 -6.32 -12.04
N ASN B 88 20.94 -6.88 -10.95
CA ASN B 88 20.29 -6.13 -9.88
C ASN B 88 21.34 -5.68 -8.89
N ASN B 89 21.77 -4.43 -9.02
CA ASN B 89 22.79 -3.84 -8.12
C ASN B 89 22.28 -2.66 -7.30
N ALA B 90 21.10 -2.13 -7.64
CA ALA B 90 20.52 -1.01 -6.87
C ALA B 90 20.36 -1.43 -5.39
N GLY B 91 20.49 -0.46 -4.50
CA GLY B 91 20.45 -0.72 -3.06
C GLY B 91 21.08 0.39 -2.22
N VAL B 92 20.42 0.72 -1.11
CA VAL B 92 20.96 1.67 -0.14
C VAL B 92 21.24 0.99 1.21
N THR B 93 22.07 1.63 2.03
CA THR B 93 22.24 1.23 3.42
C THR B 93 21.74 2.38 4.29
N LYS B 94 21.17 2.02 5.44
CA LYS B 94 20.77 2.95 6.51
C LYS B 94 21.06 2.22 7.80
N ASP B 95 22.33 2.26 8.21
CA ASP B 95 22.75 1.49 9.38
C ASP B 95 22.25 2.05 10.70
N ASN B 96 22.04 1.15 11.65
CA ASN B 96 21.68 1.51 13.02
C ASN B 96 21.55 0.27 13.84
N LEU B 97 21.85 0.37 15.12
CA LEU B 97 21.53 -0.71 16.05
C LEU B 97 19.99 -0.93 16.00
N LEU B 98 19.61 -2.20 16.05
CA LEU B 98 18.21 -2.64 16.00
C LEU B 98 17.29 -1.77 16.86
N MET B 99 17.68 -1.51 18.10
CA MET B 99 16.77 -0.87 19.03
C MET B 99 16.83 0.65 18.89
N ARG B 100 17.60 1.13 17.92
CA ARG B 100 17.54 2.51 17.48
C ARG B 100 16.98 2.69 16.08
N MET B 101 16.90 1.62 15.30
CA MET B 101 16.52 1.68 13.89
C MET B 101 15.08 2.13 13.66
N LYS B 102 14.92 3.18 12.86
CA LYS B 102 13.57 3.71 12.51
C LYS B 102 12.86 2.81 11.50
N GLU B 103 11.54 2.85 11.55
CA GLU B 103 10.71 2.03 10.67
C GLU B 103 10.91 2.42 9.21
N GLU B 104 11.09 3.71 8.95
CA GLU B 104 11.40 4.15 7.58
C GLU B 104 12.80 3.78 7.09
N GLU B 105 13.78 3.71 8.00
CA GLU B 105 15.11 3.16 7.67
C GLU B 105 15.05 1.69 7.26
N TRP B 106 14.20 0.95 7.96
CA TRP B 106 13.91 -0.43 7.61
C TRP B 106 13.27 -0.51 6.24
N ASP B 107 12.18 0.23 6.07
CA ASP B 107 11.38 0.16 4.82
C ASP B 107 12.20 0.48 3.58
N THR B 108 12.84 1.64 3.59
CA THR B 108 13.63 2.10 2.46
C THR B 108 14.70 1.09 2.01
N VAL B 109 15.39 0.49 2.96
CA VAL B 109 16.40 -0.52 2.64
C VAL B 109 15.76 -1.81 2.07
N ILE B 110 14.68 -2.27 2.68
CA ILE B 110 14.01 -3.50 2.21
C ILE B 110 13.46 -3.29 0.81
N ASN B 111 12.78 -2.17 0.60
CA ASN B 111 12.14 -1.86 -0.69
C ASN B 111 13.17 -1.72 -1.81
N THR B 112 14.23 -0.97 -1.54
CA THR B 112 15.26 -0.75 -2.57
C THR B 112 16.06 -2.01 -2.86
N ASN B 113 16.52 -2.65 -1.83
CA ASN B 113 17.44 -3.80 -2.00
C ASN B 113 16.74 -5.12 -2.33
N LEU B 114 15.56 -5.32 -1.76
CA LEU B 114 14.91 -6.63 -1.89
C LEU B 114 13.73 -6.57 -2.87
N LYS B 115 12.80 -5.66 -2.63
CA LYS B 115 11.65 -5.48 -3.52
C LYS B 115 12.07 -5.08 -4.95
N GLY B 116 13.15 -4.33 -5.07
CA GLY B 116 13.71 -3.96 -6.39
C GLY B 116 14.10 -5.18 -7.22
N VAL B 117 14.74 -6.14 -6.58
CA VAL B 117 15.10 -7.40 -7.22
C VAL B 117 13.84 -8.13 -7.71
N PHE B 118 12.83 -8.22 -6.85
CA PHE B 118 11.56 -8.82 -7.19
C PHE B 118 10.94 -8.16 -8.43
N LEU B 119 10.81 -6.85 -8.32
CA LEU B 119 10.16 -6.05 -9.37
C LEU B 119 10.88 -6.12 -10.73
N CYS B 120 12.20 -5.99 -10.70
CA CYS B 120 12.99 -6.06 -11.95
C CYS B 120 13.02 -7.47 -12.58
N THR B 121 13.13 -8.48 -11.71
CA THR B 121 13.11 -9.86 -12.15
C THR B 121 11.78 -10.18 -12.82
N LYS B 122 10.71 -9.80 -12.15
CA LYS B 122 9.38 -9.94 -12.69
C LYS B 122 9.25 -9.28 -14.09
N ALA B 123 9.70 -8.04 -14.17
CA ALA B 123 9.57 -7.22 -15.40
C ALA B 123 10.33 -7.79 -16.61
N VAL B 124 11.52 -8.33 -16.38
CA VAL B 124 12.34 -8.90 -17.49
C VAL B 124 12.02 -10.32 -17.88
N SER B 125 11.61 -11.11 -16.90
CA SER B 125 11.16 -12.49 -17.09
C SER B 125 10.21 -12.62 -18.25
N ARG B 126 9.25 -11.71 -18.31
CA ARG B 126 8.32 -11.61 -19.40
C ARG B 126 9.03 -11.85 -20.73
N PHE B 127 10.05 -11.04 -21.02
CA PHE B 127 10.77 -11.08 -22.29
C PHE B 127 11.75 -12.25 -22.46
N MET B 128 12.44 -12.61 -21.38
CA MET B 128 13.42 -13.72 -21.37
C MET B 128 12.77 -15.10 -21.54
N MET B 129 11.62 -15.28 -20.93
CA MET B 129 10.91 -16.55 -21.06
C MET B 129 10.49 -16.78 -22.49
N ARG B 130 10.03 -15.71 -23.12
CA ARG B 130 9.59 -15.78 -24.51
C ARG B 130 10.71 -16.14 -25.49
N GLN B 131 11.81 -15.44 -25.38
CA GLN B 131 13.00 -15.69 -26.20
C GLN B 131 13.74 -16.97 -25.80
N ARG B 132 13.44 -17.48 -24.60
CA ARG B 132 14.02 -18.73 -24.08
C ARG B 132 15.51 -18.66 -23.82
N HIS B 133 15.93 -17.54 -23.29
CA HIS B 133 17.26 -17.39 -22.75
C HIS B 133 17.33 -16.14 -21.91
N GLY B 134 18.26 -16.15 -20.98
CA GLY B 134 18.51 -15.02 -20.14
C GLY B 134 19.53 -15.31 -19.07
N ARG B 135 20.04 -14.22 -18.51
CA ARG B 135 20.93 -14.24 -17.34
C ARG B 135 20.45 -13.16 -16.40
N ILE B 136 20.20 -13.57 -15.16
CA ILE B 136 19.98 -12.62 -14.06
C ILE B 136 21.09 -12.85 -13.03
N VAL B 137 21.79 -11.77 -12.69
CA VAL B 137 22.70 -11.85 -11.56
C VAL B 137 22.40 -10.76 -10.53
N ASN B 138 22.20 -11.22 -9.31
CA ASN B 138 21.83 -10.38 -8.19
C ASN B 138 23.03 -10.09 -7.34
N ILE B 139 23.24 -8.83 -7.01
CA ILE B 139 24.34 -8.45 -6.12
C ILE B 139 23.83 -8.44 -4.68
N ALA B 140 24.28 -9.41 -3.91
CA ALA B 140 23.88 -9.52 -2.52
C ALA B 140 24.98 -8.93 -1.62
N SER B 141 25.31 -9.65 -0.57
CA SER B 141 26.41 -9.25 0.32
C SER B 141 26.66 -10.40 1.25
N VAL B 142 27.92 -10.52 1.60
CA VAL B 142 28.43 -11.59 2.46
C VAL B 142 27.78 -11.48 3.87
N VAL B 143 27.44 -10.26 4.22
CA VAL B 143 26.74 -9.90 5.45
C VAL B 143 25.34 -10.57 5.53
N GLY B 144 24.76 -10.82 4.36
CA GLY B 144 23.49 -11.58 4.26
C GLY B 144 23.58 -13.03 4.70
N VAL B 145 24.80 -13.56 4.67
CA VAL B 145 25.11 -14.96 5.04
C VAL B 145 25.46 -15.10 6.53
N THR B 146 26.15 -14.10 7.08
CA THR B 146 26.73 -14.19 8.44
C THR B 146 25.98 -13.36 9.51
N GLY B 147 25.24 -12.37 9.04
CA GLY B 147 24.73 -11.29 9.90
C GLY B 147 25.80 -10.27 10.21
N ASN B 148 25.37 -9.15 10.78
CA ASN B 148 26.26 -8.01 11.06
C ASN B 148 25.58 -7.01 11.95
N PRO B 149 26.15 -6.73 13.14
CA PRO B 149 25.56 -5.86 14.15
C PRO B 149 24.91 -4.53 13.73
N GLY B 150 25.46 -3.78 12.80
CA GLY B 150 24.80 -2.46 12.54
C GLY B 150 23.65 -2.43 11.54
N GLN B 151 23.28 -3.61 11.06
CA GLN B 151 22.68 -3.72 9.72
C GLN B 151 21.51 -4.70 9.58
N ALA B 152 20.66 -4.71 10.58
CA ALA B 152 19.52 -5.63 10.58
C ALA B 152 18.73 -5.53 9.25
N ASN B 153 18.48 -4.30 8.82
CA ASN B 153 17.73 -4.04 7.57
C ASN B 153 18.46 -4.54 6.34
N TYR B 154 19.74 -4.26 6.28
CA TYR B 154 20.56 -4.58 5.11
C TYR B 154 20.80 -6.09 5.03
N VAL B 155 21.05 -6.69 6.18
CA VAL B 155 21.26 -8.13 6.28
C VAL B 155 19.99 -8.90 5.88
N ALA B 156 18.88 -8.47 6.44
CA ALA B 156 17.58 -9.06 6.07
C ALA B 156 17.32 -8.95 4.57
N ALA B 157 17.61 -7.79 3.99
CA ALA B 157 17.39 -7.56 2.56
C ALA B 157 18.24 -8.48 1.70
N LYS B 158 19.53 -8.52 2.03
CA LYS B 158 20.51 -9.29 1.23
C LYS B 158 20.39 -10.80 1.42
N ALA B 159 20.05 -11.22 2.63
CA ALA B 159 19.68 -12.62 2.88
C ALA B 159 18.44 -12.99 2.05
N GLY B 160 17.47 -12.10 2.06
CA GLY B 160 16.27 -12.27 1.21
C GLY B 160 16.58 -12.39 -0.28
N VAL B 161 17.52 -11.59 -0.75
CA VAL B 161 17.93 -11.61 -2.18
C VAL B 161 18.51 -12.96 -2.56
N ILE B 162 19.34 -13.50 -1.67
CA ILE B 162 19.96 -14.81 -1.88
C ILE B 162 18.91 -15.92 -2.00
N GLY B 163 17.87 -15.86 -1.17
CA GLY B 163 16.74 -16.78 -1.26
C GLY B 163 15.89 -16.58 -2.52
N LEU B 164 15.63 -15.33 -2.85
CA LEU B 164 14.86 -14.97 -4.05
C LEU B 164 15.55 -15.48 -5.30
N THR B 165 16.87 -15.46 -5.27
CA THR B 165 17.72 -15.95 -6.37
C THR B 165 17.42 -17.40 -6.68
N LYS B 166 17.25 -18.18 -5.62
CA LYS B 166 17.00 -19.61 -5.73
C LYS B 166 15.59 -19.92 -6.27
N THR B 167 14.59 -19.22 -5.77
CA THR B 167 13.22 -19.36 -6.30
C THR B 167 13.18 -19.05 -7.80
N SER B 168 13.85 -17.96 -8.17
CA SER B 168 13.92 -17.48 -9.55
C SER B 168 14.65 -18.48 -10.45
N ALA B 169 15.78 -18.97 -9.97
CA ALA B 169 16.53 -20.04 -10.67
C ALA B 169 15.61 -21.20 -11.00
N LYS B 170 14.83 -21.60 -10.00
CA LYS B 170 13.95 -22.78 -10.13
C LYS B 170 12.77 -22.55 -11.06
N GLU B 171 12.21 -21.34 -11.04
CA GLU B 171 11.04 -21.00 -11.87
C GLU B 171 11.39 -20.75 -13.33
N LEU B 172 12.62 -20.33 -13.58
CA LEU B 172 13.03 -19.87 -14.91
C LEU B 172 13.89 -20.84 -15.69
N ALA B 173 14.31 -21.92 -15.04
CA ALA B 173 15.13 -22.96 -15.61
C ALA B 173 14.59 -23.56 -16.92
N SER B 174 13.28 -23.81 -16.98
CA SER B 174 12.65 -24.44 -18.16
C SER B 174 12.69 -23.56 -19.41
N ARG B 175 13.02 -22.29 -19.23
CA ARG B 175 13.16 -21.36 -20.33
C ARG B 175 14.62 -20.96 -20.51
N ASN B 176 15.54 -21.80 -20.06
CA ASN B 176 16.99 -21.59 -20.26
C ASN B 176 17.49 -20.24 -19.77
N ILE B 177 16.96 -19.85 -18.62
CA ILE B 177 17.39 -18.63 -17.92
C ILE B 177 18.08 -19.06 -16.63
N THR B 178 19.30 -18.59 -16.41
CA THR B 178 20.02 -18.85 -15.14
C THR B 178 19.97 -17.61 -14.27
N VAL B 179 19.90 -17.84 -12.96
CA VAL B 179 19.81 -16.77 -11.94
C VAL B 179 20.76 -17.12 -10.81
N ASN B 180 21.72 -16.23 -10.59
CA ASN B 180 22.77 -16.42 -9.61
C ASN B 180 22.99 -15.10 -8.85
N ALA B 181 23.73 -15.21 -7.74
CA ALA B 181 24.05 -14.07 -6.88
C ALA B 181 25.54 -13.98 -6.66
N ILE B 182 26.02 -12.74 -6.63
CA ILE B 182 27.38 -12.46 -6.14
C ILE B 182 27.23 -11.74 -4.82
N ALA B 183 27.95 -12.23 -3.83
CA ALA B 183 27.96 -11.65 -2.48
C ALA B 183 29.31 -11.01 -2.23
N PRO B 184 29.44 -9.70 -2.47
CA PRO B 184 30.66 -8.98 -2.15
C PRO B 184 30.98 -8.95 -0.66
N GLY B 185 32.27 -8.93 -0.35
CA GLY B 185 32.78 -8.65 0.98
C GLY B 185 32.97 -7.14 1.13
N PHE B 186 34.13 -6.75 1.66
CA PHE B 186 34.49 -5.33 1.81
C PHE B 186 35.28 -4.82 0.65
N ILE B 187 34.61 -4.04 -0.20
CA ILE B 187 35.14 -3.53 -1.47
C ILE B 187 35.36 -2.03 -1.32
N ALA B 188 36.53 -1.57 -1.77
CA ALA B 188 36.97 -0.17 -1.59
C ALA B 188 35.91 0.90 -1.93
N THR B 189 35.22 0.78 -3.06
CA THR B 189 34.21 1.80 -3.43
C THR B 189 32.93 1.80 -2.58
N ASP B 190 32.72 0.73 -1.80
CA ASP B 190 31.60 0.59 -0.85
C ASP B 190 31.86 1.26 0.51
N MET B 191 33.08 1.70 0.74
CA MET B 191 33.56 2.06 2.08
C MET B 191 34.03 3.50 2.21
N THR B 192 33.57 4.38 1.33
CA THR B 192 34.07 5.75 1.36
C THR B 192 33.87 6.31 2.76
N ASP B 193 32.65 6.16 3.27
CA ASP B 193 32.22 6.78 4.53
C ASP B 193 32.73 6.08 5.81
N VAL B 194 33.47 4.98 5.66
CA VAL B 194 34.19 4.37 6.78
C VAL B 194 35.57 5.04 6.95
N LEU B 195 35.53 6.25 7.50
CA LEU B 195 36.72 7.08 7.61
C LEU B 195 37.65 6.70 8.79
N ASP B 196 37.08 6.09 9.82
CA ASP B 196 37.80 5.85 11.09
C ASP B 196 38.84 4.73 10.95
N GLU B 197 40.10 5.05 11.25
CA GLU B 197 41.22 4.07 11.16
C GLU B 197 40.98 2.81 11.99
N ASN B 198 40.33 2.98 13.13
CA ASN B 198 40.05 1.89 14.07
C ASN B 198 39.06 0.87 13.52
N ILE B 199 37.93 1.36 13.03
CA ILE B 199 36.89 0.51 12.48
C ILE B 199 37.36 -0.18 11.19
N LYS B 200 38.27 0.48 10.48
CA LYS B 200 38.84 -0.03 9.24
C LYS B 200 39.76 -1.24 9.53
N ALA B 201 40.72 -1.02 10.41
CA ALA B 201 41.74 -2.01 10.80
C ALA B 201 41.15 -3.34 11.28
N GLU B 202 39.99 -3.26 11.92
CA GLU B 202 39.34 -4.43 12.50
C GLU B 202 38.68 -5.24 11.39
N MET B 203 37.93 -4.55 10.52
CA MET B 203 37.39 -5.15 9.29
C MET B 203 38.48 -5.97 8.54
N LEU B 204 39.65 -5.36 8.38
CA LEU B 204 40.77 -5.92 7.60
C LEU B 204 41.31 -7.22 8.21
N LYS B 205 41.35 -7.27 9.53
CA LYS B 205 41.73 -8.49 10.28
C LYS B 205 40.84 -9.70 9.96
N LEU B 206 39.59 -9.43 9.63
CA LEU B 206 38.62 -10.46 9.25
C LEU B 206 38.84 -11.09 7.85
N ILE B 207 39.72 -10.50 7.04
CA ILE B 207 39.94 -10.92 5.65
C ILE B 207 41.31 -11.59 5.50
N PRO B 208 41.34 -12.91 5.22
CA PRO B 208 42.61 -13.62 4.97
C PRO B 208 43.51 -13.01 3.88
N ALA B 209 42.90 -12.45 2.84
CA ALA B 209 43.61 -11.73 1.77
C ALA B 209 44.29 -10.47 2.31
N ALA B 210 43.85 -10.00 3.48
CA ALA B 210 44.50 -8.91 4.22
C ALA B 210 44.43 -7.58 3.45
N GLN B 211 43.41 -7.44 2.65
CA GLN B 211 43.21 -6.23 1.87
C GLN B 211 41.75 -6.17 1.44
N PHE B 212 41.27 -4.96 1.20
CA PHE B 212 39.92 -4.78 0.67
C PHE B 212 39.94 -5.07 -0.82
N GLY B 213 38.79 -5.44 -1.34
CA GLY B 213 38.64 -5.75 -2.74
C GLY B 213 38.47 -4.48 -3.56
N GLU B 214 38.36 -4.68 -4.87
CA GLU B 214 38.11 -3.59 -5.80
C GLU B 214 36.83 -3.89 -6.59
N ALA B 215 36.24 -2.84 -7.15
CA ALA B 215 34.97 -2.99 -7.85
C ALA B 215 35.11 -4.02 -9.00
N GLN B 216 36.27 -4.02 -9.65
CA GLN B 216 36.53 -4.90 -10.80
C GLN B 216 36.47 -6.38 -10.41
N ASP B 217 36.74 -6.70 -9.15
CA ASP B 217 36.64 -8.06 -8.64
C ASP B 217 35.21 -8.58 -8.74
N ILE B 218 34.26 -7.71 -8.48
CA ILE B 218 32.84 -8.04 -8.61
C ILE B 218 32.43 -8.13 -10.08
N ALA B 219 32.84 -7.17 -10.88
CA ALA B 219 32.61 -7.18 -12.34
C ALA B 219 33.13 -8.49 -13.00
N ASN B 220 34.33 -8.90 -12.65
CA ASN B 220 34.91 -10.18 -13.07
C ASN B 220 33.91 -11.33 -12.89
N ALA B 221 33.35 -11.42 -11.71
CA ALA B 221 32.45 -12.52 -11.33
C ALA B 221 31.10 -12.42 -12.04
N VAL B 222 30.60 -11.20 -12.16
CA VAL B 222 29.33 -10.95 -12.81
C VAL B 222 29.40 -11.38 -14.26
N THR B 223 30.47 -10.98 -14.91
CA THR B 223 30.68 -11.27 -16.33
C THR B 223 30.73 -12.79 -16.58
N PHE B 224 31.37 -13.50 -15.67
CA PHE B 224 31.46 -14.96 -15.73
C PHE B 224 30.07 -15.60 -15.71
N PHE B 225 29.23 -15.13 -14.80
CA PHE B 225 27.85 -15.61 -14.72
C PHE B 225 26.99 -15.19 -15.92
N ALA B 226 27.23 -14.01 -16.45
CA ALA B 226 26.47 -13.48 -17.60
C ALA B 226 26.80 -14.22 -18.90
N SER B 227 27.89 -14.96 -18.91
CA SER B 227 28.38 -15.58 -20.13
C SER B 227 27.71 -16.91 -20.41
N ASP B 228 27.68 -17.26 -21.69
CA ASP B 228 27.06 -18.50 -22.20
C ASP B 228 27.69 -19.72 -21.59
N GLN B 229 28.96 -19.61 -21.26
CA GLN B 229 29.73 -20.77 -20.84
C GLN B 229 29.32 -21.27 -19.46
N SER B 230 28.85 -20.35 -18.61
CA SER B 230 28.34 -20.69 -17.25
C SER B 230 26.85 -21.17 -17.21
N LYS B 231 26.38 -21.68 -18.34
CA LYS B 231 25.00 -22.16 -18.54
C LYS B 231 24.48 -23.21 -17.53
N TYR B 232 25.38 -24.03 -16.99
CA TYR B 232 25.01 -25.09 -16.03
C TYR B 232 25.12 -24.67 -14.54
N ILE B 233 25.31 -23.38 -14.30
CA ILE B 233 25.36 -22.83 -12.95
C ILE B 233 24.10 -22.00 -12.72
N THR B 234 23.29 -22.41 -11.77
CA THR B 234 22.08 -21.66 -11.45
C THR B 234 21.69 -21.84 -9.98
N GLY B 235 21.15 -20.77 -9.43
CA GLY B 235 20.69 -20.72 -8.04
C GLY B 235 21.81 -20.57 -7.01
N GLN B 236 23.00 -20.24 -7.47
CA GLN B 236 24.20 -20.20 -6.61
C GLN B 236 24.55 -18.79 -6.17
N THR B 237 25.23 -18.73 -5.03
CA THR B 237 25.81 -17.50 -4.49
C THR B 237 27.31 -17.68 -4.37
N LEU B 238 28.05 -16.78 -5.01
CA LEU B 238 29.51 -16.79 -4.95
C LEU B 238 29.97 -15.58 -4.11
N ASN B 239 30.69 -15.88 -3.05
CA ASN B 239 31.30 -14.84 -2.22
C ASN B 239 32.58 -14.35 -2.84
N VAL B 240 32.64 -13.05 -3.09
CA VAL B 240 33.88 -12.40 -3.55
C VAL B 240 34.32 -11.45 -2.44
N ASP B 241 35.22 -11.95 -1.56
CA ASP B 241 35.44 -11.36 -0.24
C ASP B 241 36.80 -11.59 0.41
N GLY B 242 37.78 -12.04 -0.36
CA GLY B 242 39.14 -12.30 0.11
C GLY B 242 39.26 -13.39 1.17
N GLY B 243 38.23 -14.23 1.24
CA GLY B 243 38.20 -15.35 2.17
C GLY B 243 37.53 -15.06 3.51
N MET B 244 36.83 -13.95 3.58
CA MET B 244 36.23 -13.49 4.82
C MET B 244 35.11 -14.45 5.30
N VAL B 245 34.27 -14.86 4.37
CA VAL B 245 33.22 -15.83 4.67
C VAL B 245 33.46 -17.11 3.83
N MET B 246 33.89 -18.16 4.54
CA MET B 246 34.03 -19.50 4.00
C MET B 246 32.94 -20.38 4.62
N MET C 1 43.43 -16.57 -19.34
CA MET C 1 44.45 -16.46 -20.43
C MET C 1 45.71 -17.25 -20.13
N LEU C 2 45.93 -17.57 -18.87
CA LEU C 2 46.98 -18.56 -18.47
C LEU C 2 48.30 -18.67 -19.25
N LYS C 3 48.68 -17.63 -19.97
CA LYS C 3 49.95 -17.63 -20.73
C LYS C 3 51.18 -17.79 -19.85
N GLY C 4 52.04 -18.73 -20.20
CA GLY C 4 53.23 -19.05 -19.41
C GLY C 4 53.01 -19.82 -18.12
N LYS C 5 51.76 -20.14 -17.79
CA LYS C 5 51.45 -20.89 -16.56
C LYS C 5 51.75 -22.37 -16.75
N VAL C 6 52.06 -23.08 -15.68
CA VAL C 6 52.08 -24.55 -15.75
C VAL C 6 51.10 -25.15 -14.73
N ALA C 7 50.29 -26.07 -15.23
CA ALA C 7 49.21 -26.73 -14.45
C ALA C 7 49.47 -28.21 -14.25
N LEU C 8 49.30 -28.65 -13.01
CA LEU C 8 49.31 -30.07 -12.67
C LEU C 8 47.87 -30.51 -12.39
N VAL C 9 47.34 -31.37 -13.23
CA VAL C 9 45.97 -31.89 -13.06
C VAL C 9 46.00 -33.38 -12.76
N THR C 10 45.55 -33.73 -11.57
CA THR C 10 45.51 -35.12 -11.13
C THR C 10 44.23 -35.75 -11.64
N GLY C 11 44.30 -37.02 -12.00
CA GLY C 11 43.18 -37.72 -12.64
C GLY C 11 42.72 -37.05 -13.93
N ALA C 12 43.68 -36.80 -14.84
CA ALA C 12 43.44 -35.97 -16.04
C ALA C 12 43.22 -36.75 -17.34
N SER C 13 43.17 -38.08 -17.25
CA SER C 13 43.20 -38.94 -18.47
C SER C 13 41.86 -39.07 -19.18
N ARG C 14 40.79 -38.70 -18.50
CA ARG C 14 39.48 -38.69 -19.12
C ARG C 14 38.43 -37.90 -18.37
N GLY C 15 37.27 -37.78 -19.01
CA GLY C 15 36.10 -37.15 -18.43
C GLY C 15 36.33 -35.71 -18.02
N ILE C 16 36.00 -35.42 -16.77
CA ILE C 16 36.13 -34.07 -16.22
C ILE C 16 37.59 -33.66 -16.20
N GLY C 17 38.45 -34.55 -15.70
CA GLY C 17 39.88 -34.23 -15.56
C GLY C 17 40.54 -33.91 -16.89
N ARG C 18 40.12 -34.62 -17.91
CA ARG C 18 40.63 -34.42 -19.26
C ARG C 18 40.18 -33.07 -19.79
N ALA C 19 38.89 -32.78 -19.65
CA ALA C 19 38.30 -31.52 -20.13
C ALA C 19 38.99 -30.32 -19.48
N ILE C 20 39.29 -30.48 -18.20
CA ILE C 20 40.02 -29.46 -17.45
C ILE C 20 41.41 -29.25 -18.05
N ALA C 21 42.13 -30.34 -18.28
CA ALA C 21 43.50 -30.29 -18.80
C ALA C 21 43.53 -29.57 -20.14
N ILE C 22 42.61 -29.97 -21.00
CA ILE C 22 42.51 -29.41 -22.34
C ILE C 22 42.17 -27.94 -22.34
N ASP C 23 41.27 -27.53 -21.46
CA ASP C 23 40.84 -26.13 -21.39
C ASP C 23 41.93 -25.20 -20.84
N LEU C 24 42.60 -25.67 -19.81
CA LEU C 24 43.80 -24.98 -19.30
C LEU C 24 44.87 -24.76 -20.40
N ALA C 25 45.14 -25.79 -21.17
CA ALA C 25 46.07 -25.74 -22.32
C ALA C 25 45.57 -24.76 -23.38
N LYS C 26 44.27 -24.76 -23.60
CA LYS C 26 43.64 -23.85 -24.55
C LYS C 26 43.93 -22.38 -24.18
N GLN C 27 43.95 -22.11 -22.89
CA GLN C 27 44.24 -20.78 -22.33
C GLN C 27 45.73 -20.48 -22.26
N GLY C 28 46.56 -21.41 -22.69
CA GLY C 28 48.01 -21.16 -22.81
C GLY C 28 48.91 -21.90 -21.82
N ALA C 29 48.30 -22.65 -20.89
CA ALA C 29 49.06 -23.38 -19.87
C ALA C 29 49.78 -24.60 -20.47
N ASN C 30 50.97 -24.88 -19.96
CA ASN C 30 51.61 -26.18 -20.13
C ASN C 30 51.05 -27.08 -19.05
N VAL C 31 50.77 -28.33 -19.39
CA VAL C 31 50.00 -29.19 -18.51
C VAL C 31 50.67 -30.51 -18.21
N VAL C 32 50.66 -30.87 -16.93
CA VAL C 32 51.04 -32.22 -16.50
C VAL C 32 49.77 -33.07 -16.30
N VAL C 33 49.63 -34.07 -17.16
CA VAL C 33 48.49 -34.98 -17.19
C VAL C 33 48.78 -36.21 -16.31
N ASN C 34 48.31 -36.17 -15.06
CA ASN C 34 48.50 -37.28 -14.14
C ASN C 34 47.45 -38.38 -14.34
N TYR C 35 47.90 -39.62 -14.20
CA TYR C 35 47.07 -40.79 -14.29
C TYR C 35 47.58 -41.85 -13.31
N ALA C 36 46.70 -42.78 -12.97
CA ALA C 36 47.03 -43.87 -12.03
C ALA C 36 47.38 -45.18 -12.75
N GLY C 37 46.60 -45.57 -13.75
CA GLY C 37 46.93 -46.77 -14.53
C GLY C 37 46.61 -46.74 -16.01
N ASN C 38 45.90 -45.71 -16.45
CA ASN C 38 45.38 -45.61 -17.80
C ASN C 38 46.29 -44.77 -18.71
N GLU C 39 47.43 -45.35 -19.13
CA GLU C 39 48.47 -44.56 -19.82
C GLU C 39 48.06 -44.25 -21.26
N GLN C 40 47.52 -45.26 -21.93
CA GLN C 40 46.85 -45.14 -23.24
C GLN C 40 46.13 -43.80 -23.41
N LYS C 41 45.27 -43.55 -22.45
CA LYS C 41 44.36 -42.42 -22.46
C LYS C 41 45.00 -41.08 -22.06
N ALA C 42 45.92 -41.15 -21.10
CA ALA C 42 46.73 -39.99 -20.71
C ALA C 42 47.59 -39.47 -21.88
N ASN C 43 48.16 -40.39 -22.65
CA ASN C 43 48.92 -40.06 -23.86
C ASN C 43 48.09 -39.35 -24.92
N GLU C 44 46.82 -39.74 -25.02
CA GLU C 44 45.89 -39.12 -25.95
C GLU C 44 45.61 -37.69 -25.57
N VAL C 45 45.42 -37.47 -24.28
CA VAL C 45 45.19 -36.12 -23.76
C VAL C 45 46.41 -35.23 -24.01
N VAL C 46 47.60 -35.79 -23.78
CA VAL C 46 48.87 -35.12 -24.09
C VAL C 46 48.95 -34.75 -25.57
N ASP C 47 48.61 -35.69 -26.45
CA ASP C 47 48.64 -35.46 -27.90
C ASP C 47 47.72 -34.34 -28.34
N GLU C 48 46.57 -34.28 -27.71
CA GLU C 48 45.57 -33.25 -28.01
C GLU C 48 46.02 -31.86 -27.58
N ILE C 49 46.68 -31.78 -26.44
CA ILE C 49 47.22 -30.54 -25.92
C ILE C 49 48.33 -29.99 -26.82
N LYS C 50 49.16 -30.89 -27.34
CA LYS C 50 50.24 -30.48 -28.27
C LYS C 50 49.70 -30.01 -29.61
N LYS C 51 48.67 -30.68 -30.08
CA LYS C 51 47.92 -30.26 -31.29
C LYS C 51 47.46 -28.80 -31.23
N LEU C 52 46.99 -28.38 -30.06
CA LEU C 52 46.46 -27.03 -29.91
C LEU C 52 47.53 -26.00 -29.50
N GLY C 53 48.79 -26.38 -29.63
CA GLY C 53 49.89 -25.42 -29.53
C GLY C 53 50.61 -25.37 -28.19
N SER C 54 50.06 -26.06 -27.20
CA SER C 54 50.68 -26.06 -25.88
C SER C 54 51.61 -27.27 -25.70
N ASP C 55 52.18 -27.40 -24.51
CA ASP C 55 53.03 -28.55 -24.18
C ASP C 55 52.46 -29.35 -23.03
N ALA C 56 52.74 -30.64 -23.02
CA ALA C 56 52.26 -31.50 -21.92
C ALA C 56 53.07 -32.78 -21.80
N ILE C 57 53.04 -33.33 -20.59
CA ILE C 57 53.60 -34.65 -20.31
C ILE C 57 52.59 -35.44 -19.45
N ALA C 58 52.63 -36.76 -19.60
CA ALA C 58 51.82 -37.69 -18.82
C ALA C 58 52.70 -38.28 -17.70
N VAL C 59 52.20 -38.19 -16.46
CA VAL C 59 52.94 -38.71 -15.29
C VAL C 59 52.06 -39.62 -14.42
N ARG C 60 52.48 -40.87 -14.27
CA ARG C 60 51.81 -41.82 -13.37
C ARG C 60 52.14 -41.58 -11.89
N ALA C 61 51.09 -41.50 -11.09
CA ALA C 61 51.22 -41.32 -9.68
C ALA C 61 49.94 -41.82 -9.00
N ASP C 62 50.10 -42.52 -7.87
CA ASP C 62 48.99 -42.79 -6.97
C ASP C 62 48.98 -41.63 -5.98
N VAL C 63 47.95 -40.78 -6.06
CA VAL C 63 47.87 -39.55 -5.24
C VAL C 63 47.75 -39.85 -3.74
N ALA C 64 47.42 -41.09 -3.41
CA ALA C 64 47.44 -41.58 -2.01
C ALA C 64 48.83 -41.98 -1.53
N ASN C 65 49.80 -41.98 -2.44
CA ASN C 65 51.17 -42.40 -2.15
C ASN C 65 52.13 -41.21 -2.12
N ALA C 66 52.71 -40.98 -0.94
CA ALA C 66 53.53 -39.79 -0.67
C ALA C 66 54.75 -39.66 -1.60
N GLU C 67 55.35 -40.80 -1.92
CA GLU C 67 56.58 -40.92 -2.72
C GLU C 67 56.27 -40.60 -4.18
N ASP C 68 55.11 -41.08 -4.64
CA ASP C 68 54.61 -40.81 -5.99
C ASP C 68 54.29 -39.33 -6.20
N VAL C 69 53.64 -38.75 -5.21
CA VAL C 69 53.24 -37.35 -5.27
C VAL C 69 54.48 -36.44 -5.30
N THR C 70 55.42 -36.73 -4.43
CA THR C 70 56.63 -35.94 -4.36
C THR C 70 57.40 -36.03 -5.71
N ASN C 71 57.53 -37.25 -6.22
CA ASN C 71 58.11 -37.53 -7.55
C ASN C 71 57.44 -36.75 -8.69
N MET C 72 56.13 -36.68 -8.59
CA MET C 72 55.33 -36.05 -9.64
C MET C 72 55.51 -34.54 -9.68
N VAL C 73 55.45 -33.91 -8.51
CA VAL C 73 55.63 -32.46 -8.39
C VAL C 73 57.04 -32.06 -8.83
N LYS C 74 57.99 -32.90 -8.48
CA LYS C 74 59.36 -32.64 -8.81
C LYS C 74 59.61 -32.72 -10.32
N GLN C 75 58.93 -33.66 -10.95
CA GLN C 75 59.02 -33.81 -12.40
C GLN C 75 58.40 -32.61 -13.14
N THR C 76 57.29 -32.13 -12.61
CA THR C 76 56.61 -30.95 -13.14
C THR C 76 57.60 -29.79 -13.19
N VAL C 77 58.21 -29.53 -12.03
CA VAL C 77 59.13 -28.40 -11.86
C VAL C 77 60.41 -28.61 -12.66
N ASP C 78 60.83 -29.85 -12.76
CA ASP C 78 62.01 -30.19 -13.58
C ASP C 78 61.80 -30.00 -15.07
N VAL C 79 60.68 -30.48 -15.58
CA VAL C 79 60.40 -30.40 -17.02
C VAL C 79 59.91 -29.01 -17.46
N PHE C 80 59.01 -28.43 -16.67
CA PHE C 80 58.35 -27.17 -17.04
C PHE C 80 58.79 -25.94 -16.26
N GLY C 81 59.66 -26.13 -15.27
CA GLY C 81 60.35 -25.01 -14.59
C GLY C 81 59.70 -24.54 -13.31
N GLN C 82 58.43 -24.85 -13.15
CA GLN C 82 57.65 -24.32 -12.04
C GLN C 82 56.29 -25.01 -12.02
N VAL C 83 55.53 -24.76 -10.96
CA VAL C 83 54.11 -25.14 -10.91
C VAL C 83 53.26 -23.96 -10.42
N ASP C 84 52.32 -23.56 -11.26
CA ASP C 84 51.49 -22.38 -11.01
C ASP C 84 50.07 -22.72 -10.58
N ILE C 85 49.58 -23.86 -11.08
CA ILE C 85 48.20 -24.31 -10.87
C ILE C 85 48.13 -25.78 -10.53
N LEU C 86 47.41 -26.09 -9.45
CA LEU C 86 47.13 -27.49 -9.09
C LEU C 86 45.63 -27.70 -9.16
N VAL C 87 45.17 -28.64 -9.97
CA VAL C 87 43.80 -29.10 -9.82
C VAL C 87 43.77 -30.56 -9.38
N ASN C 88 43.19 -30.74 -8.19
CA ASN C 88 42.99 -32.05 -7.57
C ASN C 88 41.68 -32.69 -8.03
N ASN C 89 41.78 -33.56 -9.04
CA ASN C 89 40.59 -34.24 -9.59
C ASN C 89 40.63 -35.75 -9.41
N ALA C 90 41.76 -36.32 -9.01
CA ALA C 90 41.85 -37.77 -8.78
C ALA C 90 40.80 -38.21 -7.73
N GLY C 91 40.32 -39.44 -7.86
CA GLY C 91 39.27 -39.93 -6.98
C GLY C 91 38.50 -41.11 -7.56
N VAL C 92 38.19 -42.07 -6.71
CA VAL C 92 37.38 -43.22 -7.09
C VAL C 92 36.08 -43.25 -6.28
N THR C 93 35.10 -43.99 -6.78
CA THR C 93 33.91 -44.30 -6.01
C THR C 93 33.86 -45.81 -5.78
N LYS C 94 33.36 -46.20 -4.61
CA LYS C 94 33.07 -47.59 -4.27
C LYS C 94 31.79 -47.55 -3.46
N ASP C 95 30.67 -47.52 -4.16
CA ASP C 95 29.38 -47.32 -3.52
C ASP C 95 28.92 -48.56 -2.81
N ASN C 96 28.17 -48.34 -1.73
CA ASN C 96 27.51 -49.38 -0.95
C ASN C 96 26.72 -48.77 0.19
N LEU C 97 25.63 -49.45 0.57
CA LEU C 97 24.92 -49.08 1.77
C LEU C 97 25.89 -49.25 2.93
N LEU C 98 25.84 -48.29 3.85
CA LEU C 98 26.70 -48.22 5.05
C LEU C 98 26.91 -49.58 5.70
N MET C 99 25.82 -50.28 5.89
CA MET C 99 25.78 -51.55 6.60
C MET C 99 26.56 -52.69 5.95
N ARG C 100 26.99 -52.46 4.72
CA ARG C 100 27.60 -53.48 3.88
C ARG C 100 28.94 -53.01 3.40
N MET C 101 29.14 -51.73 3.54
CA MET C 101 30.34 -51.14 3.03
C MET C 101 31.58 -51.73 3.72
N LYS C 102 32.48 -52.28 2.93
CA LYS C 102 33.72 -52.88 3.44
C LYS C 102 34.68 -51.81 3.88
N GLU C 103 35.51 -52.17 4.86
CA GLU C 103 36.51 -51.26 5.42
C GLU C 103 37.51 -50.82 4.33
N GLU C 104 37.90 -51.75 3.45
CA GLU C 104 38.77 -51.38 2.34
C GLU C 104 38.10 -50.49 1.29
N GLU C 105 36.80 -50.67 1.06
CA GLU C 105 36.03 -49.72 0.21
C GLU C 105 36.09 -48.30 0.80
N TRP C 106 35.93 -48.22 2.11
CA TRP C 106 36.03 -46.96 2.84
C TRP C 106 37.45 -46.35 2.67
N ASP C 107 38.46 -47.17 2.98
CA ASP C 107 39.87 -46.69 3.00
C ASP C 107 40.32 -46.18 1.65
N THR C 108 40.08 -46.97 0.62
CA THR C 108 40.51 -46.63 -0.75
C THR C 108 39.89 -45.31 -1.23
N VAL C 109 38.62 -45.10 -0.93
CA VAL C 109 37.94 -43.85 -1.32
C VAL C 109 38.42 -42.63 -0.53
N ILE C 110 38.65 -42.80 0.75
CA ILE C 110 39.15 -41.72 1.61
C ILE C 110 40.59 -41.33 1.19
N ASN C 111 41.40 -42.35 1.00
CA ASN C 111 42.82 -42.12 0.68
C ASN C 111 43.00 -41.47 -0.69
N THR C 112 42.25 -41.95 -1.67
CA THR C 112 42.35 -41.40 -3.03
C THR C 112 41.79 -40.00 -3.11
N ASN C 113 40.57 -39.82 -2.61
CA ASN C 113 39.84 -38.57 -2.77
C ASN C 113 40.22 -37.47 -1.78
N LEU C 114 40.53 -37.86 -0.56
CA LEU C 114 40.77 -36.86 0.49
C LEU C 114 42.26 -36.74 0.80
N LYS C 115 42.90 -37.84 1.11
CA LYS C 115 44.34 -37.81 1.42
C LYS C 115 45.17 -37.35 0.21
N GLY C 116 44.71 -37.67 -0.99
CA GLY C 116 45.37 -37.19 -2.22
C GLY C 116 45.43 -35.68 -2.28
N VAL C 117 44.33 -35.04 -1.95
CA VAL C 117 44.26 -33.57 -1.92
C VAL C 117 45.25 -33.01 -0.91
N PHE C 118 45.28 -33.62 0.26
CA PHE C 118 46.23 -33.23 1.31
C PHE C 118 47.67 -33.32 0.80
N LEU C 119 48.01 -34.49 0.31
CA LEU C 119 49.36 -34.82 -0.14
C LEU C 119 49.82 -33.91 -1.28
N CYS C 120 48.97 -33.69 -2.26
CA CYS C 120 49.32 -32.85 -3.43
C CYS C 120 49.43 -31.37 -3.08
N THR C 121 48.53 -30.93 -2.22
CA THR C 121 48.51 -29.53 -1.75
C THR C 121 49.79 -29.29 -0.97
N LYS C 122 50.11 -30.22 -0.09
CA LYS C 122 51.35 -30.13 0.70
C LYS C 122 52.58 -30.06 -0.23
N ALA C 123 52.63 -30.93 -1.23
CA ALA C 123 53.77 -31.04 -2.13
C ALA C 123 54.02 -29.77 -2.98
N VAL C 124 52.96 -29.13 -3.45
CA VAL C 124 53.09 -27.91 -4.28
C VAL C 124 53.28 -26.60 -3.47
N SER C 125 52.80 -26.58 -2.24
CA SER C 125 52.75 -25.37 -1.42
C SER C 125 54.07 -24.62 -1.34
N ARG C 126 55.14 -25.33 -0.98
CA ARG C 126 56.47 -24.74 -0.86
C ARG C 126 56.95 -24.01 -2.12
N PHE C 127 56.73 -24.61 -3.29
CA PHE C 127 57.03 -23.96 -4.56
C PHE C 127 56.19 -22.69 -4.71
N MET C 128 54.89 -22.83 -4.50
CA MET C 128 53.97 -21.71 -4.63
C MET C 128 54.21 -20.61 -3.59
N MET C 129 54.46 -21.01 -2.36
CA MET C 129 54.77 -20.06 -1.30
C MET C 129 56.05 -19.28 -1.59
N ARG C 130 57.04 -19.98 -2.11
CA ARG C 130 58.29 -19.34 -2.44
C ARG C 130 58.14 -18.29 -3.56
N GLN C 131 57.49 -18.68 -4.65
CA GLN C 131 57.26 -17.78 -5.79
C GLN C 131 56.19 -16.73 -5.48
N ARG C 132 55.45 -16.96 -4.41
CA ARG C 132 54.40 -16.03 -3.95
C ARG C 132 53.24 -15.86 -4.91
N HIS C 133 52.84 -16.97 -5.50
CA HIS C 133 51.60 -17.02 -6.26
C HIS C 133 51.27 -18.45 -6.53
N GLY C 134 49.98 -18.69 -6.73
CA GLY C 134 49.48 -20.03 -7.04
C GLY C 134 47.97 -20.05 -7.07
N ARG C 135 47.48 -21.12 -7.68
CA ARG C 135 46.07 -21.45 -7.70
C ARG C 135 45.96 -22.92 -7.39
N ILE C 136 45.14 -23.25 -6.40
CA ILE C 136 44.71 -24.63 -6.18
C ILE C 136 43.19 -24.70 -6.36
N VAL C 137 42.74 -25.59 -7.23
CA VAL C 137 41.30 -25.88 -7.29
C VAL C 137 41.01 -27.35 -7.11
N ASN C 138 40.16 -27.61 -6.11
CA ASN C 138 39.79 -28.96 -5.70
C ASN C 138 38.45 -29.34 -6.26
N ILE C 139 38.38 -30.48 -6.93
CA ILE C 139 37.10 -30.94 -7.47
C ILE C 139 36.47 -31.81 -6.40
N ALA C 140 35.35 -31.32 -5.86
CA ALA C 140 34.63 -32.01 -4.80
C ALA C 140 33.38 -32.68 -5.42
N SER C 141 32.24 -32.50 -4.78
CA SER C 141 30.96 -33.00 -5.30
C SER C 141 29.85 -32.43 -4.45
N VAL C 142 28.76 -32.18 -5.12
CA VAL C 142 27.55 -31.60 -4.52
C VAL C 142 26.98 -32.55 -3.43
N VAL C 143 27.24 -33.82 -3.64
CA VAL C 143 26.93 -34.90 -2.70
C VAL C 143 27.65 -34.73 -1.32
N GLY C 144 28.82 -34.10 -1.33
CA GLY C 144 29.53 -33.71 -0.11
C GLY C 144 28.83 -32.66 0.76
N VAL C 145 27.92 -31.91 0.13
CA VAL C 145 27.12 -30.87 0.80
C VAL C 145 25.81 -31.43 1.38
N THR C 146 25.19 -32.34 0.64
CA THR C 146 23.81 -32.79 0.93
C THR C 146 23.73 -34.20 1.53
N GLY C 147 24.79 -34.96 1.38
CA GLY C 147 24.75 -36.39 1.65
C GLY C 147 24.09 -37.16 0.51
N ASN C 148 24.23 -38.47 0.54
CA ASN C 148 23.68 -39.34 -0.52
C ASN C 148 23.72 -40.83 -0.13
N PRO C 149 22.55 -41.49 -0.11
CA PRO C 149 22.41 -42.84 0.44
C PRO C 149 23.47 -43.89 0.06
N GLY C 150 23.94 -43.94 -1.17
CA GLY C 150 24.85 -45.08 -1.48
C GLY C 150 26.34 -44.87 -1.18
N GLN C 151 26.68 -43.75 -0.57
CA GLN C 151 28.02 -43.18 -0.75
C GLN C 151 28.65 -42.58 0.48
N ALA C 152 28.52 -43.27 1.61
CA ALA C 152 29.06 -42.77 2.90
C ALA C 152 30.53 -42.35 2.76
N ASN C 153 31.30 -43.22 2.11
CA ASN C 153 32.74 -42.99 1.89
C ASN C 153 33.02 -41.79 1.00
N TYR C 154 32.28 -41.71 -0.09
CA TYR C 154 32.50 -40.66 -1.08
C TYR C 154 32.06 -39.30 -0.55
N VAL C 155 30.91 -39.29 0.12
CA VAL C 155 30.35 -38.08 0.75
C VAL C 155 31.31 -37.54 1.83
N ALA C 156 31.73 -38.43 2.73
CA ALA C 156 32.72 -38.10 3.76
C ALA C 156 34.02 -37.52 3.13
N ALA C 157 34.50 -38.16 2.08
CA ALA C 157 35.74 -37.70 1.38
C ALA C 157 35.59 -36.31 0.76
N LYS C 158 34.48 -36.10 0.05
CA LYS C 158 34.24 -34.83 -0.64
C LYS C 158 33.85 -33.70 0.31
N ALA C 159 33.08 -34.01 1.36
CA ALA C 159 32.83 -33.03 2.43
C ALA C 159 34.14 -32.60 3.07
N GLY C 160 34.99 -33.60 3.31
CA GLY C 160 36.33 -33.37 3.84
C GLY C 160 37.15 -32.44 2.95
N VAL C 161 37.13 -32.69 1.64
CA VAL C 161 37.85 -31.85 0.65
C VAL C 161 37.39 -30.37 0.72
N ILE C 162 36.10 -30.15 0.85
CA ILE C 162 35.52 -28.81 0.96
C ILE C 162 36.02 -28.09 2.22
N GLY C 163 36.16 -28.83 3.31
CA GLY C 163 36.76 -28.28 4.54
C GLY C 163 38.24 -28.02 4.43
N LEU C 164 38.94 -28.94 3.78
CA LEU C 164 40.38 -28.84 3.54
C LEU C 164 40.73 -27.63 2.69
N THR C 165 39.85 -27.36 1.74
CA THR C 165 39.94 -26.20 0.88
C THR C 165 40.02 -24.89 1.65
N LYS C 166 39.21 -24.81 2.70
CA LYS C 166 39.13 -23.61 3.54
C LYS C 166 40.36 -23.42 4.42
N THR C 167 40.84 -24.50 5.02
CA THR C 167 42.08 -24.44 5.80
C THR C 167 43.26 -23.98 4.92
N SER C 168 43.35 -24.56 3.72
CA SER C 168 44.40 -24.26 2.75
C SER C 168 44.31 -22.79 2.30
N ALA C 169 43.11 -22.37 1.94
CA ALA C 169 42.86 -20.95 1.58
C ALA C 169 43.38 -20.04 2.66
N LYS C 170 43.07 -20.36 3.91
CA LYS C 170 43.50 -19.53 5.06
C LYS C 170 45.00 -19.52 5.31
N GLU C 171 45.64 -20.69 5.16
CA GLU C 171 47.07 -20.86 5.41
C GLU C 171 47.96 -20.22 4.34
N LEU C 172 47.47 -20.20 3.11
CA LEU C 172 48.26 -19.82 1.92
C LEU C 172 47.94 -18.41 1.41
N ALA C 173 46.93 -17.77 1.99
CA ALA C 173 46.33 -16.51 1.52
C ALA C 173 47.28 -15.32 1.43
N SER C 174 48.28 -15.31 2.29
CA SER C 174 49.19 -14.20 2.43
C SER C 174 50.42 -14.34 1.53
N ARG C 175 50.56 -15.52 0.92
CA ARG C 175 51.51 -15.73 -0.17
C ARG C 175 50.81 -15.67 -1.51
N ASN C 176 49.66 -14.99 -1.53
CA ASN C 176 48.88 -14.73 -2.76
C ASN C 176 48.55 -16.00 -3.53
N ILE C 177 48.28 -17.06 -2.78
CA ILE C 177 47.78 -18.32 -3.31
C ILE C 177 46.30 -18.40 -2.96
N THR C 178 45.44 -18.62 -3.95
CA THR C 178 44.01 -18.88 -3.70
C THR C 178 43.69 -20.37 -3.86
N VAL C 179 42.77 -20.83 -3.02
CA VAL C 179 42.35 -22.23 -2.99
C VAL C 179 40.84 -22.25 -2.93
N ASN C 180 40.25 -22.90 -3.92
CA ASN C 180 38.80 -22.96 -4.10
C ASN C 180 38.40 -24.36 -4.55
N ALA C 181 37.11 -24.65 -4.45
CA ALA C 181 36.56 -25.96 -4.81
C ALA C 181 35.44 -25.80 -5.82
N ILE C 182 35.40 -26.73 -6.76
CA ILE C 182 34.22 -26.90 -7.62
C ILE C 182 33.51 -28.19 -7.19
N ALA C 183 32.19 -28.09 -6.99
CA ALA C 183 31.34 -29.23 -6.63
C ALA C 183 30.43 -29.56 -7.79
N PRO C 184 30.84 -30.50 -8.64
CA PRO C 184 29.99 -30.95 -9.71
C PRO C 184 28.74 -31.66 -9.22
N GLY C 185 27.69 -31.56 -10.02
CA GLY C 185 26.46 -32.33 -9.80
C GLY C 185 26.56 -33.59 -10.62
N PHE C 186 25.49 -33.89 -11.36
CA PHE C 186 25.46 -35.05 -12.24
C PHE C 186 25.91 -34.69 -13.65
N ILE C 187 27.14 -35.06 -13.95
CA ILE C 187 27.80 -34.78 -15.24
C ILE C 187 27.89 -36.05 -16.09
N ALA C 188 27.53 -35.94 -17.35
CA ALA C 188 27.41 -37.09 -18.28
C ALA C 188 28.62 -38.06 -18.33
N THR C 189 29.82 -37.56 -18.59
CA THR C 189 30.97 -38.49 -18.69
C THR C 189 31.29 -39.12 -17.33
N ASP C 190 30.99 -38.40 -16.26
CA ASP C 190 31.15 -38.87 -14.88
C ASP C 190 30.15 -39.98 -14.50
N MET C 191 29.15 -40.21 -15.36
CA MET C 191 28.15 -41.27 -15.15
C MET C 191 28.22 -42.35 -16.25
N THR C 192 29.43 -42.63 -16.72
CA THR C 192 29.68 -43.84 -17.51
C THR C 192 29.34 -45.02 -16.61
N ASP C 193 29.67 -44.84 -15.33
CA ASP C 193 29.14 -45.63 -14.23
C ASP C 193 27.70 -46.11 -14.50
N VAL C 194 26.74 -45.19 -14.46
CA VAL C 194 25.32 -45.56 -14.53
C VAL C 194 24.83 -45.73 -15.98
N LEU C 195 24.15 -46.84 -16.23
CA LEU C 195 23.36 -47.04 -17.46
C LEU C 195 21.89 -47.37 -17.12
N ASP C 196 21.61 -47.76 -15.88
CA ASP C 196 20.26 -48.15 -15.43
C ASP C 196 19.33 -46.95 -15.39
N GLU C 197 18.32 -46.95 -16.26
CA GLU C 197 17.44 -45.80 -16.47
C GLU C 197 16.45 -45.53 -15.32
N ASN C 198 16.37 -46.45 -14.37
CA ASN C 198 15.55 -46.27 -13.18
C ASN C 198 16.14 -45.21 -12.24
N ILE C 199 17.39 -45.44 -11.80
CA ILE C 199 18.10 -44.47 -10.94
C ILE C 199 18.41 -43.21 -11.74
N LYS C 200 18.66 -43.38 -13.04
CA LYS C 200 19.11 -42.28 -13.90
C LYS C 200 18.02 -41.22 -14.04
N ALA C 201 16.80 -41.67 -14.32
CA ALA C 201 15.65 -40.78 -14.47
C ALA C 201 15.23 -40.13 -13.14
N GLU C 202 15.44 -40.84 -12.03
CA GLU C 202 15.15 -40.26 -10.70
C GLU C 202 16.09 -39.11 -10.36
N MET C 203 17.34 -39.23 -10.80
CA MET C 203 18.32 -38.16 -10.67
C MET C 203 17.93 -36.88 -11.45
N LEU C 204 17.32 -37.04 -12.62
CA LEU C 204 17.02 -35.93 -13.52
C LEU C 204 15.92 -35.01 -12.96
N LYS C 205 14.95 -35.61 -12.30
CA LYS C 205 13.89 -34.86 -11.62
C LYS C 205 14.42 -33.88 -10.55
N LEU C 206 15.54 -34.25 -9.95
CA LEU C 206 16.22 -33.44 -8.94
C LEU C 206 16.93 -32.15 -9.48
N ILE C 207 17.07 -32.04 -10.80
CA ILE C 207 17.83 -30.96 -11.43
C ILE C 207 16.86 -30.00 -12.13
N PRO C 208 16.75 -28.75 -11.65
CA PRO C 208 15.91 -27.72 -12.33
C PRO C 208 16.26 -27.49 -13.80
N ALA C 209 17.53 -27.55 -14.14
CA ALA C 209 17.97 -27.50 -15.56
C ALA C 209 17.40 -28.64 -16.40
N ALA C 210 16.99 -29.72 -15.74
CA ALA C 210 16.29 -30.86 -16.38
C ALA C 210 17.19 -31.60 -17.38
N GLN C 211 18.48 -31.61 -17.10
CA GLN C 211 19.44 -32.27 -17.97
C GLN C 211 20.75 -32.44 -17.21
N PHE C 212 21.51 -33.47 -17.57
CA PHE C 212 22.82 -33.68 -16.96
C PHE C 212 23.81 -32.70 -17.56
N GLY C 213 24.85 -32.42 -16.80
CA GLY C 213 25.90 -31.50 -17.23
C GLY C 213 26.88 -32.17 -18.17
N GLU C 214 27.84 -31.39 -18.64
CA GLU C 214 28.91 -31.91 -19.47
C GLU C 214 30.27 -31.55 -18.85
N ALA C 215 31.31 -32.31 -19.21
CA ALA C 215 32.64 -32.15 -18.60
C ALA C 215 33.14 -30.70 -18.74
N GLN C 216 32.82 -30.10 -19.89
CA GLN C 216 33.21 -28.71 -20.19
C GLN C 216 32.62 -27.66 -19.23
N ASP C 217 31.48 -27.96 -18.64
CA ASP C 217 30.89 -27.09 -17.63
C ASP C 217 31.83 -26.95 -16.44
N ILE C 218 32.45 -28.05 -16.05
CA ILE C 218 33.37 -28.05 -14.91
C ILE C 218 34.66 -27.33 -15.28
N ALA C 219 35.18 -27.64 -16.47
CA ALA C 219 36.39 -26.99 -17.02
C ALA C 219 36.23 -25.46 -17.04
N ASN C 220 35.11 -24.99 -17.57
CA ASN C 220 34.79 -23.56 -17.64
C ASN C 220 34.97 -22.91 -16.25
N ALA C 221 34.45 -23.53 -15.20
CA ALA C 221 34.52 -23.04 -13.81
C ALA C 221 35.95 -23.13 -13.22
N VAL C 222 36.65 -24.21 -13.51
CA VAL C 222 38.03 -24.40 -13.04
C VAL C 222 38.92 -23.31 -13.63
N THR C 223 38.75 -23.07 -14.92
CA THR C 223 39.56 -22.08 -15.64
C THR C 223 39.34 -20.67 -15.09
N PHE C 224 38.11 -20.39 -14.71
CA PHE C 224 37.78 -19.11 -14.06
C PHE C 224 38.51 -18.90 -12.73
N PHE C 225 38.55 -19.95 -11.92
CA PHE C 225 39.29 -19.92 -10.66
C PHE C 225 40.79 -19.88 -10.86
N ALA C 226 41.26 -20.54 -11.92
CA ALA C 226 42.71 -20.63 -12.22
C ALA C 226 43.29 -19.31 -12.73
N SER C 227 42.42 -18.41 -13.12
CA SER C 227 42.82 -17.16 -13.76
C SER C 227 43.16 -16.07 -12.76
N ASP C 228 44.00 -15.16 -13.20
CA ASP C 228 44.50 -14.02 -12.39
C ASP C 228 43.37 -13.12 -11.92
N GLN C 229 42.31 -13.08 -12.70
CA GLN C 229 41.23 -12.14 -12.45
C GLN C 229 40.38 -12.51 -11.22
N SER C 230 40.29 -13.81 -10.96
CA SER C 230 39.57 -14.30 -9.77
C SER C 230 40.42 -14.27 -8.44
N LYS C 231 41.43 -13.41 -8.41
CA LYS C 231 42.36 -13.25 -7.30
C LYS C 231 41.74 -12.98 -5.92
N TYR C 232 40.57 -12.35 -5.90
CA TYR C 232 39.90 -12.03 -4.62
C TYR C 232 38.87 -13.05 -4.17
N ILE C 233 38.89 -14.22 -4.79
CA ILE C 233 38.00 -15.33 -4.42
C ILE C 233 38.85 -16.43 -3.82
N THR C 234 38.63 -16.76 -2.57
CA THR C 234 39.36 -17.86 -1.94
C THR C 234 38.54 -18.54 -0.86
N GLY C 235 38.73 -19.85 -0.76
CA GLY C 235 38.08 -20.70 0.24
C GLY C 235 36.63 -21.05 -0.11
N GLN C 236 36.25 -20.78 -1.34
CA GLN C 236 34.86 -20.94 -1.78
C GLN C 236 34.62 -22.26 -2.50
N THR C 237 33.37 -22.70 -2.46
CA THR C 237 32.90 -23.86 -3.20
C THR C 237 31.79 -23.40 -4.11
N LEU C 238 31.96 -23.67 -5.39
CA LEU C 238 30.95 -23.34 -6.40
C LEU C 238 30.33 -24.64 -6.92
N ASN C 239 29.02 -24.74 -6.75
CA ASN C 239 28.26 -25.86 -7.27
C ASN C 239 27.98 -25.66 -8.75
N VAL C 240 28.40 -26.63 -9.56
CA VAL C 240 28.07 -26.67 -10.99
C VAL C 240 27.18 -27.88 -11.23
N ASP C 241 25.87 -27.66 -11.16
CA ASP C 241 24.91 -28.77 -10.94
C ASP C 241 23.49 -28.58 -11.50
N GLY C 242 23.31 -27.59 -12.37
CA GLY C 242 22.00 -27.32 -12.96
C GLY C 242 20.92 -26.89 -11.98
N GLY C 243 21.34 -26.47 -10.78
CA GLY C 243 20.44 -25.97 -9.73
C GLY C 243 19.98 -27.02 -8.74
N MET C 244 20.65 -28.17 -8.77
CA MET C 244 20.26 -29.31 -7.93
C MET C 244 20.43 -29.01 -6.44
N VAL C 245 21.57 -28.43 -6.09
CA VAL C 245 21.84 -27.97 -4.72
C VAL C 245 22.00 -26.43 -4.70
N MET C 246 20.97 -25.78 -4.18
CA MET C 246 20.96 -24.32 -3.97
C MET C 246 21.09 -24.04 -2.45
N MET D 1 13.92 -38.20 28.66
CA MET D 1 13.74 -39.24 29.71
C MET D 1 13.70 -40.65 29.09
N LEU D 2 14.59 -40.85 28.12
CA LEU D 2 15.45 -42.07 27.93
C LEU D 2 15.32 -43.33 28.83
N LYS D 3 14.19 -43.51 29.49
CA LYS D 3 13.92 -44.69 30.30
C LYS D 3 14.02 -45.98 29.49
N GLY D 4 14.77 -46.95 30.02
CA GLY D 4 14.98 -48.24 29.35
C GLY D 4 15.90 -48.23 28.12
N LYS D 5 16.44 -47.07 27.77
CA LYS D 5 17.33 -46.97 26.62
C LYS D 5 18.74 -47.45 26.98
N VAL D 6 19.49 -47.91 26.00
CA VAL D 6 20.93 -48.14 26.24
C VAL D 6 21.74 -47.36 25.24
N ALA D 7 22.73 -46.65 25.78
CA ALA D 7 23.58 -45.75 24.99
C ALA D 7 25.01 -46.25 24.99
N LEU D 8 25.62 -46.21 23.81
CA LEU D 8 27.06 -46.41 23.62
C LEU D 8 27.69 -45.05 23.28
N VAL D 9 28.55 -44.58 24.18
CA VAL D 9 29.27 -43.31 24.00
C VAL D 9 30.75 -43.59 23.85
N THR D 10 31.29 -43.26 22.67
CA THR D 10 32.73 -43.45 22.38
C THR D 10 33.51 -42.23 22.91
N GLY D 11 34.70 -42.47 23.43
CA GLY D 11 35.48 -41.41 24.06
C GLY D 11 34.77 -40.74 25.23
N ALA D 12 34.28 -41.57 26.14
CA ALA D 12 33.37 -41.15 27.22
C ALA D 12 34.04 -40.97 28.58
N SER D 13 35.36 -41.04 28.63
CA SER D 13 36.07 -41.08 29.93
C SER D 13 36.33 -39.69 30.54
N ARG D 14 36.16 -38.66 29.74
CA ARG D 14 36.31 -37.30 30.27
C ARG D 14 35.75 -36.21 29.37
N GLY D 15 35.75 -35.01 29.91
CA GLY D 15 35.36 -33.80 29.18
C GLY D 15 33.93 -33.89 28.64
N ILE D 16 33.80 -33.59 27.35
CA ILE D 16 32.51 -33.62 26.66
C ILE D 16 31.89 -35.03 26.72
N GLY D 17 32.69 -36.03 26.38
CA GLY D 17 32.19 -37.41 26.30
C GLY D 17 31.66 -37.88 27.64
N ARG D 18 32.38 -37.51 28.67
CA ARG D 18 31.97 -37.86 30.01
C ARG D 18 30.64 -37.19 30.41
N ALA D 19 30.54 -35.88 30.15
CA ALA D 19 29.33 -35.10 30.43
C ALA D 19 28.12 -35.68 29.69
N ILE D 20 28.34 -36.11 28.46
CA ILE D 20 27.32 -36.78 27.65
C ILE D 20 26.83 -38.07 28.28
N ALA D 21 27.78 -38.91 28.69
CA ALA D 21 27.49 -40.22 29.31
C ALA D 21 26.67 -40.04 30.60
N ILE D 22 27.10 -39.10 31.42
CA ILE D 22 26.43 -38.82 32.68
C ILE D 22 25.03 -38.26 32.45
N ASP D 23 24.85 -37.39 31.47
CA ASP D 23 23.54 -36.77 31.25
C ASP D 23 22.54 -37.80 30.72
N LEU D 24 22.96 -38.59 29.74
CA LEU D 24 22.17 -39.71 29.26
C LEU D 24 21.70 -40.66 30.41
N ALA D 25 22.61 -41.01 31.28
CA ALA D 25 22.31 -41.83 32.47
C ALA D 25 21.30 -41.14 33.40
N LYS D 26 21.45 -39.83 33.51
CA LYS D 26 20.56 -39.00 34.31
C LYS D 26 19.10 -39.10 33.82
N GLN D 27 18.96 -39.19 32.50
CA GLN D 27 17.66 -39.32 31.84
C GLN D 27 17.15 -40.76 31.78
N GLY D 28 17.89 -41.68 32.38
CA GLY D 28 17.45 -43.07 32.57
C GLY D 28 18.18 -44.13 31.75
N ALA D 29 19.10 -43.73 30.88
CA ALA D 29 19.80 -44.70 30.01
C ALA D 29 20.84 -45.52 30.78
N ASN D 30 21.00 -46.77 30.33
CA ASN D 30 22.17 -47.56 30.71
C ASN D 30 23.25 -47.22 29.71
N VAL D 31 24.48 -47.06 30.20
CA VAL D 31 25.53 -46.48 29.38
C VAL D 31 26.76 -47.37 29.27
N VAL D 32 27.23 -47.56 28.04
CA VAL D 32 28.54 -48.14 27.78
C VAL D 32 29.58 -47.00 27.60
N VAL D 33 30.50 -46.92 28.55
CA VAL D 33 31.55 -45.91 28.58
C VAL D 33 32.81 -46.44 27.86
N ASN D 34 32.96 -46.08 26.58
CA ASN D 34 34.12 -46.46 25.82
C ASN D 34 35.34 -45.57 26.08
N TYR D 35 36.50 -46.20 26.09
CA TYR D 35 37.78 -45.53 26.25
C TYR D 35 38.86 -46.23 25.43
N ALA D 36 39.92 -45.51 25.11
CA ALA D 36 41.06 -46.07 24.35
C ALA D 36 42.22 -46.48 25.25
N GLY D 37 42.56 -45.62 26.21
CA GLY D 37 43.78 -45.78 27.01
C GLY D 37 43.56 -46.23 28.45
N ASN D 38 44.04 -45.43 29.40
CA ASN D 38 43.90 -45.70 30.83
C ASN D 38 42.44 -45.84 31.31
N GLU D 39 42.13 -46.97 31.94
CA GLU D 39 40.77 -47.34 32.36
C GLU D 39 40.29 -46.73 33.67
N GLN D 40 41.16 -46.01 34.39
CA GLN D 40 40.77 -45.43 35.68
C GLN D 40 39.71 -44.37 35.51
N LYS D 41 39.93 -43.46 34.57
CA LYS D 41 38.99 -42.37 34.35
C LYS D 41 37.63 -42.90 33.92
N ALA D 42 37.65 -43.88 33.02
CA ALA D 42 36.43 -44.55 32.55
C ALA D 42 35.66 -45.21 33.70
N ASN D 43 36.40 -45.85 34.59
CA ASN D 43 35.84 -46.47 35.79
C ASN D 43 35.20 -45.45 36.74
N GLU D 44 35.75 -44.25 36.80
CA GLU D 44 35.16 -43.14 37.59
C GLU D 44 33.82 -42.72 37.01
N VAL D 45 33.74 -42.60 35.69
CA VAL D 45 32.50 -42.25 35.02
C VAL D 45 31.44 -43.33 35.29
N VAL D 46 31.86 -44.60 35.19
CA VAL D 46 30.97 -45.74 35.48
C VAL D 46 30.45 -45.71 36.93
N ASP D 47 31.33 -45.38 37.86
CA ASP D 47 30.96 -45.24 39.28
C ASP D 47 29.94 -44.14 39.53
N GLU D 48 30.11 -43.03 38.82
CA GLU D 48 29.21 -41.89 38.94
C GLU D 48 27.82 -42.23 38.42
N ILE D 49 27.78 -42.95 37.30
CA ILE D 49 26.53 -43.35 36.66
C ILE D 49 25.73 -44.29 37.56
N LYS D 50 26.43 -45.18 38.24
CA LYS D 50 25.78 -46.10 39.18
C LYS D 50 25.24 -45.39 40.41
N LYS D 51 26.00 -44.40 40.88
CA LYS D 51 25.59 -43.50 41.97
C LYS D 51 24.24 -42.86 41.73
N LEU D 52 24.02 -42.42 40.50
CA LEU D 52 22.76 -41.73 40.16
C LEU D 52 21.63 -42.71 39.70
N GLY D 53 21.83 -43.99 39.95
CA GLY D 53 20.74 -44.96 39.87
C GLY D 53 20.70 -45.78 38.60
N SER D 54 21.56 -45.45 37.65
CA SER D 54 21.59 -46.16 36.38
C SER D 54 22.66 -47.29 36.41
N ASP D 55 22.82 -47.97 35.28
CA ASP D 55 23.87 -48.96 35.15
C ASP D 55 24.85 -48.61 34.03
N ALA D 56 26.10 -49.03 34.19
CA ALA D 56 27.14 -48.76 33.18
C ALA D 56 28.27 -49.79 33.22
N ILE D 57 28.93 -49.92 32.08
CA ILE D 57 30.19 -50.64 31.98
C ILE D 57 31.22 -49.83 31.17
N ALA D 58 32.49 -50.04 31.47
CA ALA D 58 33.61 -49.42 30.76
C ALA D 58 34.18 -50.41 29.76
N VAL D 59 34.29 -50.03 28.49
CA VAL D 59 34.81 -50.94 27.43
C VAL D 59 35.94 -50.30 26.62
N ARG D 60 37.12 -50.90 26.69
CA ARG D 60 38.26 -50.43 25.91
C ARG D 60 38.19 -50.87 24.44
N ALA D 61 38.28 -49.90 23.54
CA ALA D 61 38.33 -50.15 22.10
C ALA D 61 38.87 -48.93 21.39
N ASP D 62 39.80 -49.16 20.46
CA ASP D 62 40.22 -48.15 19.47
C ASP D 62 39.14 -48.14 18.38
N VAL D 63 38.48 -46.99 18.19
CA VAL D 63 37.38 -46.86 17.21
C VAL D 63 37.82 -46.92 15.74
N ALA D 64 39.12 -46.77 15.51
CA ALA D 64 39.73 -46.98 14.18
C ALA D 64 40.01 -48.45 13.87
N ASN D 65 39.73 -49.34 14.82
CA ASN D 65 40.00 -50.77 14.69
C ASN D 65 38.69 -51.53 14.59
N ALA D 66 38.50 -52.17 13.44
CA ALA D 66 37.24 -52.84 13.08
C ALA D 66 36.82 -53.91 14.09
N GLU D 67 37.75 -54.76 14.50
CA GLU D 67 37.44 -55.84 15.44
C GLU D 67 37.13 -55.33 16.83
N ASP D 68 37.84 -54.27 17.24
CA ASP D 68 37.57 -53.63 18.55
C ASP D 68 36.16 -53.09 18.58
N VAL D 69 35.76 -52.42 17.52
CA VAL D 69 34.42 -51.85 17.37
C VAL D 69 33.36 -52.96 17.39
N THR D 70 33.60 -54.00 16.60
CA THR D 70 32.64 -55.10 16.49
C THR D 70 32.42 -55.73 17.87
N ASN D 71 33.52 -56.02 18.54
CA ASN D 71 33.44 -56.59 19.88
C ASN D 71 32.73 -55.71 20.88
N MET D 72 32.95 -54.40 20.75
CA MET D 72 32.40 -53.43 21.68
C MET D 72 30.87 -53.40 21.58
N VAL D 73 30.37 -53.30 20.35
CA VAL D 73 28.92 -53.27 20.08
C VAL D 73 28.28 -54.57 20.52
N LYS D 74 28.99 -55.66 20.30
CA LYS D 74 28.52 -56.97 20.70
C LYS D 74 28.38 -57.06 22.21
N GLN D 75 29.36 -56.50 22.93
CA GLN D 75 29.37 -56.51 24.40
C GLN D 75 28.20 -55.72 24.92
N THR D 76 27.94 -54.59 24.27
CA THR D 76 26.84 -53.68 24.64
C THR D 76 25.51 -54.42 24.61
N VAL D 77 25.30 -55.10 23.50
CA VAL D 77 24.08 -55.87 23.28
C VAL D 77 24.02 -57.09 24.20
N ASP D 78 25.17 -57.72 24.44
CA ASP D 78 25.26 -58.87 25.37
C ASP D 78 24.94 -58.53 26.82
N VAL D 79 25.51 -57.45 27.30
CA VAL D 79 25.36 -57.03 28.70
C VAL D 79 24.00 -56.38 28.92
N PHE D 80 23.66 -55.45 28.05
CA PHE D 80 22.47 -54.61 28.26
C PHE D 80 21.25 -55.01 27.41
N GLY D 81 21.42 -55.96 26.50
CA GLY D 81 20.29 -56.50 25.73
C GLY D 81 20.03 -55.87 24.38
N GLN D 82 20.54 -54.66 24.18
CA GLN D 82 20.26 -53.91 22.95
C GLN D 82 21.12 -52.67 22.91
N VAL D 83 21.07 -51.96 21.79
CA VAL D 83 21.68 -50.62 21.68
C VAL D 83 20.66 -49.71 21.00
N ASP D 84 20.34 -48.62 21.70
CA ASP D 84 19.34 -47.65 21.26
C ASP D 84 19.93 -46.35 20.77
N ILE D 85 21.06 -45.97 21.37
CA ILE D 85 21.72 -44.70 21.11
C ILE D 85 23.23 -44.92 20.92
N LEU D 86 23.77 -44.33 19.85
CA LEU D 86 25.21 -44.23 19.64
C LEU D 86 25.59 -42.76 19.61
N VAL D 87 26.49 -42.35 20.48
CA VAL D 87 27.15 -41.06 20.29
C VAL D 87 28.66 -41.22 20.02
N ASN D 88 29.03 -40.77 18.84
CA ASN D 88 30.41 -40.82 18.34
C ASN D 88 31.15 -39.57 18.77
N ASN D 89 31.88 -39.70 19.88
CA ASN D 89 32.68 -38.60 20.43
C ASN D 89 34.20 -38.84 20.41
N ALA D 90 34.64 -40.06 20.17
CA ALA D 90 36.09 -40.36 20.10
C ALA D 90 36.75 -39.46 19.03
N GLY D 91 37.99 -39.11 19.26
CA GLY D 91 38.72 -38.24 18.35
C GLY D 91 39.95 -37.64 18.99
N VAL D 92 41.03 -37.53 18.23
CA VAL D 92 42.25 -36.82 18.67
C VAL D 92 42.52 -35.60 17.78
N THR D 93 43.34 -34.70 18.29
CA THR D 93 43.92 -33.62 17.46
C THR D 93 45.45 -33.80 17.41
N LYS D 94 46.02 -33.45 16.26
CA LYS D 94 47.46 -33.40 16.04
C LYS D 94 47.73 -32.19 15.16
N ASP D 95 47.72 -31.02 15.77
CA ASP D 95 47.79 -29.76 15.02
C ASP D 95 49.16 -29.51 14.41
N ASN D 96 49.13 -28.84 13.28
CA ASN D 96 50.35 -28.40 12.59
C ASN D 96 49.96 -27.64 11.34
N LEU D 97 50.79 -26.68 10.96
CA LEU D 97 50.64 -26.05 9.66
C LEU D 97 50.77 -27.13 8.59
N LEU D 98 49.94 -27.01 7.57
CA LEU D 98 49.87 -27.97 6.44
C LEU D 98 51.23 -28.43 5.94
N MET D 99 52.13 -27.51 5.66
CA MET D 99 53.40 -27.86 5.05
C MET D 99 54.39 -28.54 6.02
N ARG D 100 54.10 -28.55 7.32
CA ARG D 100 54.90 -29.30 8.31
C ARG D 100 54.18 -30.59 8.73
N MET D 101 52.89 -30.67 8.47
CA MET D 101 52.08 -31.77 8.99
C MET D 101 52.55 -33.11 8.45
N LYS D 102 52.88 -34.02 9.37
CA LYS D 102 53.32 -35.37 9.01
C LYS D 102 52.15 -36.17 8.47
N GLU D 103 52.49 -37.13 7.63
CA GLU D 103 51.52 -38.07 7.06
C GLU D 103 50.84 -38.89 8.15
N GLU D 104 51.61 -39.31 9.16
CA GLU D 104 51.02 -40.07 10.29
C GLU D 104 50.14 -39.22 11.18
N GLU D 105 50.47 -37.94 11.34
CA GLU D 105 49.57 -36.99 12.04
C GLU D 105 48.21 -36.90 11.33
N TRP D 106 48.27 -36.84 10.01
CA TRP D 106 47.09 -36.84 9.16
C TRP D 106 46.30 -38.14 9.33
N ASP D 107 46.97 -39.27 9.19
CA ASP D 107 46.30 -40.59 9.23
C ASP D 107 45.63 -40.84 10.56
N THR D 108 46.35 -40.60 11.64
CA THR D 108 45.81 -40.87 12.98
C THR D 108 44.54 -40.07 13.28
N VAL D 109 44.53 -38.80 12.87
CA VAL D 109 43.36 -37.94 13.08
C VAL D 109 42.18 -38.34 12.19
N ILE D 110 42.47 -38.66 10.94
CA ILE D 110 41.42 -39.09 10.01
C ILE D 110 40.80 -40.40 10.50
N ASN D 111 41.64 -41.37 10.81
CA ASN D 111 41.18 -42.70 11.23
C ASN D 111 40.35 -42.66 12.52
N THR D 112 40.87 -41.93 13.50
CA THR D 112 40.19 -41.81 14.81
C THR D 112 38.88 -41.03 14.72
N ASN D 113 38.94 -39.85 14.09
CA ASN D 113 37.76 -38.94 14.06
C ASN D 113 36.72 -39.21 12.98
N LEU D 114 37.15 -39.72 11.85
CA LEU D 114 36.27 -39.93 10.74
C LEU D 114 35.96 -41.42 10.55
N LYS D 115 36.99 -42.24 10.36
CA LYS D 115 36.79 -43.69 10.15
C LYS D 115 36.07 -44.33 11.35
N GLY D 116 36.35 -43.82 12.54
CA GLY D 116 35.66 -44.30 13.77
C GLY D 116 34.16 -44.14 13.69
N VAL D 117 33.73 -42.99 13.18
CA VAL D 117 32.29 -42.74 12.99
C VAL D 117 31.68 -43.74 12.00
N PHE D 118 32.36 -43.97 10.89
CA PHE D 118 31.95 -44.94 9.90
C PHE D 118 31.79 -46.33 10.55
N LEU D 119 32.86 -46.77 11.16
CA LEU D 119 32.96 -48.11 11.72
C LEU D 119 31.89 -48.35 12.79
N CYS D 120 31.73 -47.40 13.69
CA CYS D 120 30.73 -47.53 14.77
C CYS D 120 29.28 -47.45 14.26
N THR D 121 29.05 -46.57 13.29
CA THR D 121 27.75 -46.44 12.66
C THR D 121 27.39 -47.72 11.93
N LYS D 122 28.35 -48.25 11.18
CA LYS D 122 28.16 -49.53 10.51
C LYS D 122 27.81 -50.67 11.50
N ALA D 123 28.56 -50.73 12.59
CA ALA D 123 28.42 -51.81 13.59
C ALA D 123 27.04 -51.82 14.30
N VAL D 124 26.52 -50.65 14.64
CA VAL D 124 25.23 -50.55 15.34
C VAL D 124 24.00 -50.65 14.41
N SER D 125 24.23 -50.44 13.11
CA SER D 125 23.18 -50.33 12.09
C SER D 125 22.29 -51.55 12.02
N ARG D 126 22.92 -52.71 11.97
CA ARG D 126 22.22 -53.99 11.96
C ARG D 126 21.18 -54.02 13.09
N PHE D 127 21.64 -53.77 14.31
CA PHE D 127 20.79 -53.87 15.49
C PHE D 127 19.65 -52.88 15.45
N MET D 128 19.97 -51.64 15.14
CA MET D 128 18.96 -50.56 15.06
C MET D 128 17.95 -50.74 13.92
N MET D 129 18.43 -51.20 12.79
CA MET D 129 17.57 -51.45 11.62
C MET D 129 16.59 -52.57 11.90
N ARG D 130 17.08 -53.59 12.58
CA ARG D 130 16.25 -54.71 12.94
C ARG D 130 15.13 -54.36 13.91
N GLN D 131 15.50 -53.66 14.98
CA GLN D 131 14.53 -53.23 15.99
C GLN D 131 13.68 -52.06 15.47
N ARG D 132 14.14 -51.42 14.40
CA ARG D 132 13.40 -50.31 13.78
C ARG D 132 13.28 -49.06 14.63
N HIS D 133 14.38 -48.73 15.29
CA HIS D 133 14.51 -47.46 15.97
C HIS D 133 15.95 -47.29 16.36
N GLY D 134 16.32 -46.03 16.53
CA GLY D 134 17.66 -45.69 16.97
C GLY D 134 17.90 -44.21 16.91
N ARG D 135 18.97 -43.81 17.58
CA ARG D 135 19.52 -42.46 17.53
C ARG D 135 21.03 -42.56 17.37
N ILE D 136 21.57 -41.87 16.39
CA ILE D 136 23.01 -41.66 16.30
C ILE D 136 23.27 -40.16 16.38
N VAL D 137 24.13 -39.75 17.28
CA VAL D 137 24.60 -38.37 17.26
C VAL D 137 26.13 -38.31 17.22
N ASN D 138 26.60 -37.57 16.21
CA ASN D 138 28.02 -37.43 15.95
C ASN D 138 28.50 -36.11 16.48
N ILE D 139 29.60 -36.13 17.22
CA ILE D 139 30.19 -34.89 17.70
C ILE D 139 31.23 -34.45 16.67
N ALA D 140 30.93 -33.33 16.03
CA ALA D 140 31.81 -32.79 14.99
C ALA D 140 32.61 -31.62 15.59
N SER D 141 32.65 -30.52 14.85
CA SER D 141 33.26 -29.30 15.32
C SER D 141 32.94 -28.18 14.36
N VAL D 142 32.79 -27.00 14.91
CA VAL D 142 32.44 -25.81 14.16
C VAL D 142 33.57 -25.46 13.13
N VAL D 143 34.78 -25.85 13.48
CA VAL D 143 35.97 -25.75 12.66
C VAL D 143 35.87 -26.59 11.34
N GLY D 144 35.06 -27.65 11.37
CA GLY D 144 34.69 -28.40 10.17
C GLY D 144 33.88 -27.59 9.16
N VAL D 145 33.17 -26.58 9.65
CA VAL D 145 32.32 -25.72 8.82
C VAL D 145 33.09 -24.56 8.18
N THR D 146 34.04 -24.02 8.95
CA THR D 146 34.68 -22.74 8.62
C THR D 146 36.11 -22.88 8.15
N GLY D 147 36.72 -24.01 8.48
CA GLY D 147 38.17 -24.17 8.37
C GLY D 147 38.90 -23.51 9.53
N ASN D 148 40.20 -23.83 9.65
CA ASN D 148 41.03 -23.34 10.75
C ASN D 148 42.52 -23.60 10.46
N PRO D 149 43.34 -22.54 10.44
CA PRO D 149 44.76 -22.62 10.09
C PRO D 149 45.63 -23.75 10.67
N GLY D 150 45.46 -24.15 11.92
CA GLY D 150 46.40 -25.17 12.45
C GLY D 150 46.02 -26.64 12.22
N GLN D 151 44.90 -26.86 11.53
CA GLN D 151 44.12 -28.09 11.73
C GLN D 151 43.56 -28.73 10.48
N ALA D 152 44.35 -28.80 9.42
CA ALA D 152 43.92 -29.39 8.13
C ALA D 152 43.32 -30.78 8.34
N ASN D 153 44.03 -31.59 9.12
CA ASN D 153 43.59 -32.97 9.40
C ASN D 153 42.27 -33.03 10.15
N TYR D 154 42.18 -32.21 11.21
CA TYR D 154 41.01 -32.18 12.09
C TYR D 154 39.78 -31.60 11.39
N VAL D 155 40.01 -30.53 10.64
CA VAL D 155 38.95 -29.85 9.86
C VAL D 155 38.40 -30.81 8.79
N ALA D 156 39.30 -31.46 8.05
CA ALA D 156 38.93 -32.48 7.06
C ALA D 156 38.12 -33.61 7.71
N ALA D 157 38.57 -34.07 8.86
CA ALA D 157 37.89 -35.17 9.57
C ALA D 157 36.48 -34.78 9.99
N LYS D 158 36.36 -33.60 10.58
CA LYS D 158 35.07 -33.12 11.13
C LYS D 158 34.10 -32.67 10.07
N ALA D 159 34.61 -32.06 9.01
CA ALA D 159 33.78 -31.76 7.81
C ALA D 159 33.25 -33.09 7.21
N GLY D 160 34.12 -34.07 7.16
CA GLY D 160 33.74 -35.42 6.69
C GLY D 160 32.65 -36.04 7.54
N VAL D 161 32.78 -35.91 8.86
CA VAL D 161 31.75 -36.39 9.81
C VAL D 161 30.38 -35.76 9.54
N ILE D 162 30.37 -34.47 9.27
CA ILE D 162 29.13 -33.75 8.99
C ILE D 162 28.45 -34.27 7.72
N GLY D 163 29.24 -34.54 6.70
CA GLY D 163 28.74 -35.19 5.47
C GLY D 163 28.29 -36.63 5.70
N LEU D 164 29.08 -37.37 6.46
CA LEU D 164 28.73 -38.78 6.79
C LEU D 164 27.38 -38.89 7.53
N THR D 165 27.16 -37.94 8.42
CA THR D 165 25.89 -37.78 9.14
C THR D 165 24.65 -37.71 8.20
N LYS D 166 24.79 -36.99 7.10
CA LYS D 166 23.73 -36.83 6.12
C LYS D 166 23.47 -38.09 5.31
N THR D 167 24.52 -38.77 4.88
CA THR D 167 24.36 -40.05 4.18
C THR D 167 23.66 -41.09 5.09
N SER D 168 24.09 -41.13 6.34
CA SER D 168 23.55 -42.04 7.35
C SER D 168 22.07 -41.75 7.61
N ALA D 169 21.76 -40.47 7.81
CA ALA D 169 20.39 -40.00 8.01
C ALA D 169 19.50 -40.52 6.90
N LYS D 170 19.97 -40.35 5.67
CA LYS D 170 19.23 -40.74 4.48
C LYS D 170 19.06 -42.26 4.34
N GLU D 171 20.10 -43.01 4.65
CA GLU D 171 20.07 -44.48 4.53
C GLU D 171 19.21 -45.15 5.58
N LEU D 172 19.15 -44.55 6.76
CA LEU D 172 18.57 -45.18 7.95
C LEU D 172 17.18 -44.68 8.30
N ALA D 173 16.70 -43.69 7.57
CA ALA D 173 15.44 -43.02 7.88
C ALA D 173 14.26 -43.96 7.78
N SER D 174 14.30 -44.88 6.82
CA SER D 174 13.15 -45.78 6.59
C SER D 174 12.85 -46.67 7.81
N ARG D 175 13.81 -46.75 8.74
CA ARG D 175 13.71 -47.59 9.92
C ARG D 175 13.61 -46.80 11.22
N ASN D 176 13.17 -45.55 11.13
CA ASN D 176 12.96 -44.69 12.30
C ASN D 176 14.22 -44.43 13.09
N ILE D 177 15.34 -44.43 12.38
CA ILE D 177 16.64 -44.09 12.98
C ILE D 177 16.92 -42.68 12.51
N THR D 178 17.17 -41.77 13.47
CA THR D 178 17.65 -40.41 13.14
C THR D 178 19.16 -40.32 13.40
N VAL D 179 19.83 -39.50 12.59
CA VAL D 179 21.27 -39.30 12.67
C VAL D 179 21.53 -37.81 12.51
N ASN D 180 22.12 -37.22 13.55
CA ASN D 180 22.40 -35.79 13.60
C ASN D 180 23.80 -35.56 14.17
N ALA D 181 24.28 -34.35 14.01
CA ALA D 181 25.60 -33.95 14.47
C ALA D 181 25.49 -32.72 15.37
N ILE D 182 26.33 -32.70 16.39
CA ILE D 182 26.59 -31.50 17.18
C ILE D 182 28.00 -31.01 16.88
N ALA D 183 28.11 -29.72 16.55
CA ALA D 183 29.38 -29.07 16.26
C ALA D 183 29.70 -28.12 17.41
N PRO D 184 30.51 -28.57 18.36
CA PRO D 184 30.99 -27.69 19.40
C PRO D 184 31.91 -26.57 18.89
N GLY D 185 31.84 -25.44 19.58
CA GLY D 185 32.81 -24.37 19.41
C GLY D 185 33.97 -24.56 20.37
N PHE D 186 34.32 -23.51 21.08
CA PHE D 186 35.39 -23.55 22.07
C PHE D 186 34.80 -23.83 23.45
N ILE D 187 35.00 -25.06 23.90
CA ILE D 187 34.48 -25.55 25.17
C ILE D 187 35.66 -25.71 26.14
N ALA D 188 35.48 -25.26 27.37
CA ALA D 188 36.53 -25.24 28.40
C ALA D 188 37.30 -26.58 28.59
N THR D 189 36.59 -27.70 28.67
CA THR D 189 37.25 -29.00 28.88
C THR D 189 38.20 -29.36 27.72
N ASP D 190 37.81 -29.04 26.49
CA ASP D 190 38.64 -29.34 25.31
C ASP D 190 39.72 -28.28 25.00
N MET D 191 40.07 -27.45 25.99
CA MET D 191 41.01 -26.33 25.80
C MET D 191 42.12 -26.37 26.84
N THR D 192 42.50 -27.58 27.25
CA THR D 192 43.46 -27.77 28.34
C THR D 192 44.87 -27.39 27.87
N ASP D 193 45.19 -27.77 26.63
CA ASP D 193 46.45 -27.39 25.97
C ASP D 193 46.62 -25.87 25.87
N VAL D 194 45.51 -25.20 25.55
CA VAL D 194 45.47 -23.75 25.42
C VAL D 194 45.54 -23.09 26.81
N LEU D 195 46.77 -22.82 27.25
CA LEU D 195 47.04 -21.94 28.40
C LEU D 195 47.84 -20.69 27.96
N ASP D 196 48.04 -20.55 26.64
CA ASP D 196 48.61 -19.34 26.05
C ASP D 196 47.49 -18.30 25.99
N GLU D 197 47.58 -17.30 26.86
CA GLU D 197 46.49 -16.35 27.06
C GLU D 197 46.24 -15.38 25.90
N ASN D 198 47.19 -15.27 24.97
CA ASN D 198 46.98 -14.48 23.75
C ASN D 198 46.22 -15.19 22.64
N ILE D 199 46.38 -16.51 22.57
CA ILE D 199 45.55 -17.33 21.70
C ILE D 199 44.10 -17.34 22.24
N LYS D 200 43.97 -17.55 23.56
CA LYS D 200 42.67 -17.54 24.25
C LYS D 200 41.88 -16.27 24.00
N ALA D 201 42.47 -15.12 24.31
CA ALA D 201 41.78 -13.82 24.24
C ALA D 201 41.32 -13.45 22.84
N GLU D 202 42.01 -13.94 21.81
CA GLU D 202 41.67 -13.64 20.42
C GLU D 202 40.63 -14.62 19.91
N MET D 203 40.68 -15.84 20.43
CA MET D 203 39.60 -16.81 20.28
C MET D 203 38.30 -16.25 20.90
N LEU D 204 38.42 -15.74 22.11
CA LEU D 204 37.27 -15.21 22.86
C LEU D 204 36.59 -14.06 22.14
N LYS D 205 37.39 -13.23 21.47
CA LYS D 205 36.87 -12.14 20.62
C LYS D 205 35.96 -12.64 19.48
N LEU D 206 36.21 -13.86 19.04
CA LEU D 206 35.42 -14.49 17.98
C LEU D 206 34.00 -14.98 18.40
N ILE D 207 33.74 -14.98 19.71
CA ILE D 207 32.51 -15.53 20.28
C ILE D 207 31.65 -14.37 20.78
N PRO D 208 30.47 -14.15 20.18
CA PRO D 208 29.51 -13.15 20.68
C PRO D 208 29.08 -13.33 22.15
N ALA D 209 28.96 -14.57 22.59
CA ALA D 209 28.69 -14.89 24.01
C ALA D 209 29.79 -14.39 24.92
N ALA D 210 30.98 -14.16 24.36
CA ALA D 210 32.15 -13.58 25.07
C ALA D 210 32.65 -14.49 26.20
N GLN D 211 32.48 -15.78 26.02
CA GLN D 211 32.91 -16.76 27.01
C GLN D 211 33.01 -18.11 26.33
N PHE D 212 33.85 -18.99 26.89
CA PHE D 212 33.94 -20.37 26.42
C PHE D 212 32.79 -21.19 26.99
N GLY D 213 32.44 -22.24 26.27
CA GLY D 213 31.33 -23.09 26.68
C GLY D 213 31.76 -24.09 27.73
N GLU D 214 30.80 -24.88 28.17
CA GLU D 214 31.08 -25.92 29.13
C GLU D 214 30.60 -27.26 28.55
N ALA D 215 31.16 -28.35 29.06
CA ALA D 215 30.87 -29.69 28.52
C ALA D 215 29.36 -29.99 28.54
N GLN D 216 28.70 -29.51 29.58
CA GLN D 216 27.27 -29.70 29.79
C GLN D 216 26.43 -29.08 28.67
N ASP D 217 26.94 -28.03 28.04
CA ASP D 217 26.24 -27.41 26.91
C ASP D 217 26.10 -28.40 25.76
N ILE D 218 27.13 -29.19 25.55
CA ILE D 218 27.12 -30.21 24.50
C ILE D 218 26.22 -31.38 24.90
N ALA D 219 26.31 -31.79 26.16
CA ALA D 219 25.43 -32.84 26.71
C ALA D 219 23.95 -32.49 26.53
N ASN D 220 23.55 -31.26 26.82
CA ASN D 220 22.14 -30.85 26.71
C ASN D 220 21.60 -31.01 25.27
N ALA D 221 22.47 -30.73 24.32
CA ALA D 221 22.13 -30.80 22.91
C ALA D 221 22.05 -32.25 22.45
N VAL D 222 23.00 -33.06 22.91
CA VAL D 222 23.04 -34.49 22.57
C VAL D 222 21.79 -35.20 23.08
N THR D 223 21.44 -34.90 24.33
CA THR D 223 20.29 -35.49 24.99
C THR D 223 19.01 -35.13 24.27
N PHE D 224 18.93 -33.91 23.77
CA PHE D 224 17.76 -33.44 22.99
C PHE D 224 17.57 -34.25 21.70
N PHE D 225 18.66 -34.48 21.00
CA PHE D 225 18.66 -35.32 19.81
C PHE D 225 18.37 -36.79 20.11
N ALA D 226 18.86 -37.28 21.25
CA ALA D 226 18.72 -38.68 21.62
C ALA D 226 17.30 -39.02 22.05
N SER D 227 16.50 -38.00 22.27
CA SER D 227 15.17 -38.18 22.82
C SER D 227 14.15 -38.47 21.72
N ASP D 228 13.09 -39.15 22.12
CA ASP D 228 11.98 -39.54 21.24
C ASP D 228 11.30 -38.34 20.61
N GLN D 229 11.33 -37.22 21.31
CA GLN D 229 10.56 -36.07 20.89
C GLN D 229 11.16 -35.40 19.66
N SER D 230 12.47 -35.51 19.49
CA SER D 230 13.18 -34.92 18.33
C SER D 230 13.12 -35.83 17.07
N LYS D 231 12.12 -36.71 17.02
CA LYS D 231 11.97 -37.72 15.94
C LYS D 231 11.94 -37.19 14.51
N TYR D 232 11.51 -35.94 14.35
CA TYR D 232 11.41 -35.35 13.02
C TYR D 232 12.64 -34.52 12.59
N ILE D 233 13.71 -34.65 13.35
CA ILE D 233 14.97 -33.98 13.05
C ILE D 233 16.00 -35.02 12.65
N THR D 234 16.47 -34.92 11.41
CA THR D 234 17.49 -35.84 10.93
C THR D 234 18.39 -35.21 9.87
N GLY D 235 19.66 -35.59 9.92
CA GLY D 235 20.68 -35.13 8.99
C GLY D 235 21.18 -33.72 9.26
N GLN D 236 20.88 -33.23 10.45
CA GLN D 236 21.17 -31.84 10.81
C GLN D 236 22.42 -31.71 11.67
N THR D 237 23.06 -30.55 11.57
CA THR D 237 24.19 -30.17 12.41
C THR D 237 23.80 -28.93 13.20
N LEU D 238 23.93 -29.04 14.52
CA LEU D 238 23.65 -27.92 15.42
C LEU D 238 24.94 -27.43 16.04
N ASN D 239 25.29 -26.17 15.76
CA ASN D 239 26.45 -25.51 16.34
C ASN D 239 26.15 -25.07 17.74
N VAL D 240 26.97 -25.53 18.68
CA VAL D 240 26.89 -25.11 20.07
C VAL D 240 28.19 -24.37 20.36
N ASP D 241 28.15 -23.05 20.17
CA ASP D 241 29.38 -22.26 20.03
C ASP D 241 29.35 -20.82 20.47
N GLY D 242 28.31 -20.42 21.20
CA GLY D 242 28.17 -19.03 21.67
C GLY D 242 28.00 -17.98 20.58
N GLY D 243 27.65 -18.45 19.40
CA GLY D 243 27.39 -17.62 18.22
C GLY D 243 28.58 -17.45 17.30
N MET D 244 29.60 -18.25 17.52
CA MET D 244 30.86 -18.05 16.83
C MET D 244 30.71 -18.28 15.32
N VAL D 245 30.01 -19.34 14.96
CA VAL D 245 29.70 -19.66 13.59
C VAL D 245 28.20 -19.64 13.37
N MET D 246 27.78 -18.66 12.56
CA MET D 246 26.39 -18.45 12.19
C MET D 246 26.19 -18.63 10.67
N MET E 1 0.44 34.61 7.37
CA MET E 1 1.86 34.74 7.76
C MET E 1 2.29 33.75 8.86
N LEU E 2 1.69 32.57 8.80
CA LEU E 2 2.27 31.22 9.17
C LEU E 2 3.64 31.05 9.90
N LYS E 3 4.08 32.07 10.61
CA LYS E 3 5.30 32.00 11.41
C LYS E 3 5.24 30.95 12.51
N GLY E 4 6.26 30.11 12.56
CA GLY E 4 6.31 29.00 13.54
C GLY E 4 5.41 27.80 13.28
N LYS E 5 4.61 27.84 12.22
CA LYS E 5 3.70 26.73 11.86
C LYS E 5 4.48 25.59 11.19
N VAL E 6 3.99 24.36 11.35
CA VAL E 6 4.54 23.28 10.54
C VAL E 6 3.42 22.63 9.72
N ALA E 7 3.71 22.48 8.42
CA ALA E 7 2.76 22.00 7.45
C ALA E 7 3.21 20.65 6.87
N LEU E 8 2.28 19.70 6.82
CA LEU E 8 2.45 18.44 6.08
C LEU E 8 1.61 18.50 4.79
N VAL E 9 2.29 18.47 3.65
CA VAL E 9 1.64 18.49 2.36
C VAL E 9 1.87 17.15 1.67
N THR E 10 0.79 16.44 1.38
CA THR E 10 0.85 15.17 0.66
C THR E 10 0.88 15.41 -0.86
N GLY E 11 1.60 14.58 -1.59
CA GLY E 11 1.80 14.82 -3.02
C GLY E 11 2.36 16.21 -3.34
N ALA E 12 3.49 16.53 -2.72
CA ALA E 12 4.09 17.86 -2.74
C ALA E 12 5.27 18.02 -3.67
N SER E 13 5.61 16.99 -4.43
CA SER E 13 6.86 16.99 -5.22
C SER E 13 6.77 17.74 -6.55
N ARG E 14 5.56 18.04 -6.99
CA ARG E 14 5.37 18.85 -8.19
C ARG E 14 3.98 19.48 -8.35
N GLY E 15 3.88 20.30 -9.39
CA GLY E 15 2.62 20.93 -9.81
C GLY E 15 1.98 21.73 -8.70
N ILE E 16 0.72 21.43 -8.46
CA ILE E 16 -0.08 22.11 -7.44
C ILE E 16 0.52 21.89 -6.05
N GLY E 17 0.82 20.65 -5.75
CA GLY E 17 1.30 20.29 -4.42
C GLY E 17 2.59 20.99 -4.09
N ARG E 18 3.44 21.10 -5.10
CA ARG E 18 4.73 21.78 -4.96
C ARG E 18 4.58 23.30 -4.72
N ALA E 19 3.69 23.92 -5.52
CA ALA E 19 3.38 25.35 -5.37
C ALA E 19 2.82 25.63 -3.96
N ILE E 20 2.01 24.71 -3.47
CA ILE E 20 1.43 24.83 -2.13
C ILE E 20 2.53 24.82 -1.07
N ALA E 21 3.39 23.84 -1.18
CA ALA E 21 4.49 23.64 -0.25
C ALA E 21 5.35 24.89 -0.18
N ILE E 22 5.71 25.37 -1.35
CA ILE E 22 6.57 26.54 -1.46
C ILE E 22 5.91 27.82 -0.89
N ASP E 23 4.62 27.98 -1.14
CA ASP E 23 3.91 29.19 -0.70
C ASP E 23 3.73 29.22 0.82
N LEU E 24 3.35 28.08 1.38
CA LEU E 24 3.33 27.90 2.86
C LEU E 24 4.70 28.27 3.49
N ALA E 25 5.78 27.78 2.90
CA ALA E 25 7.13 28.07 3.39
C ALA E 25 7.44 29.55 3.28
N LYS E 26 6.97 30.13 2.22
CA LYS E 26 7.13 31.58 1.97
C LYS E 26 6.50 32.43 3.08
N GLN E 27 5.39 31.94 3.61
CA GLN E 27 4.69 32.58 4.73
C GLN E 27 5.26 32.22 6.11
N GLY E 28 6.32 31.42 6.13
CA GLY E 28 7.06 31.13 7.35
C GLY E 28 6.94 29.71 7.90
N ALA E 29 6.13 28.86 7.25
CA ALA E 29 5.96 27.47 7.72
C ALA E 29 7.19 26.61 7.44
N ASN E 30 7.45 25.66 8.34
CA ASN E 30 8.34 24.53 8.07
C ASN E 30 7.47 23.50 7.39
N VAL E 31 8.00 22.83 6.38
CA VAL E 31 7.18 21.98 5.53
C VAL E 31 7.73 20.57 5.41
N VAL E 32 6.82 19.60 5.55
CA VAL E 32 7.09 18.22 5.20
C VAL E 32 6.54 17.96 3.80
N VAL E 33 7.45 17.69 2.88
CA VAL E 33 7.17 17.41 1.49
C VAL E 33 7.00 15.90 1.29
N ASN E 34 5.76 15.45 1.24
CA ASN E 34 5.50 14.02 1.00
C ASN E 34 5.52 13.68 -0.49
N TYR E 35 6.00 12.47 -0.78
CA TYR E 35 6.02 11.92 -2.12
C TYR E 35 5.84 10.41 -2.07
N ALA E 36 5.39 9.84 -3.17
CA ALA E 36 5.17 8.40 -3.28
C ALA E 36 6.38 7.76 -3.90
N GLY E 37 7.02 8.50 -4.81
CA GLY E 37 8.07 7.95 -5.66
C GLY E 37 9.36 8.72 -5.87
N ASN E 38 9.34 9.76 -6.71
CA ASN E 38 10.61 10.32 -7.27
C ASN E 38 11.28 11.20 -6.23
N GLU E 39 12.26 10.65 -5.53
CA GLU E 39 12.85 11.35 -4.41
C GLU E 39 13.54 12.63 -4.88
N GLN E 40 14.05 12.60 -6.10
CA GLN E 40 14.79 13.70 -6.71
C GLN E 40 13.93 14.97 -6.85
N LYS E 41 12.65 14.84 -7.26
CA LYS E 41 11.77 15.99 -7.36
C LYS E 41 11.39 16.54 -5.98
N ALA E 42 11.10 15.64 -5.05
CA ALA E 42 10.80 16.04 -3.67
C ALA E 42 11.97 16.77 -3.04
N ASN E 43 13.17 16.27 -3.32
CA ASN E 43 14.41 16.91 -2.84
C ASN E 43 14.61 18.32 -3.41
N GLU E 44 14.17 18.53 -4.64
CA GLU E 44 14.25 19.85 -5.27
C GLU E 44 13.35 20.86 -4.56
N VAL E 45 12.16 20.42 -4.23
CA VAL E 45 11.20 21.26 -3.50
C VAL E 45 11.77 21.61 -2.12
N VAL E 46 12.33 20.62 -1.45
CA VAL E 46 12.98 20.84 -0.16
C VAL E 46 14.09 21.90 -0.28
N ASP E 47 14.92 21.75 -1.30
CA ASP E 47 16.05 22.68 -1.56
C ASP E 47 15.57 24.11 -1.77
N GLU E 48 14.47 24.24 -2.47
CA GLU E 48 13.88 25.55 -2.74
C GLU E 48 13.31 26.22 -1.49
N ILE E 49 12.71 25.41 -0.63
CA ILE E 49 12.17 25.88 0.64
C ILE E 49 13.29 26.37 1.55
N LYS E 50 14.40 25.64 1.57
CA LYS E 50 15.54 26.04 2.39
C LYS E 50 16.14 27.36 1.88
N LYS E 51 16.22 27.48 0.57
CA LYS E 51 16.71 28.70 -0.10
C LYS E 51 15.98 29.95 0.36
N LEU E 52 14.67 29.82 0.53
CA LEU E 52 13.86 30.98 0.95
C LEU E 52 13.76 31.15 2.47
N GLY E 53 14.61 30.44 3.21
CA GLY E 53 14.79 30.73 4.63
C GLY E 53 14.03 29.84 5.58
N SER E 54 13.20 28.96 5.05
CA SER E 54 12.46 28.04 5.90
C SER E 54 13.16 26.68 5.98
N ASP E 55 12.55 25.73 6.67
CA ASP E 55 13.08 24.36 6.77
C ASP E 55 12.10 23.36 6.21
N ALA E 56 12.64 22.25 5.71
CA ALA E 56 11.79 21.21 5.13
C ALA E 56 12.49 19.86 5.11
N ILE E 57 11.68 18.80 5.07
CA ILE E 57 12.18 17.45 4.81
C ILE E 57 11.28 16.78 3.77
N ALA E 58 11.83 15.82 3.04
CA ALA E 58 11.06 14.97 2.11
C ALA E 58 10.77 13.63 2.79
N VAL E 59 9.51 13.22 2.79
CA VAL E 59 9.10 11.94 3.39
C VAL E 59 8.30 11.09 2.41
N ARG E 60 8.82 9.90 2.14
CA ARG E 60 8.12 8.91 1.33
C ARG E 60 6.97 8.26 2.12
N ALA E 61 5.80 8.20 1.49
CA ALA E 61 4.59 7.63 2.07
C ALA E 61 3.56 7.46 0.98
N ASP E 62 3.02 6.24 0.92
CA ASP E 62 1.80 5.91 0.21
C ASP E 62 0.61 6.25 1.13
N VAL E 63 -0.16 7.27 0.74
CA VAL E 63 -1.26 7.77 1.58
C VAL E 63 -2.44 6.77 1.73
N ALA E 64 -2.47 5.77 0.86
CA ALA E 64 -3.44 4.66 0.98
C ALA E 64 -3.01 3.58 1.95
N ASN E 65 -1.82 3.73 2.52
CA ASN E 65 -1.21 2.75 3.42
C ASN E 65 -1.15 3.31 4.84
N ALA E 66 -1.90 2.66 5.72
CA ALA E 66 -2.10 3.13 7.09
C ALA E 66 -0.80 3.30 7.85
N GLU E 67 0.07 2.32 7.74
CA GLU E 67 1.32 2.39 8.48
C GLU E 67 2.22 3.49 7.95
N ASP E 68 2.27 3.66 6.61
CA ASP E 68 3.05 4.72 5.98
C ASP E 68 2.62 6.08 6.51
N VAL E 69 1.32 6.28 6.54
CA VAL E 69 0.71 7.52 7.01
C VAL E 69 1.02 7.79 8.50
N THR E 70 0.92 6.75 9.30
CA THR E 70 1.19 6.88 10.72
C THR E 70 2.64 7.30 10.94
N ASN E 71 3.55 6.68 10.19
CA ASN E 71 4.96 6.94 10.36
C ASN E 71 5.34 8.30 9.79
N MET E 72 4.59 8.75 8.80
CA MET E 72 4.84 10.06 8.23
C MET E 72 4.49 11.19 9.20
N VAL E 73 3.32 11.08 9.81
CA VAL E 73 2.89 12.06 10.80
C VAL E 73 3.86 12.05 11.97
N LYS E 74 4.30 10.87 12.37
CA LYS E 74 5.19 10.71 13.50
C LYS E 74 6.57 11.35 13.25
N GLN E 75 7.01 11.28 12.02
CA GLN E 75 8.26 11.89 11.61
C GLN E 75 8.18 13.42 11.57
N THR E 76 7.03 13.92 11.16
CA THR E 76 6.74 15.34 11.17
C THR E 76 6.89 15.91 12.59
N VAL E 77 6.19 15.28 13.52
CA VAL E 77 6.16 15.71 14.91
C VAL E 77 7.53 15.52 15.56
N ASP E 78 8.22 14.45 15.18
CA ASP E 78 9.56 14.17 15.70
C ASP E 78 10.61 15.17 15.25
N VAL E 79 10.62 15.47 13.97
CA VAL E 79 11.59 16.42 13.41
C VAL E 79 11.22 17.87 13.72
N PHE E 80 9.96 18.23 13.52
CA PHE E 80 9.54 19.65 13.62
C PHE E 80 8.79 20.02 14.90
N GLY E 81 8.52 19.03 15.75
CA GLY E 81 7.93 19.27 17.07
C GLY E 81 6.41 19.19 17.14
N GLN E 82 5.73 19.36 16.01
CA GLN E 82 4.28 19.43 15.99
C GLN E 82 3.80 19.36 14.56
N VAL E 83 2.50 19.28 14.39
CA VAL E 83 1.85 19.49 13.09
C VAL E 83 0.67 20.47 13.25
N ASP E 84 0.72 21.56 12.49
CA ASP E 84 -0.28 22.62 12.57
C ASP E 84 -1.23 22.60 11.37
N ILE E 85 -0.70 22.22 10.20
CA ILE E 85 -1.42 22.28 8.92
C ILE E 85 -1.26 20.98 8.13
N LEU E 86 -2.39 20.41 7.70
CA LEU E 86 -2.37 19.28 6.78
C LEU E 86 -3.02 19.71 5.48
N VAL E 87 -2.29 19.59 4.38
CA VAL E 87 -2.96 19.67 3.07
C VAL E 87 -2.86 18.35 2.31
N ASN E 88 -4.04 17.80 2.07
CA ASN E 88 -4.22 16.55 1.38
C ASN E 88 -4.31 16.82 -0.11
N ASN E 89 -3.19 16.65 -0.79
CA ASN E 89 -3.13 16.85 -2.26
C ASN E 89 -2.80 15.58 -3.04
N ALA E 90 -2.34 14.51 -2.38
CA ALA E 90 -2.04 13.24 -3.06
C ALA E 90 -3.26 12.73 -3.83
N GLY E 91 -3.02 12.07 -4.96
CA GLY E 91 -4.09 11.62 -5.83
C GLY E 91 -3.64 11.27 -7.23
N VAL E 92 -4.17 10.19 -7.79
CA VAL E 92 -3.93 9.82 -9.18
C VAL E 92 -5.23 9.87 -9.98
N THR E 93 -5.11 9.94 -11.31
CA THR E 93 -6.23 9.71 -12.21
C THR E 93 -5.96 8.45 -13.04
N LYS E 94 -7.02 7.73 -13.36
CA LYS E 94 -6.99 6.56 -14.26
C LYS E 94 -8.28 6.61 -15.05
N ASP E 95 -8.29 7.43 -16.08
CA ASP E 95 -9.51 7.73 -16.81
C ASP E 95 -9.95 6.59 -17.74
N ASN E 96 -11.26 6.46 -17.85
CA ASN E 96 -11.87 5.49 -18.76
C ASN E 96 -13.37 5.69 -18.73
N LEU E 97 -14.03 5.35 -19.82
CA LEU E 97 -15.48 5.25 -19.84
C LEU E 97 -15.89 4.13 -18.87
N LEU E 98 -16.96 4.39 -18.14
CA LEU E 98 -17.50 3.51 -17.09
C LEU E 98 -17.52 2.03 -17.46
N MET E 99 -18.13 1.64 -18.56
CA MET E 99 -18.16 0.21 -18.87
C MET E 99 -16.82 -0.32 -19.33
N ARG E 100 -15.87 0.55 -19.63
CA ARG E 100 -14.48 0.14 -19.92
C ARG E 100 -13.53 0.16 -18.72
N MET E 101 -13.95 0.79 -17.64
CA MET E 101 -13.11 0.97 -16.47
C MET E 101 -12.87 -0.31 -15.65
N LYS E 102 -11.59 -0.65 -15.46
CA LYS E 102 -11.19 -1.82 -14.68
C LYS E 102 -11.43 -1.58 -13.19
N GLU E 103 -11.68 -2.66 -12.49
CA GLU E 103 -11.91 -2.65 -11.04
C GLU E 103 -10.68 -2.13 -10.31
N GLU E 104 -9.48 -2.50 -10.78
CA GLU E 104 -8.25 -1.95 -10.15
C GLU E 104 -8.09 -0.46 -10.43
N GLU E 105 -8.46 0.01 -11.61
CA GLU E 105 -8.41 1.46 -11.91
C GLU E 105 -9.31 2.22 -10.92
N TRP E 106 -10.47 1.65 -10.64
CA TRP E 106 -11.41 2.18 -9.66
C TRP E 106 -10.78 2.20 -8.25
N ASP E 107 -10.27 1.06 -7.82
CA ASP E 107 -9.72 0.90 -6.48
C ASP E 107 -8.54 1.84 -6.21
N THR E 108 -7.59 1.86 -7.13
CA THR E 108 -6.39 2.68 -6.97
C THR E 108 -6.76 4.19 -6.81
N VAL E 109 -7.68 4.66 -7.63
CA VAL E 109 -8.10 6.07 -7.56
C VAL E 109 -8.85 6.38 -6.24
N ILE E 110 -9.74 5.48 -5.85
CA ILE E 110 -10.52 5.68 -4.62
C ILE E 110 -9.61 5.67 -3.39
N ASN E 111 -8.72 4.69 -3.34
CA ASN E 111 -7.80 4.53 -2.21
C ASN E 111 -6.82 5.68 -2.08
N THR E 112 -6.22 6.08 -3.18
CA THR E 112 -5.25 7.20 -3.16
C THR E 112 -5.91 8.55 -2.87
N ASN E 113 -6.98 8.86 -3.60
CA ASN E 113 -7.62 10.19 -3.51
C ASN E 113 -8.58 10.36 -2.33
N LEU E 114 -9.30 9.30 -1.97
CA LEU E 114 -10.32 9.42 -0.95
C LEU E 114 -9.87 8.81 0.38
N LYS E 115 -9.45 7.56 0.33
CA LYS E 115 -8.99 6.88 1.56
C LYS E 115 -7.77 7.56 2.17
N GLY E 116 -6.89 8.10 1.32
CA GLY E 116 -5.74 8.89 1.77
C GLY E 116 -6.14 10.09 2.62
N VAL E 117 -7.19 10.79 2.21
CA VAL E 117 -7.69 11.92 3.00
C VAL E 117 -8.18 11.47 4.37
N PHE E 118 -8.95 10.39 4.38
CA PHE E 118 -9.41 9.76 5.61
C PHE E 118 -8.24 9.44 6.54
N LEU E 119 -7.30 8.67 6.02
CA LEU E 119 -6.16 8.16 6.77
C LEU E 119 -5.34 9.33 7.37
N CYS E 120 -5.03 10.31 6.55
CA CYS E 120 -4.16 11.44 6.97
C CYS E 120 -4.84 12.36 7.98
N THR E 121 -6.12 12.58 7.76
CA THR E 121 -6.96 13.35 8.66
C THR E 121 -7.02 12.64 10.02
N LYS E 122 -7.34 11.37 10.01
CA LYS E 122 -7.34 10.57 11.22
C LYS E 122 -5.98 10.67 11.96
N ALA E 123 -4.88 10.52 11.24
CA ALA E 123 -3.54 10.50 11.82
C ALA E 123 -3.13 11.81 12.48
N VAL E 124 -3.47 12.94 11.89
CA VAL E 124 -3.09 14.25 12.46
C VAL E 124 -4.01 14.75 13.55
N SER E 125 -5.24 14.24 13.48
CA SER E 125 -6.35 14.46 14.40
C SER E 125 -5.98 14.59 15.90
N ARG E 126 -5.34 13.56 16.43
CA ARG E 126 -5.10 13.57 17.87
C ARG E 126 -4.04 14.62 18.27
N PHE E 127 -3.15 14.95 17.35
CA PHE E 127 -2.13 15.98 17.59
C PHE E 127 -2.77 17.35 17.62
N MET E 128 -3.63 17.59 16.65
CA MET E 128 -4.35 18.87 16.56
C MET E 128 -5.42 19.07 17.65
N MET E 129 -6.15 18.01 17.96
CA MET E 129 -7.14 18.05 19.03
C MET E 129 -6.51 18.34 20.37
N ARG E 130 -5.39 17.69 20.62
CA ARG E 130 -4.69 17.89 21.88
C ARG E 130 -4.19 19.31 22.05
N GLN E 131 -3.54 19.84 21.02
CA GLN E 131 -3.02 21.23 21.05
C GLN E 131 -4.14 22.26 20.90
N ARG E 132 -5.31 21.79 20.48
CA ARG E 132 -6.47 22.67 20.30
C ARG E 132 -6.34 23.73 19.20
N HIS E 133 -5.75 23.33 18.10
CA HIS E 133 -5.74 24.14 16.91
C HIS E 133 -5.25 23.29 15.74
N GLY E 134 -5.63 23.72 14.56
CA GLY E 134 -5.20 23.09 13.36
C GLY E 134 -5.94 23.58 12.15
N ARG E 135 -5.35 23.28 11.01
CA ARG E 135 -5.93 23.57 9.71
C ARG E 135 -5.76 22.34 8.86
N ILE E 136 -6.86 21.85 8.29
CA ILE E 136 -6.81 20.81 7.26
C ILE E 136 -7.42 21.38 6.01
N VAL E 137 -6.68 21.31 4.90
CA VAL E 137 -7.27 21.66 3.62
C VAL E 137 -7.11 20.52 2.61
N ASN E 138 -8.24 20.13 2.06
CA ASN E 138 -8.30 19.03 1.13
C ASN E 138 -8.42 19.55 -0.28
N ILE E 139 -7.59 19.03 -1.18
CA ILE E 139 -7.64 19.43 -2.60
C ILE E 139 -8.57 18.47 -3.33
N ALA E 140 -9.72 18.98 -3.75
CA ALA E 140 -10.72 18.19 -4.43
C ALA E 140 -10.63 18.41 -5.96
N SER E 141 -11.76 18.62 -6.57
CA SER E 141 -11.82 19.02 -7.96
C SER E 141 -13.24 19.43 -8.25
N VAL E 142 -13.35 20.37 -9.17
CA VAL E 142 -14.62 20.93 -9.62
C VAL E 142 -15.48 19.83 -10.30
N VAL E 143 -14.79 18.87 -10.87
CA VAL E 143 -15.35 17.66 -11.48
C VAL E 143 -16.14 16.79 -10.47
N GLY E 144 -15.73 16.85 -9.20
CA GLY E 144 -16.49 16.27 -8.09
C GLY E 144 -17.86 16.89 -7.84
N VAL E 145 -18.04 18.12 -8.28
CA VAL E 145 -19.30 18.86 -8.12
C VAL E 145 -20.26 18.64 -9.31
N THR E 146 -19.71 18.53 -10.50
CA THR E 146 -20.50 18.53 -11.76
C THR E 146 -20.61 17.16 -12.43
N GLY E 147 -19.69 16.26 -12.07
CA GLY E 147 -19.46 15.04 -12.86
C GLY E 147 -18.67 15.30 -14.15
N ASN E 148 -18.22 14.23 -14.77
CA ASN E 148 -17.35 14.33 -15.96
C ASN E 148 -17.21 12.96 -16.61
N PRO E 149 -17.61 12.85 -17.90
CA PRO E 149 -17.66 11.60 -18.65
C PRO E 149 -16.46 10.62 -18.54
N GLY E 150 -15.22 11.07 -18.52
CA GLY E 150 -14.17 10.03 -18.50
C GLY E 150 -13.74 9.47 -17.15
N GLN E 151 -14.42 9.91 -16.09
CA GLN E 151 -13.77 9.95 -14.76
C GLN E 151 -14.66 9.52 -13.58
N ALA E 152 -15.40 8.45 -13.77
CA ALA E 152 -16.31 7.95 -12.75
C ALA E 152 -15.58 7.76 -11.42
N ASN E 153 -14.39 7.17 -11.49
CA ASN E 153 -13.56 6.91 -10.29
C ASN E 153 -13.10 8.19 -9.61
N TYR E 154 -12.59 9.11 -10.43
CA TYR E 154 -12.02 10.35 -9.94
C TYR E 154 -13.09 11.27 -9.40
N VAL E 155 -14.21 11.35 -10.10
CA VAL E 155 -15.37 12.16 -9.69
C VAL E 155 -15.95 11.67 -8.34
N ALA E 156 -16.14 10.35 -8.26
CA ALA E 156 -16.61 9.71 -7.03
C ALA E 156 -15.67 9.99 -5.87
N ALA E 157 -14.35 9.88 -6.13
CA ALA E 157 -13.34 10.14 -5.08
C ALA E 157 -13.40 11.58 -4.60
N LYS E 158 -13.38 12.50 -5.54
CA LYS E 158 -13.34 13.95 -5.19
C LYS E 158 -14.65 14.49 -4.62
N ALA E 159 -15.78 13.98 -5.11
CA ALA E 159 -17.09 14.24 -4.51
C ALA E 159 -17.12 13.73 -3.06
N GLY E 160 -16.58 12.54 -2.87
CA GLY E 160 -16.39 11.96 -1.53
C GLY E 160 -15.57 12.81 -0.59
N VAL E 161 -14.48 13.36 -1.09
CA VAL E 161 -13.57 14.24 -0.31
C VAL E 161 -14.30 15.47 0.18
N ILE E 162 -15.14 16.03 -0.69
CA ILE E 162 -15.91 17.24 -0.36
C ILE E 162 -16.88 16.96 0.80
N GLY E 163 -17.49 15.78 0.76
CA GLY E 163 -18.33 15.30 1.86
C GLY E 163 -17.57 15.01 3.15
N LEU E 164 -16.42 14.36 2.99
CA LEU E 164 -15.53 14.03 4.12
C LEU E 164 -15.03 15.29 4.85
N THR E 165 -14.80 16.32 4.06
CA THR E 165 -14.41 17.67 4.55
C THR E 165 -15.42 18.26 5.53
N LYS E 166 -16.69 18.07 5.23
CA LYS E 166 -17.79 18.53 6.07
C LYS E 166 -17.95 17.75 7.37
N THR E 167 -17.87 16.42 7.31
CA THR E 167 -17.89 15.60 8.54
C THR E 167 -16.72 15.98 9.47
N SER E 168 -15.53 16.13 8.88
CA SER E 168 -14.32 16.48 9.63
C SER E 168 -14.43 17.84 10.27
N ALA E 169 -14.89 18.82 9.49
CA ALA E 169 -15.17 20.18 9.99
C ALA E 169 -16.06 20.10 11.23
N LYS E 170 -17.11 19.31 11.14
CA LYS E 170 -18.09 19.19 12.24
C LYS E 170 -17.52 18.48 13.47
N GLU E 171 -16.73 17.45 13.24
CA GLU E 171 -16.14 16.68 14.36
C GLU E 171 -14.98 17.36 15.09
N LEU E 172 -14.28 18.21 14.38
CA LEU E 172 -13.07 18.82 14.93
C LEU E 172 -13.24 20.26 15.42
N ALA E 173 -14.44 20.82 15.15
CA ALA E 173 -14.78 22.17 15.52
C ALA E 173 -14.65 22.41 17.04
N SER E 174 -14.84 21.35 17.83
CA SER E 174 -14.79 21.43 19.29
C SER E 174 -13.43 21.75 19.89
N ARG E 175 -12.37 21.60 19.10
CA ARG E 175 -11.02 21.98 19.57
C ARG E 175 -10.33 22.93 18.55
N ASN E 176 -11.14 23.78 17.91
CA ASN E 176 -10.70 24.92 17.07
C ASN E 176 -9.86 24.56 15.85
N ILE E 177 -10.22 23.47 15.23
CA ILE E 177 -9.60 23.00 13.99
C ILE E 177 -10.61 23.29 12.88
N THR E 178 -10.14 23.94 11.81
CA THR E 178 -10.99 24.14 10.61
C THR E 178 -10.58 23.17 9.50
N VAL E 179 -11.55 22.76 8.72
CA VAL E 179 -11.35 21.82 7.62
C VAL E 179 -12.16 22.31 6.41
N ASN E 180 -11.44 22.58 5.34
CA ASN E 180 -12.00 23.14 4.11
C ASN E 180 -11.43 22.46 2.91
N ALA E 181 -12.05 22.69 1.76
CA ALA E 181 -11.61 22.10 0.48
C ALA E 181 -11.46 23.16 -0.59
N ILE E 182 -10.45 22.97 -1.41
CA ILE E 182 -10.28 23.74 -2.63
C ILE E 182 -10.53 22.80 -3.79
N ALA E 183 -11.40 23.24 -4.69
CA ALA E 183 -11.77 22.47 -5.89
C ALA E 183 -11.18 23.16 -7.12
N PRO E 184 -9.99 22.72 -7.56
CA PRO E 184 -9.39 23.27 -8.77
C PRO E 184 -10.19 22.94 -10.01
N GLY E 185 -10.10 23.84 -10.98
CA GLY E 185 -10.64 23.58 -12.32
C GLY E 185 -9.55 23.01 -13.19
N PHE E 186 -9.39 23.59 -14.36
CA PHE E 186 -8.36 23.20 -15.29
C PHE E 186 -7.13 24.07 -15.09
N ILE E 187 -6.11 23.47 -14.45
CA ILE E 187 -4.85 24.12 -14.10
C ILE E 187 -3.75 23.54 -14.99
N ALA E 188 -2.94 24.43 -15.55
CA ALA E 188 -1.90 24.07 -16.53
C ALA E 188 -1.00 22.86 -16.12
N THR E 189 -0.61 22.76 -14.85
CA THR E 189 0.30 21.66 -14.43
C THR E 189 -0.38 20.28 -14.39
N ASP E 190 -1.72 20.28 -14.33
CA ASP E 190 -2.54 19.06 -14.34
C ASP E 190 -2.79 18.53 -15.76
N MET E 191 -2.35 19.26 -16.79
CA MET E 191 -2.79 19.01 -18.17
C MET E 191 -1.66 18.57 -19.11
N THR E 192 -0.62 17.97 -18.54
CA THR E 192 0.60 17.60 -19.27
C THR E 192 0.30 16.73 -20.50
N ASP E 193 -0.54 15.71 -20.29
CA ASP E 193 -0.83 14.76 -21.35
C ASP E 193 -1.91 15.24 -22.33
N VAL E 194 -2.78 16.15 -21.89
CA VAL E 194 -3.75 16.79 -22.80
C VAL E 194 -2.99 17.54 -23.90
N LEU E 195 -2.69 16.82 -24.97
CA LEU E 195 -1.91 17.36 -26.07
C LEU E 195 -2.79 17.76 -27.24
N ASP E 196 -3.88 17.04 -27.45
CA ASP E 196 -4.80 17.30 -28.57
C ASP E 196 -5.37 18.71 -28.49
N GLU E 197 -5.05 19.54 -29.48
CA GLU E 197 -5.42 20.95 -29.48
C GLU E 197 -6.93 21.17 -29.62
N ASN E 198 -7.60 20.11 -30.07
CA ASN E 198 -9.04 20.14 -30.18
C ASN E 198 -9.72 19.90 -28.84
N ILE E 199 -9.17 19.00 -28.02
CA ILE E 199 -9.72 18.78 -26.67
C ILE E 199 -9.51 20.04 -25.82
N LYS E 200 -8.27 20.54 -25.79
CA LYS E 200 -7.94 21.82 -25.16
C LYS E 200 -8.94 22.93 -25.49
N ALA E 201 -9.18 23.17 -26.78
CA ALA E 201 -10.09 24.23 -27.21
C ALA E 201 -11.47 24.10 -26.55
N GLU E 202 -11.96 22.87 -26.46
CA GLU E 202 -13.30 22.65 -25.94
C GLU E 202 -13.34 22.80 -24.43
N MET E 203 -12.25 22.42 -23.77
CA MET E 203 -12.08 22.62 -22.35
C MET E 203 -12.10 24.12 -22.01
N LEU E 204 -11.45 24.88 -22.87
CA LEU E 204 -11.26 26.32 -22.70
C LEU E 204 -12.55 27.12 -22.91
N LYS E 205 -13.38 26.67 -23.84
CA LYS E 205 -14.72 27.25 -24.06
C LYS E 205 -15.60 27.21 -22.79
N LEU E 206 -15.37 26.22 -21.95
CA LEU E 206 -16.13 26.05 -20.69
C LEU E 206 -15.75 27.05 -19.58
N ILE E 207 -14.68 27.83 -19.80
CA ILE E 207 -14.12 28.70 -18.76
C ILE E 207 -14.35 30.16 -19.13
N PRO E 208 -15.16 30.89 -18.35
CA PRO E 208 -15.35 32.33 -18.61
C PRO E 208 -14.07 33.16 -18.62
N ALA E 209 -13.13 32.83 -17.76
CA ALA E 209 -11.80 33.46 -17.77
C ALA E 209 -11.03 33.22 -19.07
N ALA E 210 -11.45 32.24 -19.84
CA ALA E 210 -10.91 31.97 -21.20
C ALA E 210 -9.43 31.58 -21.15
N GLN E 211 -9.02 30.95 -20.08
CA GLN E 211 -7.63 30.55 -19.95
C GLN E 211 -7.54 29.56 -18.83
N PHE E 212 -6.52 28.70 -18.89
CA PHE E 212 -6.29 27.72 -17.84
C PHE E 212 -5.59 28.39 -16.67
N GLY E 213 -5.80 27.84 -15.49
CA GLY E 213 -5.21 28.38 -14.29
C GLY E 213 -3.77 27.97 -14.13
N GLU E 214 -3.15 28.45 -13.07
CA GLU E 214 -1.78 28.12 -12.76
C GLU E 214 -1.72 27.57 -11.34
N ALA E 215 -0.67 26.82 -11.03
CA ALA E 215 -0.57 26.12 -9.73
C ALA E 215 -0.64 27.11 -8.56
N GLN E 216 -0.07 28.29 -8.79
CA GLN E 216 -0.06 29.36 -7.78
C GLN E 216 -1.45 29.83 -7.37
N ASP E 217 -2.40 29.73 -8.29
CA ASP E 217 -3.80 30.08 -8.01
C ASP E 217 -4.37 29.22 -6.89
N ILE E 218 -4.00 27.95 -6.90
CA ILE E 218 -4.41 27.01 -5.88
C ILE E 218 -3.68 27.26 -4.56
N ALA E 219 -2.36 27.47 -4.65
CA ALA E 219 -1.53 27.77 -3.46
C ALA E 219 -2.04 29.03 -2.75
N ASN E 220 -2.48 29.98 -3.54
CA ASN E 220 -2.99 31.18 -2.96
C ASN E 220 -4.25 31.00 -2.10
N ALA E 221 -5.11 30.12 -2.56
CA ALA E 221 -6.34 29.78 -1.85
C ALA E 221 -6.02 28.93 -0.62
N VAL E 222 -5.10 28.00 -0.79
CA VAL E 222 -4.71 27.10 0.31
C VAL E 222 -4.15 27.87 1.49
N THR E 223 -3.27 28.81 1.17
CA THR E 223 -2.63 29.67 2.15
C THR E 223 -3.64 30.52 2.92
N PHE E 224 -4.66 30.98 2.21
CA PHE E 224 -5.74 31.74 2.84
C PHE E 224 -6.47 30.91 3.90
N PHE E 225 -6.81 29.70 3.54
CA PHE E 225 -7.45 28.77 4.48
C PHE E 225 -6.54 28.33 5.63
N ALA E 226 -5.25 28.20 5.34
CA ALA E 226 -4.28 27.78 6.34
C ALA E 226 -3.99 28.84 7.39
N SER E 227 -4.41 30.08 7.11
CA SER E 227 -4.06 31.20 7.95
C SER E 227 -5.02 31.34 9.12
N ASP E 228 -4.54 31.99 10.17
CA ASP E 228 -5.32 32.26 11.40
C ASP E 228 -6.55 33.09 11.13
N GLN E 229 -6.45 33.96 10.13
CA GLN E 229 -7.48 34.96 9.89
C GLN E 229 -8.78 34.35 9.37
N SER E 230 -8.64 33.22 8.66
CA SER E 230 -9.81 32.48 8.11
C SER E 230 -10.45 31.50 9.15
N LYS E 231 -10.27 31.80 10.43
CA LYS E 231 -10.74 30.96 11.54
C LYS E 231 -12.23 30.65 11.56
N TYR E 232 -13.05 31.52 10.98
CA TYR E 232 -14.51 31.36 11.02
C TYR E 232 -15.08 30.70 9.77
N ILE E 233 -14.19 30.15 8.95
CA ILE E 233 -14.56 29.45 7.72
C ILE E 233 -14.23 27.96 7.92
N THR E 234 -15.26 27.14 7.91
CA THR E 234 -15.08 25.72 8.03
C THR E 234 -16.16 24.93 7.25
N GLY E 235 -15.73 23.79 6.71
CA GLY E 235 -16.60 22.86 6.00
C GLY E 235 -16.95 23.26 4.60
N GLN E 236 -16.20 24.26 4.09
CA GLN E 236 -16.49 24.92 2.81
C GLN E 236 -15.63 24.39 1.69
N THR E 237 -16.14 24.50 0.47
CA THR E 237 -15.41 24.17 -0.77
C THR E 237 -15.39 25.38 -1.63
N LEU E 238 -14.19 25.81 -2.00
CA LEU E 238 -13.98 26.98 -2.84
C LEU E 238 -13.47 26.51 -4.19
N ASN E 239 -14.25 26.78 -5.24
CA ASN E 239 -13.84 26.49 -6.60
C ASN E 239 -12.84 27.54 -7.07
N VAL E 240 -11.70 27.08 -7.55
CA VAL E 240 -10.70 27.94 -8.19
C VAL E 240 -10.56 27.46 -9.65
N ASP E 241 -11.37 28.05 -10.52
CA ASP E 241 -11.65 27.46 -11.82
C ASP E 241 -11.99 28.43 -12.96
N GLY E 242 -11.73 29.73 -12.78
CA GLY E 242 -11.96 30.72 -13.83
C GLY E 242 -13.41 30.93 -14.19
N GLY E 243 -14.31 30.50 -13.30
CA GLY E 243 -15.76 30.65 -13.47
C GLY E 243 -16.43 29.47 -14.14
N MET E 244 -15.72 28.36 -14.22
CA MET E 244 -16.23 27.19 -14.93
C MET E 244 -17.44 26.58 -14.24
N VAL E 245 -17.36 26.45 -12.93
CA VAL E 245 -18.45 25.95 -12.11
C VAL E 245 -18.90 27.04 -11.11
N MET E 246 -20.09 27.57 -11.37
CA MET E 246 -20.74 28.61 -10.57
C MET E 246 -22.07 28.04 -10.01
N MET F 1 -46.43 4.26 -15.38
CA MET F 1 -47.15 2.96 -15.44
C MET F 1 -46.30 1.91 -16.16
N LEU F 2 -45.00 1.98 -15.95
CA LEU F 2 -44.04 0.82 -16.02
C LEU F 2 -44.47 -0.55 -16.59
N LYS F 3 -45.50 -0.57 -17.40
CA LYS F 3 -45.96 -1.81 -18.05
C LYS F 3 -44.87 -2.43 -18.95
N GLY F 4 -44.63 -3.71 -18.76
CA GLY F 4 -43.61 -4.43 -19.53
C GLY F 4 -42.16 -4.11 -19.19
N LYS F 5 -41.94 -3.28 -18.17
CA LYS F 5 -40.59 -2.95 -17.73
C LYS F 5 -40.05 -4.04 -16.80
N VAL F 6 -38.73 -4.21 -16.76
CA VAL F 6 -38.13 -5.04 -15.72
C VAL F 6 -37.13 -4.21 -14.94
N ALA F 7 -37.25 -4.31 -13.62
CA ALA F 7 -36.44 -3.57 -12.67
C ALA F 7 -35.58 -4.50 -11.83
N LEU F 8 -34.32 -4.12 -11.67
CA LEU F 8 -33.40 -4.71 -10.73
C LEU F 8 -33.21 -3.74 -9.56
N VAL F 9 -33.64 -4.16 -8.37
CA VAL F 9 -33.48 -3.37 -7.14
C VAL F 9 -32.51 -4.07 -6.17
N THR F 10 -31.37 -3.43 -5.91
CA THR F 10 -30.37 -3.98 -4.98
C THR F 10 -30.76 -3.60 -3.54
N GLY F 11 -30.49 -4.50 -2.61
CA GLY F 11 -30.92 -4.32 -1.22
C GLY F 11 -32.43 -4.13 -1.08
N ALA F 12 -33.19 -5.06 -1.65
CA ALA F 12 -34.64 -4.92 -1.82
C ALA F 12 -35.48 -5.72 -0.80
N SER F 13 -34.83 -6.35 0.17
CA SER F 13 -35.50 -7.31 1.03
C SER F 13 -36.24 -6.67 2.20
N ARG F 14 -36.00 -5.39 2.44
CA ARG F 14 -36.74 -4.69 3.47
C ARG F 14 -36.62 -3.18 3.40
N GLY F 15 -37.42 -2.52 4.24
CA GLY F 15 -37.37 -1.08 4.43
C GLY F 15 -37.62 -0.31 3.15
N ILE F 16 -36.72 0.62 2.86
CA ILE F 16 -36.82 1.45 1.65
C ILE F 16 -36.79 0.60 0.37
N GLY F 17 -35.80 -0.31 0.31
CA GLY F 17 -35.58 -1.14 -0.86
C GLY F 17 -36.76 -2.00 -1.18
N ARG F 18 -37.40 -2.48 -0.13
CA ARG F 18 -38.60 -3.29 -0.28
C ARG F 18 -39.79 -2.49 -0.82
N ALA F 19 -40.01 -1.32 -0.25
CA ALA F 19 -41.11 -0.42 -0.65
C ALA F 19 -40.93 -0.04 -2.13
N ILE F 20 -39.67 0.21 -2.50
CA ILE F 20 -39.34 0.50 -3.91
C ILE F 20 -39.72 -0.65 -4.84
N ALA F 21 -39.32 -1.85 -4.46
CA ALA F 21 -39.58 -3.04 -5.26
C ALA F 21 -41.09 -3.22 -5.46
N ILE F 22 -41.82 -3.12 -4.36
CA ILE F 22 -43.26 -3.30 -4.37
C ILE F 22 -43.97 -2.22 -5.22
N ASP F 23 -43.50 -0.98 -5.14
CA ASP F 23 -44.17 0.12 -5.85
C ASP F 23 -43.94 0.02 -7.35
N LEU F 24 -42.70 -0.26 -7.73
CA LEU F 24 -42.38 -0.59 -9.12
C LEU F 24 -43.30 -1.69 -9.70
N ALA F 25 -43.44 -2.79 -8.95
CA ALA F 25 -44.31 -3.93 -9.34
C ALA F 25 -45.78 -3.53 -9.47
N LYS F 26 -46.19 -2.65 -8.57
CA LYS F 26 -47.53 -2.06 -8.55
C LYS F 26 -47.85 -1.30 -9.86
N GLN F 27 -46.83 -0.61 -10.38
CA GLN F 27 -46.89 0.11 -11.66
C GLN F 27 -46.69 -0.78 -12.89
N GLY F 28 -46.51 -2.08 -12.66
CA GLY F 28 -46.50 -3.09 -13.73
C GLY F 28 -45.16 -3.72 -14.05
N ALA F 29 -44.11 -3.32 -13.33
CA ALA F 29 -42.78 -3.89 -13.55
C ALA F 29 -42.65 -5.34 -13.04
N ASN F 30 -41.84 -6.14 -13.73
CA ASN F 30 -41.31 -7.38 -13.19
C ASN F 30 -40.07 -7.00 -12.45
N VAL F 31 -39.83 -7.62 -11.29
CA VAL F 31 -38.80 -7.13 -10.37
C VAL F 31 -37.84 -8.22 -9.92
N VAL F 32 -36.55 -7.90 -9.98
CA VAL F 32 -35.49 -8.73 -9.39
C VAL F 32 -35.17 -8.15 -8.01
N VAL F 33 -35.50 -8.93 -6.98
CA VAL F 33 -35.29 -8.56 -5.58
C VAL F 33 -33.90 -9.09 -5.12
N ASN F 34 -32.91 -8.24 -5.13
CA ASN F 34 -31.56 -8.60 -4.67
C ASN F 34 -31.43 -8.51 -3.16
N TYR F 35 -30.66 -9.44 -2.62
CA TYR F 35 -30.34 -9.47 -1.20
C TYR F 35 -28.92 -10.03 -1.00
N ALA F 36 -28.34 -9.74 0.17
CA ALA F 36 -26.97 -10.21 0.52
C ALA F 36 -26.97 -11.40 1.46
N GLY F 37 -27.79 -11.33 2.52
CA GLY F 37 -27.79 -12.31 3.60
C GLY F 37 -28.95 -13.30 3.64
N ASN F 38 -29.83 -13.17 4.63
CA ASN F 38 -30.93 -14.13 4.80
C ASN F 38 -32.01 -13.90 3.73
N GLU F 39 -32.61 -14.97 3.24
CA GLU F 39 -33.49 -14.94 2.04
C GLU F 39 -34.98 -14.91 2.40
N GLN F 40 -35.30 -15.39 3.60
CA GLN F 40 -36.66 -15.36 4.12
C GLN F 40 -37.34 -14.07 3.73
N LYS F 41 -36.66 -12.97 3.98
CA LYS F 41 -37.25 -11.66 3.76
C LYS F 41 -37.41 -11.29 2.29
N ALA F 42 -36.37 -11.58 1.50
CA ALA F 42 -36.42 -11.38 0.04
C ALA F 42 -37.57 -12.21 -0.56
N ASN F 43 -37.72 -13.46 -0.14
CA ASN F 43 -38.79 -14.33 -0.60
C ASN F 43 -40.20 -13.75 -0.28
N GLU F 44 -40.31 -13.09 0.86
CA GLU F 44 -41.56 -12.43 1.25
C GLU F 44 -41.91 -11.29 0.30
N VAL F 45 -40.92 -10.51 -0.03
CA VAL F 45 -41.11 -9.42 -0.99
C VAL F 45 -41.53 -9.98 -2.37
N VAL F 46 -40.89 -11.07 -2.79
CA VAL F 46 -41.24 -11.76 -4.05
C VAL F 46 -42.70 -12.24 -4.00
N ASP F 47 -43.09 -12.85 -2.89
CA ASP F 47 -44.46 -13.33 -2.70
C ASP F 47 -45.48 -12.20 -2.81
N GLU F 48 -45.16 -11.08 -2.21
CA GLU F 48 -46.04 -9.92 -2.24
C GLU F 48 -46.22 -9.33 -3.64
N ILE F 49 -45.14 -9.32 -4.39
CA ILE F 49 -45.15 -8.84 -5.77
C ILE F 49 -46.02 -9.71 -6.67
N LYS F 50 -45.95 -11.02 -6.47
CA LYS F 50 -46.76 -11.98 -7.23
C LYS F 50 -48.25 -11.85 -6.89
N LYS F 51 -48.52 -11.63 -5.61
CA LYS F 51 -49.88 -11.35 -5.11
C LYS F 51 -50.56 -10.21 -5.84
N LEU F 52 -49.80 -9.17 -6.12
CA LEU F 52 -50.37 -8.00 -6.79
C LEU F 52 -50.29 -8.08 -8.32
N GLY F 53 -50.01 -9.28 -8.84
CA GLY F 53 -50.18 -9.55 -10.28
C GLY F 53 -48.94 -9.47 -11.12
N SER F 54 -47.83 -9.06 -10.53
CA SER F 54 -46.58 -8.98 -11.26
C SER F 54 -45.71 -10.25 -11.06
N ASP F 55 -44.51 -10.24 -11.62
CA ASP F 55 -43.59 -11.35 -11.41
C ASP F 55 -42.31 -10.85 -10.76
N ALA F 56 -41.66 -11.76 -10.04
CA ALA F 56 -40.39 -11.42 -9.37
C ALA F 56 -39.59 -12.65 -9.04
N ILE F 57 -38.29 -12.44 -8.90
CA ILE F 57 -37.36 -13.45 -8.37
C ILE F 57 -36.45 -12.80 -7.35
N ALA F 58 -35.97 -13.60 -6.41
CA ALA F 58 -34.98 -13.18 -5.41
C ALA F 58 -33.59 -13.66 -5.80
N VAL F 59 -32.63 -12.75 -5.89
CA VAL F 59 -31.25 -13.10 -6.26
C VAL F 59 -30.25 -12.62 -5.20
N ARG F 60 -29.60 -13.55 -4.51
CA ARG F 60 -28.50 -13.16 -3.61
C ARG F 60 -27.25 -12.86 -4.39
N ALA F 61 -26.76 -11.63 -4.18
CA ALA F 61 -25.52 -11.16 -4.72
C ALA F 61 -24.99 -10.07 -3.77
N ASP F 62 -23.68 -10.11 -3.56
CA ASP F 62 -22.93 -9.05 -2.90
C ASP F 62 -22.54 -8.03 -3.96
N VAL F 63 -23.03 -6.78 -3.80
CA VAL F 63 -22.83 -5.72 -4.82
C VAL F 63 -21.40 -5.18 -4.90
N ALA F 64 -20.58 -5.47 -3.89
CA ALA F 64 -19.14 -5.14 -3.91
C ALA F 64 -18.31 -6.20 -4.64
N ASN F 65 -18.97 -7.27 -5.06
CA ASN F 65 -18.31 -8.40 -5.70
C ASN F 65 -18.64 -8.46 -7.19
N ALA F 66 -17.61 -8.25 -8.01
CA ALA F 66 -17.77 -8.08 -9.48
C ALA F 66 -18.44 -9.29 -10.14
N GLU F 67 -18.01 -10.46 -9.72
CA GLU F 67 -18.55 -11.72 -10.22
C GLU F 67 -20.05 -11.86 -9.88
N ASP F 68 -20.41 -11.60 -8.63
CA ASP F 68 -21.82 -11.66 -8.16
C ASP F 68 -22.72 -10.70 -8.96
N VAL F 69 -22.25 -9.47 -9.15
CA VAL F 69 -22.99 -8.45 -9.89
C VAL F 69 -23.21 -8.90 -11.34
N THR F 70 -22.15 -9.38 -11.97
CA THR F 70 -22.25 -9.83 -13.36
C THR F 70 -23.29 -10.96 -13.50
N ASN F 71 -23.23 -11.94 -12.63
CA ASN F 71 -24.16 -13.05 -12.67
C ASN F 71 -25.60 -12.61 -12.43
N MET F 72 -25.76 -11.64 -11.54
CA MET F 72 -27.08 -11.12 -11.16
C MET F 72 -27.76 -10.43 -12.34
N VAL F 73 -27.01 -9.57 -13.02
CA VAL F 73 -27.55 -8.86 -14.20
C VAL F 73 -27.88 -9.86 -15.30
N LYS F 74 -27.03 -10.86 -15.44
CA LYS F 74 -27.21 -11.89 -16.45
C LYS F 74 -28.49 -12.72 -16.17
N GLN F 75 -28.74 -12.99 -14.89
CA GLN F 75 -29.92 -13.73 -14.49
C GLN F 75 -31.19 -12.93 -14.79
N THR F 76 -31.12 -11.64 -14.53
CA THR F 76 -32.22 -10.71 -14.78
C THR F 76 -32.64 -10.77 -16.23
N VAL F 77 -31.65 -10.66 -17.10
CA VAL F 77 -31.88 -10.67 -18.55
C VAL F 77 -32.29 -12.05 -19.04
N ASP F 78 -31.72 -13.09 -18.42
CA ASP F 78 -32.08 -14.49 -18.77
C ASP F 78 -33.54 -14.82 -18.41
N VAL F 79 -33.93 -14.45 -17.20
CA VAL F 79 -35.27 -14.80 -16.69
C VAL F 79 -36.34 -13.87 -17.29
N PHE F 80 -36.05 -12.58 -17.28
CA PHE F 80 -37.08 -11.60 -17.67
C PHE F 80 -36.88 -10.97 -19.07
N GLY F 81 -35.79 -11.32 -19.73
CA GLY F 81 -35.57 -10.93 -21.13
C GLY F 81 -34.79 -9.64 -21.35
N GLN F 82 -34.73 -8.81 -20.32
CA GLN F 82 -34.09 -7.49 -20.44
C GLN F 82 -33.98 -6.84 -19.07
N VAL F 83 -33.27 -5.73 -19.03
CA VAL F 83 -33.28 -4.86 -17.83
C VAL F 83 -33.51 -3.39 -18.24
N ASP F 84 -34.59 -2.84 -17.71
CA ASP F 84 -35.03 -1.49 -18.06
C ASP F 84 -34.70 -0.45 -16.99
N ILE F 85 -34.72 -0.89 -15.73
CA ILE F 85 -34.55 -0.03 -14.57
C ILE F 85 -33.60 -0.65 -13.55
N LEU F 86 -32.63 0.13 -13.09
CA LEU F 86 -31.73 -0.26 -11.98
C LEU F 86 -31.89 0.69 -10.83
N VAL F 87 -32.30 0.18 -9.67
CA VAL F 87 -32.20 1.01 -8.48
C VAL F 87 -31.14 0.47 -7.48
N ASN F 88 -30.12 1.28 -7.27
CA ASN F 88 -29.01 0.98 -6.39
C ASN F 88 -29.38 1.44 -4.98
N ASN F 89 -29.82 0.49 -4.17
CA ASN F 89 -30.20 0.75 -2.80
C ASN F 89 -29.37 -0.01 -1.76
N ALA F 90 -28.61 -1.00 -2.19
CA ALA F 90 -27.70 -1.73 -1.28
C ALA F 90 -26.77 -0.77 -0.53
N GLY F 91 -26.39 -1.12 0.69
CA GLY F 91 -25.57 -0.26 1.51
C GLY F 91 -25.66 -0.60 2.97
N VAL F 92 -24.53 -0.53 3.66
CA VAL F 92 -24.47 -0.66 5.13
C VAL F 92 -23.96 0.61 5.81
N THR F 93 -24.24 0.74 7.10
CA THR F 93 -23.61 1.77 7.93
C THR F 93 -22.72 1.09 8.99
N LYS F 94 -21.59 1.73 9.27
CA LYS F 94 -20.70 1.33 10.37
C LYS F 94 -20.21 2.64 11.00
N ASP F 95 -21.03 3.21 11.88
CA ASP F 95 -20.77 4.52 12.43
C ASP F 95 -19.66 4.49 13.46
N ASN F 96 -18.92 5.59 13.51
CA ASN F 96 -17.90 5.84 14.53
C ASN F 96 -17.34 7.23 14.32
N LEU F 97 -16.88 7.83 15.40
CA LEU F 97 -16.08 9.04 15.31
C LEU F 97 -14.81 8.74 14.52
N LEU F 98 -14.46 9.68 13.63
CA LEU F 98 -13.31 9.60 12.71
C LEU F 98 -12.10 9.03 13.37
N MET F 99 -11.84 9.61 14.54
CA MET F 99 -10.66 9.38 15.30
C MET F 99 -10.51 7.94 15.76
N ARG F 100 -11.61 7.18 15.72
CA ARG F 100 -11.58 5.78 16.14
C ARG F 100 -12.01 4.80 15.08
N MET F 101 -12.56 5.31 13.99
CA MET F 101 -13.10 4.48 12.93
C MET F 101 -12.03 3.57 12.35
N LYS F 102 -12.33 2.28 12.36
CA LYS F 102 -11.42 1.24 11.86
C LYS F 102 -11.36 1.33 10.33
N GLU F 103 -10.23 0.91 9.81
CA GLU F 103 -10.00 0.85 8.37
C GLU F 103 -11.01 -0.10 7.70
N GLU F 104 -11.28 -1.25 8.33
CA GLU F 104 -12.26 -2.17 7.77
C GLU F 104 -13.69 -1.60 7.77
N GLU F 105 -14.04 -0.83 8.81
CA GLU F 105 -15.34 -0.11 8.87
C GLU F 105 -15.48 0.90 7.70
N TRP F 106 -14.39 1.55 7.41
CA TRP F 106 -14.29 2.42 6.24
C TRP F 106 -14.46 1.63 4.94
N ASP F 107 -13.65 0.58 4.77
CA ASP F 107 -13.64 -0.21 3.53
C ASP F 107 -15.00 -0.82 3.20
N THR F 108 -15.61 -1.46 4.19
CA THR F 108 -16.88 -2.16 4.00
C THR F 108 -17.98 -1.18 3.57
N VAL F 109 -18.01 0.00 4.19
CA VAL F 109 -19.02 1.01 3.83
C VAL F 109 -18.80 1.63 2.44
N ILE F 110 -17.56 1.94 2.12
CA ILE F 110 -17.22 2.43 0.80
C ILE F 110 -17.51 1.41 -0.29
N ASN F 111 -17.06 0.16 -0.09
CA ASN F 111 -17.25 -0.90 -1.09
C ASN F 111 -18.73 -1.22 -1.36
N THR F 112 -19.49 -1.40 -0.28
CA THR F 112 -20.92 -1.71 -0.39
C THR F 112 -21.72 -0.56 -1.00
N ASN F 113 -21.55 0.63 -0.45
CA ASN F 113 -22.37 1.78 -0.86
C ASN F 113 -21.92 2.45 -2.15
N LEU F 114 -20.62 2.57 -2.34
CA LEU F 114 -20.13 3.37 -3.47
C LEU F 114 -19.65 2.47 -4.62
N LYS F 115 -18.74 1.54 -4.33
CA LYS F 115 -18.31 0.59 -5.35
C LYS F 115 -19.46 -0.27 -5.92
N GLY F 116 -20.47 -0.55 -5.11
CA GLY F 116 -21.65 -1.30 -5.58
C GLY F 116 -22.38 -0.58 -6.70
N VAL F 117 -22.55 0.71 -6.52
CA VAL F 117 -23.19 1.54 -7.55
C VAL F 117 -22.36 1.51 -8.85
N PHE F 118 -21.05 1.68 -8.73
CA PHE F 118 -20.15 1.60 -9.87
C PHE F 118 -20.29 0.28 -10.63
N LEU F 119 -20.18 -0.80 -9.89
CA LEU F 119 -20.23 -2.15 -10.42
C LEU F 119 -21.56 -2.46 -11.09
N CYS F 120 -22.65 -2.16 -10.40
CA CYS F 120 -24.00 -2.44 -10.96
C CYS F 120 -24.33 -1.56 -12.19
N THR F 121 -23.92 -0.31 -12.13
CA THR F 121 -24.10 0.62 -13.23
C THR F 121 -23.34 0.12 -14.44
N LYS F 122 -22.10 -0.23 -14.21
CA LYS F 122 -21.26 -0.80 -15.27
C LYS F 122 -21.87 -2.06 -15.92
N ALA F 123 -22.38 -2.96 -15.09
CA ALA F 123 -22.93 -4.22 -15.54
C ALA F 123 -24.23 -4.06 -16.38
N VAL F 124 -25.11 -3.13 -16.02
CA VAL F 124 -26.37 -2.95 -16.78
C VAL F 124 -26.20 -2.09 -18.05
N SER F 125 -25.05 -1.40 -18.12
CA SER F 125 -24.79 -0.39 -19.14
C SER F 125 -24.91 -0.91 -20.55
N ARG F 126 -24.21 -2.01 -20.85
CA ARG F 126 -24.24 -2.48 -22.22
C ARG F 126 -25.66 -2.85 -22.66
N PHE F 127 -26.45 -3.38 -21.73
CA PHE F 127 -27.79 -3.82 -22.04
C PHE F 127 -28.70 -2.65 -22.35
N MET F 128 -28.59 -1.62 -21.52
CA MET F 128 -29.34 -0.38 -21.71
C MET F 128 -28.86 0.46 -22.90
N MET F 129 -27.55 0.55 -23.06
CA MET F 129 -26.99 1.26 -24.23
C MET F 129 -27.41 0.63 -25.54
N ARG F 130 -27.38 -0.70 -25.58
CA ARG F 130 -27.78 -1.43 -26.78
C ARG F 130 -29.24 -1.21 -27.16
N GLN F 131 -30.13 -1.37 -26.17
CA GLN F 131 -31.56 -1.19 -26.39
C GLN F 131 -31.94 0.30 -26.54
N ARG F 132 -31.03 1.17 -26.12
CA ARG F 132 -31.20 2.63 -26.22
C ARG F 132 -32.30 3.20 -25.35
N HIS F 133 -32.41 2.66 -24.16
CA HIS F 133 -33.24 3.23 -23.11
C HIS F 133 -32.87 2.59 -21.78
N GLY F 134 -33.14 3.34 -20.73
CA GLY F 134 -32.90 2.86 -19.40
C GLY F 134 -33.15 3.93 -18.37
N ARG F 135 -33.29 3.47 -17.14
CA ARG F 135 -33.40 4.32 -15.97
C ARG F 135 -32.47 3.75 -14.91
N ILE F 136 -31.58 4.59 -14.39
CA ILE F 136 -30.83 4.25 -13.17
C ILE F 136 -31.18 5.26 -12.10
N VAL F 137 -31.61 4.77 -10.94
CA VAL F 137 -31.77 5.65 -9.80
C VAL F 137 -30.99 5.12 -8.62
N ASN F 138 -30.16 6.02 -8.09
CA ASN F 138 -29.26 5.72 -6.98
C ASN F 138 -29.81 6.29 -5.72
N ILE F 139 -29.87 5.47 -4.66
CA ILE F 139 -30.34 5.95 -3.35
C ILE F 139 -29.13 6.41 -2.56
N ALA F 140 -29.06 7.73 -2.35
CA ALA F 140 -27.94 8.34 -1.66
C ALA F 140 -28.36 8.64 -0.19
N SER F 141 -28.06 9.84 0.27
CA SER F 141 -28.51 10.29 1.59
C SER F 141 -28.20 11.76 1.72
N VAL F 142 -29.07 12.44 2.44
CA VAL F 142 -29.00 13.87 2.62
C VAL F 142 -27.68 14.23 3.36
N VAL F 143 -27.25 13.27 4.17
CA VAL F 143 -25.99 13.33 4.94
C VAL F 143 -24.73 13.44 4.01
N GLY F 144 -24.85 12.90 2.81
CA GLY F 144 -23.85 13.09 1.76
C GLY F 144 -23.68 14.54 1.28
N VAL F 145 -24.72 15.34 1.49
CA VAL F 145 -24.74 16.76 1.09
C VAL F 145 -24.20 17.69 2.18
N THR F 146 -24.50 17.36 3.42
CA THR F 146 -24.27 18.26 4.56
C THR F 146 -23.13 17.81 5.47
N GLY F 147 -22.77 16.53 5.37
CA GLY F 147 -21.90 15.90 6.37
C GLY F 147 -22.64 15.55 7.65
N ASN F 148 -21.99 14.76 8.49
CA ASN F 148 -22.62 14.25 9.71
C ASN F 148 -21.60 13.59 10.64
N PRO F 149 -21.44 14.11 11.86
CA PRO F 149 -20.40 13.71 12.82
C PRO F 149 -20.11 12.21 13.01
N GLY F 150 -21.10 11.34 13.02
CA GLY F 150 -20.74 9.92 13.30
C GLY F 150 -20.31 9.07 12.10
N GLN F 151 -20.25 9.67 10.92
CA GLN F 151 -20.43 8.92 9.68
C GLN F 151 -19.50 9.30 8.54
N ALA F 152 -18.24 9.50 8.84
CA ALA F 152 -17.24 9.87 7.82
C ALA F 152 -17.31 8.94 6.60
N ASN F 153 -17.37 7.62 6.86
CA ASN F 153 -17.39 6.60 5.81
C ASN F 153 -18.68 6.67 4.96
N TYR F 154 -19.81 6.78 5.65
CA TYR F 154 -21.12 6.79 5.02
C TYR F 154 -21.32 8.07 4.22
N VAL F 155 -20.90 9.18 4.79
CA VAL F 155 -21.01 10.51 4.13
C VAL F 155 -20.14 10.54 2.84
N ALA F 156 -18.91 10.07 2.98
CA ALA F 156 -18.00 9.96 1.81
C ALA F 156 -18.62 9.08 0.73
N ALA F 157 -19.20 7.95 1.12
CA ALA F 157 -19.77 7.00 0.16
C ALA F 157 -20.95 7.63 -0.58
N LYS F 158 -21.83 8.27 0.18
CA LYS F 158 -23.07 8.85 -0.38
C LYS F 158 -22.82 10.13 -1.16
N ALA F 159 -21.84 10.91 -0.72
CA ALA F 159 -21.39 12.07 -1.51
C ALA F 159 -20.81 11.60 -2.84
N GLY F 160 -20.04 10.52 -2.75
CA GLY F 160 -19.48 9.87 -3.92
C GLY F 160 -20.53 9.37 -4.90
N VAL F 161 -21.58 8.76 -4.37
CA VAL F 161 -22.71 8.29 -5.19
C VAL F 161 -23.38 9.43 -5.96
N ILE F 162 -23.55 10.56 -5.30
CA ILE F 162 -24.17 11.75 -5.92
C ILE F 162 -23.32 12.26 -7.07
N GLY F 163 -22.00 12.22 -6.91
CA GLY F 163 -21.08 12.58 -7.99
C GLY F 163 -21.06 11.58 -9.14
N LEU F 164 -21.09 10.31 -8.78
CA LEU F 164 -21.09 9.20 -9.73
C LEU F 164 -22.33 9.25 -10.62
N THR F 165 -23.43 9.61 -10.01
CA THR F 165 -24.70 9.80 -10.70
C THR F 165 -24.56 10.78 -11.89
N LYS F 166 -23.80 11.85 -11.67
CA LYS F 166 -23.65 12.91 -12.65
C LYS F 166 -22.77 12.50 -13.80
N THR F 167 -21.69 11.81 -13.50
CA THR F 167 -20.84 11.20 -14.54
C THR F 167 -21.63 10.23 -15.41
N SER F 168 -22.40 9.37 -14.76
CA SER F 168 -23.24 8.36 -15.44
C SER F 168 -24.31 8.98 -16.32
N ALA F 169 -24.98 9.98 -15.77
CA ALA F 169 -25.96 10.77 -16.52
C ALA F 169 -25.35 11.29 -17.80
N LYS F 170 -24.13 11.81 -17.70
CA LYS F 170 -23.44 12.45 -18.84
C LYS F 170 -22.98 11.43 -19.87
N GLU F 171 -22.48 10.30 -19.40
CA GLU F 171 -21.96 9.24 -20.28
C GLU F 171 -23.06 8.46 -21.02
N LEU F 172 -24.23 8.39 -20.43
CA LEU F 172 -25.31 7.54 -20.93
C LEU F 172 -26.45 8.30 -21.66
N ALA F 173 -26.42 9.63 -21.61
CA ALA F 173 -27.47 10.48 -22.22
C ALA F 173 -27.76 10.20 -23.70
N SER F 174 -26.76 9.91 -24.52
CA SER F 174 -27.04 9.72 -25.95
C SER F 174 -27.55 8.32 -26.29
N ARG F 175 -27.84 7.51 -25.29
CA ARG F 175 -28.58 6.28 -25.53
C ARG F 175 -29.93 6.34 -24.82
N ASN F 176 -30.37 7.55 -24.49
CA ASN F 176 -31.65 7.78 -23.78
C ASN F 176 -31.73 6.99 -22.50
N ILE F 177 -30.66 7.06 -21.74
CA ILE F 177 -30.65 6.53 -20.38
C ILE F 177 -30.57 7.76 -19.48
N THR F 178 -31.47 7.84 -18.50
CA THR F 178 -31.36 8.89 -17.45
C THR F 178 -30.83 8.23 -16.17
N VAL F 179 -30.08 9.02 -15.42
CA VAL F 179 -29.48 8.60 -14.14
C VAL F 179 -29.69 9.73 -13.14
N ASN F 180 -30.36 9.41 -12.05
CA ASN F 180 -30.70 10.37 -11.01
C ASN F 180 -30.55 9.74 -9.64
N ALA F 181 -30.54 10.59 -8.62
CA ALA F 181 -30.36 10.15 -7.23
C ALA F 181 -31.48 10.68 -6.36
N ILE F 182 -31.87 9.84 -5.41
CA ILE F 182 -32.77 10.23 -4.33
C ILE F 182 -31.97 10.20 -3.03
N ALA F 183 -32.03 11.32 -2.31
CA ALA F 183 -31.31 11.47 -1.05
C ALA F 183 -32.34 11.51 0.08
N PRO F 184 -32.57 10.36 0.72
CA PRO F 184 -33.45 10.30 1.87
C PRO F 184 -32.91 11.06 3.06
N GLY F 185 -33.83 11.57 3.86
CA GLY F 185 -33.50 12.14 5.17
C GLY F 185 -33.65 11.06 6.22
N PHE F 186 -34.37 11.37 7.29
CA PHE F 186 -34.61 10.41 8.37
C PHE F 186 -35.96 9.71 8.15
N ILE F 187 -35.84 8.46 7.71
CA ILE F 187 -36.99 7.61 7.36
C ILE F 187 -37.13 6.51 8.42
N ALA F 188 -38.35 6.31 8.89
CA ALA F 188 -38.65 5.42 10.02
C ALA F 188 -38.03 4.02 9.91
N THR F 189 -38.11 3.42 8.73
CA THR F 189 -37.60 2.05 8.56
C THR F 189 -36.09 1.95 8.82
N ASP F 190 -35.30 2.90 8.32
CA ASP F 190 -33.85 3.01 8.64
C ASP F 190 -33.50 3.23 10.13
N MET F 191 -34.50 3.56 10.95
CA MET F 191 -34.27 3.95 12.34
C MET F 191 -34.75 2.92 13.36
N THR F 192 -34.68 1.63 13.01
CA THR F 192 -34.98 0.56 13.97
C THR F 192 -33.75 0.43 14.85
N ASP F 193 -32.60 0.42 14.16
CA ASP F 193 -31.28 0.74 14.71
C ASP F 193 -31.38 1.69 15.93
N VAL F 194 -31.78 2.94 15.66
CA VAL F 194 -31.93 4.00 16.68
C VAL F 194 -33.13 3.71 17.55
N LEU F 195 -32.89 3.25 18.77
CA LEU F 195 -33.98 3.04 19.70
C LEU F 195 -34.08 4.19 20.72
N ASP F 196 -33.05 5.03 20.78
CA ASP F 196 -32.91 6.01 21.86
C ASP F 196 -33.88 7.18 21.70
N GLU F 197 -34.94 7.20 22.50
CA GLU F 197 -35.89 8.32 22.57
C GLU F 197 -35.25 9.70 22.40
N ASN F 198 -34.17 9.93 23.14
CA ASN F 198 -33.53 11.26 23.16
C ASN F 198 -32.77 11.53 21.87
N ILE F 199 -32.19 10.52 21.27
CA ILE F 199 -31.53 10.72 19.97
C ILE F 199 -32.58 11.00 18.86
N LYS F 200 -33.60 10.15 18.80
CA LYS F 200 -34.77 10.39 17.93
C LYS F 200 -35.31 11.82 18.05
N ALA F 201 -35.47 12.27 19.28
CA ALA F 201 -35.94 13.63 19.58
C ALA F 201 -35.07 14.71 18.97
N GLU F 202 -33.75 14.54 19.03
CA GLU F 202 -32.82 15.51 18.47
C GLU F 202 -32.96 15.58 16.97
N MET F 203 -33.04 14.42 16.33
CA MET F 203 -33.12 14.35 14.87
C MET F 203 -34.35 15.07 14.33
N LEU F 204 -35.38 15.12 15.15
CA LEU F 204 -36.70 15.63 14.77
C LEU F 204 -36.76 17.16 14.72
N LYS F 205 -36.09 17.83 15.65
CA LYS F 205 -35.99 19.31 15.64
C LYS F 205 -35.38 19.86 14.34
N LEU F 206 -34.54 19.05 13.71
CA LEU F 206 -33.90 19.39 12.44
C LEU F 206 -34.81 19.33 11.21
N ILE F 207 -36.04 18.82 11.37
CA ILE F 207 -36.95 18.58 10.24
C ILE F 207 -38.16 19.49 10.34
N PRO F 208 -38.32 20.44 9.40
CA PRO F 208 -39.49 21.34 9.39
C PRO F 208 -40.85 20.60 9.36
N ALA F 209 -40.91 19.49 8.65
CA ALA F 209 -42.08 18.63 8.66
C ALA F 209 -42.41 18.08 10.07
N ALA F 210 -41.42 18.11 10.97
CA ALA F 210 -41.57 17.74 12.40
C ALA F 210 -41.99 16.26 12.58
N GLN F 211 -41.57 15.42 11.65
CA GLN F 211 -41.86 14.01 11.70
C GLN F 211 -40.90 13.25 10.78
N PHE F 212 -40.64 11.99 11.11
CA PHE F 212 -39.81 11.16 10.27
C PHE F 212 -40.61 10.71 9.08
N GLY F 213 -39.91 10.43 8.00
CA GLY F 213 -40.55 9.97 6.77
C GLY F 213 -40.91 8.50 6.81
N GLU F 214 -41.52 8.04 5.74
CA GLU F 214 -41.82 6.61 5.61
C GLU F 214 -41.21 6.05 4.32
N ALA F 215 -41.05 4.74 4.27
CA ALA F 215 -40.34 4.10 3.14
C ALA F 215 -41.04 4.46 1.81
N GLN F 216 -42.36 4.51 1.87
CA GLN F 216 -43.18 4.81 0.69
C GLN F 216 -42.90 6.21 0.08
N ASP F 217 -42.44 7.14 0.90
CA ASP F 217 -42.04 8.48 0.41
C ASP F 217 -40.89 8.35 -0.59
N ILE F 218 -40.00 7.41 -0.32
CA ILE F 218 -38.83 7.20 -1.17
C ILE F 218 -39.22 6.45 -2.44
N ALA F 219 -40.04 5.42 -2.27
CA ALA F 219 -40.61 4.66 -3.38
C ALA F 219 -41.37 5.59 -4.35
N ASN F 220 -42.18 6.46 -3.78
CA ASN F 220 -42.93 7.50 -4.53
C ASN F 220 -42.02 8.26 -5.51
N ALA F 221 -40.86 8.68 -5.01
CA ALA F 221 -39.87 9.48 -5.76
C ALA F 221 -39.13 8.63 -6.79
N VAL F 222 -38.78 7.42 -6.39
CA VAL F 222 -38.08 6.48 -7.27
C VAL F 222 -38.92 6.17 -8.52
N THR F 223 -40.19 5.90 -8.28
CA THR F 223 -41.10 5.54 -9.35
C THR F 223 -41.28 6.70 -10.34
N PHE F 224 -41.27 7.92 -9.82
CA PHE F 224 -41.37 9.11 -10.66
C PHE F 224 -40.20 9.20 -11.64
N PHE F 225 -38.99 8.98 -11.12
CA PHE F 225 -37.77 8.96 -11.91
C PHE F 225 -37.74 7.77 -12.89
N ALA F 226 -38.24 6.63 -12.47
CA ALA F 226 -38.23 5.42 -13.28
C ALA F 226 -39.18 5.51 -14.46
N SER F 227 -40.08 6.48 -14.42
CA SER F 227 -41.14 6.57 -15.42
C SER F 227 -40.68 7.29 -16.69
N ASP F 228 -41.36 6.96 -17.79
CA ASP F 228 -41.08 7.54 -19.11
C ASP F 228 -41.25 9.06 -19.13
N GLN F 229 -42.15 9.54 -18.29
CA GLN F 229 -42.53 10.94 -18.32
C GLN F 229 -41.42 11.85 -17.83
N SER F 230 -40.58 11.33 -16.93
CA SER F 230 -39.43 12.07 -16.36
C SER F 230 -38.15 11.99 -17.23
N LYS F 231 -38.35 11.75 -18.51
CA LYS F 231 -37.28 11.62 -19.52
C LYS F 231 -36.30 12.78 -19.61
N TYR F 232 -36.75 14.01 -19.32
CA TYR F 232 -35.87 15.19 -19.45
C TYR F 232 -35.16 15.59 -18.15
N ILE F 233 -35.20 14.70 -17.17
CA ILE F 233 -34.54 14.91 -15.87
C ILE F 233 -33.39 13.93 -15.76
N THR F 234 -32.17 14.44 -15.71
CA THR F 234 -31.01 13.57 -15.57
C THR F 234 -29.89 14.27 -14.81
N GLY F 235 -29.16 13.47 -14.04
CA GLY F 235 -28.03 13.92 -13.25
C GLY F 235 -28.42 14.64 -11.97
N GLN F 236 -29.69 14.51 -11.59
CA GLN F 236 -30.23 15.29 -10.47
C GLN F 236 -30.30 14.47 -9.18
N THR F 237 -30.27 15.19 -8.06
CA THR F 237 -30.47 14.61 -6.72
C THR F 237 -31.65 15.30 -6.09
N LEU F 238 -32.62 14.50 -5.69
CA LEU F 238 -33.82 15.01 -5.04
C LEU F 238 -33.82 14.59 -3.57
N ASN F 239 -33.80 15.57 -2.68
CA ASN F 239 -33.89 15.31 -1.25
C ASN F 239 -35.31 15.02 -0.85
N VAL F 240 -35.52 13.84 -0.25
CA VAL F 240 -36.81 13.49 0.34
C VAL F 240 -36.65 13.39 1.86
N ASP F 241 -36.86 14.52 2.54
CA ASP F 241 -36.34 14.71 3.89
C ASP F 241 -37.13 15.62 4.82
N GLY F 242 -38.37 15.95 4.43
CA GLY F 242 -39.23 16.82 5.24
C GLY F 242 -38.74 18.26 5.39
N GLY F 243 -37.83 18.65 4.50
CA GLY F 243 -37.27 20.01 4.50
C GLY F 243 -36.00 20.18 5.31
N MET F 244 -35.40 19.06 5.70
CA MET F 244 -34.22 19.08 6.57
C MET F 244 -33.05 19.73 5.87
N VAL F 245 -32.82 19.36 4.63
CA VAL F 245 -31.74 19.95 3.83
C VAL F 245 -32.35 20.67 2.63
N MET F 246 -32.25 21.99 2.70
CA MET F 246 -32.69 22.87 1.61
C MET F 246 -31.46 23.67 1.13
N MET G 1 -52.99 12.41 -8.48
CA MET G 1 -54.36 11.95 -8.83
C MET G 1 -55.46 12.93 -8.37
N LEU G 2 -55.00 14.08 -7.87
CA LEU G 2 -55.74 15.38 -7.76
C LEU G 2 -57.29 15.52 -7.80
N LYS G 3 -58.01 14.45 -7.52
CA LYS G 3 -59.48 14.50 -7.48
C LYS G 3 -59.99 15.49 -6.41
N GLY G 4 -60.92 16.33 -6.83
CA GLY G 4 -61.51 17.34 -5.94
C GLY G 4 -60.62 18.52 -5.58
N LYS G 5 -59.41 18.56 -6.11
CA LYS G 5 -58.46 19.66 -5.84
C LYS G 5 -58.79 20.86 -6.71
N VAL G 6 -58.48 22.06 -6.23
CA VAL G 6 -58.54 23.25 -7.11
C VAL G 6 -57.16 23.93 -7.19
N ALA G 7 -56.76 24.18 -8.43
CA ALA G 7 -55.43 24.74 -8.74
C ALA G 7 -55.53 26.14 -9.33
N LEU G 8 -54.71 27.03 -8.81
CA LEU G 8 -54.56 28.38 -9.40
C LEU G 8 -53.20 28.38 -10.07
N VAL G 9 -53.20 28.53 -11.40
CA VAL G 9 -51.96 28.60 -12.19
C VAL G 9 -51.81 29.96 -12.82
N THR G 10 -50.78 30.68 -12.39
CA THR G 10 -50.48 32.02 -12.93
C THR G 10 -49.69 31.90 -14.26
N GLY G 11 -49.97 32.78 -15.20
CA GLY G 11 -49.37 32.69 -16.53
C GLY G 11 -49.70 31.38 -17.27
N ALA G 12 -50.98 31.04 -17.27
CA ALA G 12 -51.45 29.72 -17.72
C ALA G 12 -51.98 29.68 -19.16
N SER G 13 -51.84 30.76 -19.90
CA SER G 13 -52.49 30.87 -21.19
C SER G 13 -51.74 30.22 -22.35
N ARG G 14 -50.48 29.90 -22.13
CA ARG G 14 -49.71 29.19 -23.16
C ARG G 14 -48.43 28.60 -22.64
N GLY G 15 -47.78 27.82 -23.50
CA GLY G 15 -46.48 27.22 -23.25
C GLY G 15 -46.49 26.35 -22.02
N ILE G 16 -45.50 26.56 -21.16
CA ILE G 16 -45.34 25.79 -19.94
C ILE G 16 -46.59 25.90 -19.05
N GLY G 17 -47.04 27.11 -18.82
CA GLY G 17 -48.15 27.38 -17.91
C GLY G 17 -49.44 26.72 -18.35
N ARG G 18 -49.62 26.68 -19.66
CA ARG G 18 -50.77 26.03 -20.25
C ARG G 18 -50.73 24.51 -20.09
N ALA G 19 -49.56 23.93 -20.37
CA ALA G 19 -49.32 22.47 -20.23
C ALA G 19 -49.55 22.04 -18.78
N ILE G 20 -49.12 22.90 -17.87
CA ILE G 20 -49.33 22.67 -16.42
C ILE G 20 -50.81 22.64 -16.06
N ALA G 21 -51.53 23.64 -16.55
CA ALA G 21 -52.96 23.78 -16.28
C ALA G 21 -53.70 22.52 -16.78
N ILE G 22 -53.42 22.16 -18.02
CA ILE G 22 -54.06 21.03 -18.66
C ILE G 22 -53.74 19.71 -17.95
N ASP G 23 -52.50 19.55 -17.49
CA ASP G 23 -52.11 18.28 -16.85
C ASP G 23 -52.75 18.12 -15.47
N LEU G 24 -52.74 19.20 -14.70
CA LEU G 24 -53.49 19.25 -13.44
C LEU G 24 -54.97 18.86 -13.62
N ALA G 25 -55.60 19.45 -14.63
CA ALA G 25 -57.02 19.16 -14.96
C ALA G 25 -57.23 17.72 -15.35
N LYS G 26 -56.23 17.17 -16.04
CA LYS G 26 -56.21 15.77 -16.46
C LYS G 26 -56.22 14.80 -15.26
N GLN G 27 -55.55 15.21 -14.19
CA GLN G 27 -55.51 14.46 -12.92
C GLN G 27 -56.71 14.74 -12.02
N GLY G 28 -57.65 15.55 -12.49
CA GLY G 28 -58.93 15.76 -11.80
C GLY G 28 -59.12 17.10 -11.12
N ALA G 29 -58.14 17.99 -11.21
CA ALA G 29 -58.24 19.33 -10.61
C ALA G 29 -59.19 20.25 -11.38
N ASN G 30 -59.88 21.12 -10.65
CA ASN G 30 -60.50 22.31 -11.23
C ASN G 30 -59.46 23.38 -11.29
N VAL G 31 -59.41 24.13 -12.38
CA VAL G 31 -58.26 25.02 -12.62
C VAL G 31 -58.67 26.47 -12.89
N VAL G 32 -57.99 27.39 -12.21
CA VAL G 32 -58.10 28.82 -12.52
C VAL G 32 -56.93 29.22 -13.43
N VAL G 33 -57.28 29.56 -14.66
CA VAL G 33 -56.31 29.93 -15.70
C VAL G 33 -56.09 31.44 -15.68
N ASN G 34 -55.01 31.86 -15.01
CA ASN G 34 -54.66 33.28 -14.95
C ASN G 34 -53.91 33.72 -16.22
N TYR G 35 -54.20 34.97 -16.59
CA TYR G 35 -53.51 35.65 -17.68
C TYR G 35 -53.40 37.16 -17.40
N ALA G 36 -52.48 37.80 -18.09
CA ALA G 36 -52.28 39.25 -17.96
C ALA G 36 -52.96 40.02 -19.10
N GLY G 37 -52.92 39.45 -20.30
CA GLY G 37 -53.06 40.23 -21.55
C GLY G 37 -53.99 39.73 -22.65
N ASN G 38 -54.30 38.43 -22.68
CA ASN G 38 -55.36 38.01 -23.61
C ASN G 38 -56.19 36.79 -23.20
N GLU G 39 -57.48 37.06 -22.96
CA GLU G 39 -58.42 36.01 -22.57
C GLU G 39 -58.67 35.07 -23.70
N GLN G 40 -58.28 35.45 -24.91
CA GLN G 40 -58.57 34.59 -26.03
C GLN G 40 -57.79 33.28 -25.91
N LYS G 41 -56.47 33.38 -25.69
CA LYS G 41 -55.65 32.18 -25.46
C LYS G 41 -56.03 31.49 -24.14
N ALA G 42 -56.26 32.29 -23.11
CA ALA G 42 -56.72 31.78 -21.81
C ALA G 42 -58.05 31.03 -21.93
N ASN G 43 -58.96 31.59 -22.73
CA ASN G 43 -60.26 30.99 -23.01
C ASN G 43 -60.13 29.63 -23.73
N GLU G 44 -59.12 29.50 -24.59
CA GLU G 44 -58.83 28.25 -25.28
C GLU G 44 -58.40 27.17 -24.29
N VAL G 45 -57.52 27.57 -23.37
CA VAL G 45 -57.06 26.63 -22.33
C VAL G 45 -58.25 26.17 -21.49
N VAL G 46 -59.10 27.14 -21.12
CA VAL G 46 -60.33 26.83 -20.36
C VAL G 46 -61.20 25.83 -21.12
N ASP G 47 -61.40 26.06 -22.41
CA ASP G 47 -62.20 25.18 -23.28
C ASP G 47 -61.66 23.76 -23.34
N GLU G 48 -60.34 23.65 -23.38
CA GLU G 48 -59.67 22.36 -23.44
C GLU G 48 -59.83 21.57 -22.15
N ILE G 49 -59.78 22.29 -21.03
CA ILE G 49 -59.95 21.69 -19.69
C ILE G 49 -61.37 21.16 -19.52
N LYS G 50 -62.34 21.90 -20.02
CA LYS G 50 -63.74 21.47 -19.95
C LYS G 50 -64.00 20.25 -20.82
N LYS G 51 -63.35 20.22 -21.98
CA LYS G 51 -63.38 19.07 -22.91
C LYS G 51 -62.98 17.76 -22.25
N LEU G 52 -61.96 17.83 -21.41
CA LEU G 52 -61.45 16.63 -20.75
C LEU G 52 -62.14 16.34 -19.40
N GLY G 53 -63.27 16.98 -19.16
CA GLY G 53 -64.17 16.60 -18.07
C GLY G 53 -64.04 17.40 -16.79
N SER G 54 -63.06 18.29 -16.73
CA SER G 54 -62.87 19.11 -15.54
C SER G 54 -63.53 20.46 -15.71
N ASP G 55 -63.37 21.34 -14.72
CA ASP G 55 -63.90 22.72 -14.79
C ASP G 55 -62.79 23.74 -14.69
N ALA G 56 -63.01 24.90 -15.29
CA ALA G 56 -62.02 25.98 -15.29
C ALA G 56 -62.64 27.33 -15.54
N ILE G 57 -61.94 28.36 -15.08
CA ILE G 57 -62.26 29.74 -15.42
C ILE G 57 -60.96 30.48 -15.75
N ALA G 58 -61.07 31.49 -16.59
CA ALA G 58 -59.96 32.39 -16.93
C ALA G 58 -60.09 33.67 -16.10
N VAL G 59 -59.02 34.06 -15.43
CA VAL G 59 -59.01 35.27 -14.59
C VAL G 59 -57.85 36.20 -14.94
N ARG G 60 -58.19 37.43 -15.30
CA ARG G 60 -57.22 38.46 -15.64
C ARG G 60 -56.63 39.01 -14.36
N ALA G 61 -55.31 38.89 -14.25
CA ALA G 61 -54.59 39.42 -13.12
C ALA G 61 -53.10 39.62 -13.47
N ASP G 62 -52.61 40.83 -13.23
CA ASP G 62 -51.18 41.12 -13.17
C ASP G 62 -50.69 40.78 -11.75
N VAL G 63 -49.77 39.83 -11.68
CA VAL G 63 -49.29 39.25 -10.42
C VAL G 63 -48.38 40.18 -9.61
N ALA G 64 -47.92 41.26 -10.24
CA ALA G 64 -47.16 42.32 -9.54
C ALA G 64 -48.07 43.35 -8.88
N ASN G 65 -49.37 43.17 -9.03
CA ASN G 65 -50.37 44.09 -8.48
C ASN G 65 -51.15 43.45 -7.34
N ALA G 66 -50.98 44.00 -6.15
CA ALA G 66 -51.52 43.42 -4.91
C ALA G 66 -53.05 43.24 -5.00
N GLU G 67 -53.71 44.23 -5.58
CA GLU G 67 -55.18 44.28 -5.64
C GLU G 67 -55.69 43.21 -6.56
N ASP G 68 -55.02 43.08 -7.69
CA ASP G 68 -55.33 42.05 -8.69
C ASP G 68 -55.18 40.64 -8.12
N VAL G 69 -54.08 40.42 -7.42
CA VAL G 69 -53.78 39.12 -6.82
C VAL G 69 -54.85 38.77 -5.78
N THR G 70 -55.19 39.72 -4.93
CA THR G 70 -56.16 39.50 -3.86
C THR G 70 -57.51 39.12 -4.46
N ASN G 71 -57.93 39.85 -5.49
CA ASN G 71 -59.19 39.57 -6.20
C ASN G 71 -59.19 38.18 -6.78
N MET G 72 -58.08 37.86 -7.41
CA MET G 72 -57.94 36.59 -8.13
C MET G 72 -58.09 35.40 -7.18
N VAL G 73 -57.39 35.44 -6.07
CA VAL G 73 -57.48 34.36 -5.09
C VAL G 73 -58.89 34.25 -4.56
N LYS G 74 -59.51 35.40 -4.34
CA LYS G 74 -60.89 35.49 -3.80
C LYS G 74 -61.90 34.88 -4.77
N GLN G 75 -61.67 35.13 -6.05
CA GLN G 75 -62.52 34.59 -7.11
C GLN G 75 -62.41 33.06 -7.19
N THR G 76 -61.20 32.57 -7.04
CA THR G 76 -60.91 31.14 -7.01
C THR G 76 -61.75 30.47 -5.93
N VAL G 77 -61.69 31.03 -4.74
CA VAL G 77 -62.35 30.46 -3.57
C VAL G 77 -63.86 30.62 -3.68
N ASP G 78 -64.28 31.76 -4.25
CA ASP G 78 -65.71 32.02 -4.49
C ASP G 78 -66.34 31.03 -5.48
N VAL G 79 -65.69 30.84 -6.61
CA VAL G 79 -66.21 30.02 -7.69
C VAL G 79 -66.03 28.53 -7.40
N PHE G 80 -64.85 28.16 -6.92
CA PHE G 80 -64.53 26.74 -6.74
C PHE G 80 -64.49 26.25 -5.28
N GLY G 81 -64.70 27.15 -4.34
CA GLY G 81 -64.88 26.78 -2.93
C GLY G 81 -63.64 26.79 -2.07
N GLN G 82 -62.49 26.71 -2.71
CA GLN G 82 -61.22 26.59 -1.99
C GLN G 82 -60.07 26.69 -2.96
N VAL G 83 -58.87 26.80 -2.41
CA VAL G 83 -57.64 26.70 -3.21
C VAL G 83 -56.71 25.68 -2.55
N ASP G 84 -56.33 24.67 -3.34
CA ASP G 84 -55.50 23.58 -2.84
C ASP G 84 -54.07 23.65 -3.38
N ILE G 85 -53.95 24.15 -4.61
CA ILE G 85 -52.66 24.21 -5.33
C ILE G 85 -52.43 25.58 -5.95
N LEU G 86 -51.26 26.14 -5.68
CA LEU G 86 -50.77 27.34 -6.38
C LEU G 86 -49.55 27.02 -7.19
N VAL G 87 -49.60 27.22 -8.49
CA VAL G 87 -48.36 27.23 -9.27
C VAL G 87 -48.07 28.61 -9.84
N ASN G 88 -46.94 29.14 -9.40
CA ASN G 88 -46.43 30.44 -9.80
C ASN G 88 -45.58 30.30 -11.05
N ASN G 89 -46.20 30.56 -12.19
CA ASN G 89 -45.53 30.51 -13.50
C ASN G 89 -45.44 31.86 -14.23
N ALA G 90 -46.19 32.88 -13.79
CA ALA G 90 -46.12 34.21 -14.43
C ALA G 90 -44.67 34.74 -14.41
N GLY G 91 -44.33 35.51 -15.44
CA GLY G 91 -42.96 36.00 -15.57
C GLY G 91 -42.60 36.41 -16.98
N VAL G 92 -41.91 37.53 -17.09
CA VAL G 92 -41.42 38.03 -18.38
C VAL G 92 -39.88 37.99 -18.40
N THR G 93 -39.31 38.08 -19.60
CA THR G 93 -37.88 38.35 -19.76
C THR G 93 -37.70 39.66 -20.53
N LYS G 94 -36.65 40.39 -20.16
CA LYS G 94 -36.24 41.62 -20.85
C LYS G 94 -34.72 41.61 -20.84
N ASP G 95 -34.14 40.87 -21.77
CA ASP G 95 -32.71 40.61 -21.79
C ASP G 95 -31.92 41.84 -22.23
N ASN G 96 -30.72 41.92 -21.70
CA ASN G 96 -29.74 42.94 -22.06
C ASN G 96 -28.48 42.73 -21.28
N LEU G 97 -27.36 43.12 -21.87
CA LEU G 97 -26.10 43.16 -21.12
C LEU G 97 -26.27 44.17 -20.00
N LEU G 98 -25.74 43.81 -18.84
CA LEU G 98 -25.84 44.61 -17.59
C LEU G 98 -25.64 46.10 -17.85
N MET G 99 -24.67 46.38 -18.72
CA MET G 99 -24.33 47.71 -19.15
C MET G 99 -25.48 48.36 -19.93
N ARG G 100 -26.13 47.61 -20.80
CA ARG G 100 -27.26 48.15 -21.61
C ARG G 100 -28.56 48.19 -20.83
N MET G 101 -28.64 47.50 -19.69
CA MET G 101 -29.95 47.21 -19.09
C MET G 101 -30.60 48.42 -18.42
N LYS G 102 -31.80 48.76 -18.88
CA LYS G 102 -32.58 49.87 -18.31
C LYS G 102 -33.12 49.51 -16.94
N GLU G 103 -33.31 50.55 -16.12
CA GLU G 103 -33.87 50.40 -14.78
C GLU G 103 -35.29 49.82 -14.84
N GLU G 104 -36.09 50.28 -15.82
CA GLU G 104 -37.44 49.72 -15.98
C GLU G 104 -37.45 48.27 -16.49
N GLU G 105 -36.49 47.90 -17.32
CA GLU G 105 -36.32 46.47 -17.70
C GLU G 105 -36.03 45.60 -16.46
N TRP G 106 -35.18 46.12 -15.59
CA TRP G 106 -34.90 45.47 -14.31
C TRP G 106 -36.18 45.34 -13.47
N ASP G 107 -36.86 46.46 -13.26
CA ASP G 107 -38.03 46.54 -12.36
C ASP G 107 -39.14 45.59 -12.80
N THR G 108 -39.49 45.68 -14.08
CA THR G 108 -40.60 44.88 -14.63
C THR G 108 -40.34 43.35 -14.49
N VAL G 109 -39.10 42.94 -14.72
CA VAL G 109 -38.74 41.51 -14.54
C VAL G 109 -38.74 41.07 -13.06
N ILE G 110 -38.22 41.92 -12.19
CA ILE G 110 -38.21 41.60 -10.75
C ILE G 110 -39.65 41.55 -10.22
N ASN G 111 -40.43 42.56 -10.54
CA ASN G 111 -41.80 42.64 -10.02
C ASN G 111 -42.69 41.53 -10.50
N THR G 112 -42.59 41.19 -11.77
CA THR G 112 -43.43 40.12 -12.34
C THR G 112 -43.00 38.75 -11.84
N ASN G 113 -41.70 38.45 -11.94
CA ASN G 113 -41.18 37.11 -11.66
C ASN G 113 -40.97 36.81 -10.17
N LEU G 114 -40.55 37.81 -9.40
CA LEU G 114 -40.20 37.59 -8.01
C LEU G 114 -41.26 38.11 -7.06
N LYS G 115 -41.59 39.38 -7.18
CA LYS G 115 -42.68 39.96 -6.36
C LYS G 115 -44.04 39.25 -6.57
N GLY G 116 -44.29 38.79 -7.77
CA GLY G 116 -45.51 38.01 -8.06
C GLY G 116 -45.63 36.75 -7.24
N VAL G 117 -44.51 36.03 -7.10
CA VAL G 117 -44.45 34.84 -6.25
C VAL G 117 -44.76 35.20 -4.80
N PHE G 118 -44.14 36.26 -4.31
CA PHE G 118 -44.37 36.74 -2.94
C PHE G 118 -45.85 37.04 -2.69
N LEU G 119 -46.40 37.86 -3.59
CA LEU G 119 -47.77 38.33 -3.51
C LEU G 119 -48.75 37.18 -3.55
N CYS G 120 -48.58 36.28 -4.51
CA CYS G 120 -49.51 35.14 -4.67
C CYS G 120 -49.42 34.13 -3.54
N THR G 121 -48.19 33.88 -3.09
CA THR G 121 -47.94 33.00 -1.93
C THR G 121 -48.59 33.56 -0.69
N LYS G 122 -48.40 34.84 -0.46
CA LYS G 122 -49.02 35.53 0.66
C LYS G 122 -50.54 35.42 0.61
N ALA G 123 -51.11 35.65 -0.57
CA ALA G 123 -52.58 35.66 -0.76
C ALA G 123 -53.26 34.32 -0.50
N VAL G 124 -52.62 33.22 -0.93
CA VAL G 124 -53.19 31.86 -0.75
C VAL G 124 -52.94 31.31 0.65
N SER G 125 -51.96 31.91 1.34
CA SER G 125 -51.44 31.39 2.60
C SER G 125 -52.49 31.13 3.64
N ARG G 126 -53.14 32.20 4.11
CA ARG G 126 -54.22 32.09 5.09
C ARG G 126 -55.22 30.98 4.78
N PHE G 127 -55.63 30.91 3.52
CA PHE G 127 -56.60 29.95 3.09
C PHE G 127 -56.10 28.51 3.25
N MET G 128 -54.86 28.24 2.83
CA MET G 128 -54.18 26.93 3.00
C MET G 128 -53.82 26.61 4.46
N MET G 129 -53.38 27.61 5.18
CA MET G 129 -53.05 27.46 6.60
C MET G 129 -54.28 27.08 7.41
N ARG G 130 -55.39 27.70 7.09
CA ARG G 130 -56.64 27.42 7.78
C ARG G 130 -57.13 25.99 7.56
N GLN G 131 -57.12 25.57 6.29
CA GLN G 131 -57.56 24.21 5.94
C GLN G 131 -56.53 23.17 6.33
N ARG G 132 -55.30 23.62 6.55
CA ARG G 132 -54.19 22.76 6.96
C ARG G 132 -53.72 21.79 5.88
N HIS G 133 -53.69 22.28 4.66
CA HIS G 133 -53.05 21.57 3.57
C HIS G 133 -52.88 22.51 2.40
N GLY G 134 -51.93 22.15 1.55
CA GLY G 134 -51.67 22.91 0.36
C GLY G 134 -50.42 22.48 -0.35
N ARG G 135 -50.34 22.91 -1.59
CA ARG G 135 -49.18 22.72 -2.43
C ARG G 135 -48.89 24.02 -3.14
N ILE G 136 -47.66 24.51 -3.00
CA ILE G 136 -47.18 25.63 -3.81
C ILE G 136 -46.02 25.11 -4.62
N VAL G 137 -46.09 25.28 -5.94
CA VAL G 137 -44.90 25.04 -6.77
C VAL G 137 -44.54 26.26 -7.64
N ASN G 138 -43.27 26.64 -7.47
CA ASN G 138 -42.74 27.82 -8.13
C ASN G 138 -41.92 27.43 -9.33
N ILE G 139 -42.19 28.04 -10.46
CA ILE G 139 -41.41 27.79 -11.68
C ILE G 139 -40.27 28.80 -11.73
N ALA G 140 -39.09 28.31 -11.51
CA ALA G 140 -37.88 29.12 -11.51
C ALA G 140 -37.17 28.96 -12.87
N SER G 141 -35.88 28.79 -12.83
CA SER G 141 -35.09 28.54 -14.03
C SER G 141 -33.71 28.12 -13.61
N VAL G 142 -33.14 27.25 -14.41
CA VAL G 142 -31.80 26.71 -14.18
C VAL G 142 -30.73 27.84 -14.22
N VAL G 143 -31.06 28.86 -14.99
CA VAL G 143 -30.27 30.09 -15.12
C VAL G 143 -30.13 30.85 -13.77
N GLY G 144 -31.14 30.70 -12.91
CA GLY G 144 -31.09 31.19 -11.51
C GLY G 144 -30.03 30.52 -10.65
N VAL G 145 -29.63 29.31 -11.02
CA VAL G 145 -28.59 28.52 -10.30
C VAL G 145 -27.16 28.80 -10.82
N THR G 146 -27.04 29.07 -12.11
CA THR G 146 -25.72 29.16 -12.79
C THR G 146 -25.31 30.56 -13.23
N GLY G 147 -26.28 31.43 -13.33
CA GLY G 147 -26.07 32.73 -13.97
C GLY G 147 -26.10 32.57 -15.48
N ASN G 148 -26.19 33.70 -16.17
CA ASN G 148 -26.34 33.73 -17.64
C ASN G 148 -26.16 35.14 -18.14
N PRO G 149 -25.17 35.36 -19.04
CA PRO G 149 -24.75 36.68 -19.52
C PRO G 149 -25.83 37.67 -19.95
N GLY G 150 -26.90 37.25 -20.60
CA GLY G 150 -27.83 38.31 -21.08
C GLY G 150 -28.89 38.78 -20.09
N GLN G 151 -28.87 38.24 -18.89
CA GLN G 151 -30.10 38.11 -18.08
C GLN G 151 -29.94 38.40 -16.59
N ALA G 152 -29.25 39.47 -16.28
CA ALA G 152 -29.02 39.89 -14.88
C ALA G 152 -30.33 39.94 -14.10
N ASN G 153 -31.32 40.59 -14.71
CA ASN G 153 -32.66 40.76 -14.08
C ASN G 153 -33.41 39.44 -13.87
N TYR G 154 -33.39 38.62 -14.92
CA TYR G 154 -34.09 37.33 -14.90
C TYR G 154 -33.42 36.35 -13.94
N VAL G 155 -32.09 36.32 -13.99
CA VAL G 155 -31.29 35.44 -13.11
C VAL G 155 -31.52 35.80 -11.65
N ALA G 156 -31.43 37.09 -11.34
CA ALA G 156 -31.67 37.61 -10.00
C ALA G 156 -33.08 37.25 -9.52
N ALA G 157 -34.06 37.44 -10.39
CA ALA G 157 -35.46 37.14 -10.04
C ALA G 157 -35.66 35.64 -9.74
N LYS G 158 -35.13 34.79 -10.60
CA LYS G 158 -35.30 33.33 -10.46
C LYS G 158 -34.47 32.72 -9.34
N ALA G 159 -33.27 33.24 -9.12
CA ALA G 159 -32.48 32.87 -7.94
C ALA G 159 -33.25 33.29 -6.69
N GLY G 160 -33.81 34.50 -6.70
CA GLY G 160 -34.66 34.96 -5.62
C GLY G 160 -35.83 34.03 -5.31
N VAL G 161 -36.51 33.57 -6.37
CA VAL G 161 -37.67 32.65 -6.26
C VAL G 161 -37.26 31.32 -5.58
N ILE G 162 -36.08 30.83 -5.92
CA ILE G 162 -35.56 29.58 -5.34
C ILE G 162 -35.34 29.75 -3.83
N GLY G 163 -34.84 30.92 -3.44
CA GLY G 163 -34.67 31.27 -2.00
C GLY G 163 -36.00 31.50 -1.26
N LEU G 164 -36.91 32.15 -1.95
CA LEU G 164 -38.26 32.42 -1.42
C LEU G 164 -39.04 31.11 -1.16
N THR G 165 -38.82 30.15 -2.04
CA THR G 165 -39.37 28.80 -1.95
C THR G 165 -39.00 28.12 -0.61
N LYS G 166 -37.76 28.30 -0.19
CA LYS G 166 -37.23 27.71 1.04
C LYS G 166 -37.74 28.36 2.31
N THR G 167 -37.83 29.70 2.31
CA THR G 167 -38.46 30.42 3.43
C THR G 167 -39.93 30.00 3.61
N SER G 168 -40.64 29.90 2.49
CA SER G 168 -42.06 29.54 2.46
C SER G 168 -42.27 28.12 2.94
N ALA G 169 -41.44 27.21 2.44
CA ALA G 169 -41.46 25.80 2.87
C ALA G 169 -41.34 25.73 4.38
N LYS G 170 -40.42 26.52 4.94
CA LYS G 170 -40.14 26.51 6.38
C LYS G 170 -41.25 27.14 7.21
N GLU G 171 -41.88 28.19 6.68
CA GLU G 171 -42.95 28.90 7.41
C GLU G 171 -44.27 28.15 7.40
N LEU G 172 -44.49 27.36 6.36
CA LEU G 172 -45.79 26.75 6.11
C LEU G 172 -45.82 25.25 6.45
N ALA G 173 -44.68 24.70 6.88
CA ALA G 173 -44.53 23.24 7.10
C ALA G 173 -45.53 22.70 8.12
N SER G 174 -45.75 23.47 9.19
CA SER G 174 -46.59 23.05 10.33
C SER G 174 -48.10 22.94 10.02
N ARG G 175 -48.50 23.56 8.92
CA ARG G 175 -49.86 23.49 8.43
C ARG G 175 -49.96 22.54 7.23
N ASN G 176 -49.06 21.55 7.16
CA ASN G 176 -49.02 20.54 6.07
C ASN G 176 -49.11 21.12 4.65
N ILE G 177 -48.41 22.23 4.47
CA ILE G 177 -48.25 22.84 3.16
C ILE G 177 -46.82 22.60 2.71
N THR G 178 -46.64 22.05 1.51
CA THR G 178 -45.27 21.92 0.92
C THR G 178 -45.07 22.96 -0.15
N VAL G 179 -43.82 23.42 -0.25
CA VAL G 179 -43.45 24.46 -1.23
C VAL G 179 -42.15 24.04 -1.90
N ASN G 180 -42.21 23.88 -3.21
CA ASN G 180 -41.10 23.39 -4.00
C ASN G 180 -40.98 24.20 -5.28
N ALA G 181 -39.83 24.11 -5.92
CA ALA G 181 -39.54 24.82 -7.16
C ALA G 181 -39.14 23.84 -8.28
N ILE G 182 -39.61 24.12 -9.49
CA ILE G 182 -39.10 23.47 -10.70
C ILE G 182 -38.29 24.50 -11.48
N ALA G 183 -37.08 24.11 -11.85
CA ALA G 183 -36.17 24.96 -12.61
C ALA G 183 -36.02 24.37 -13.99
N PRO G 184 -36.81 24.87 -14.96
CA PRO G 184 -36.66 24.46 -16.33
C PRO G 184 -35.31 24.88 -16.96
N GLY G 185 -34.86 24.07 -17.90
CA GLY G 185 -33.73 24.42 -18.74
C GLY G 185 -34.26 25.08 -20.01
N PHE G 186 -33.77 24.64 -21.16
CA PHE G 186 -34.21 25.16 -22.45
C PHE G 186 -35.34 24.30 -22.97
N ILE G 187 -36.54 24.86 -22.92
CA ILE G 187 -37.80 24.21 -23.34
C ILE G 187 -38.32 24.88 -24.60
N ALA G 188 -38.70 24.06 -25.58
CA ALA G 188 -39.08 24.52 -26.92
C ALA G 188 -40.10 25.66 -26.94
N THR G 189 -41.21 25.46 -26.23
CA THR G 189 -42.32 26.41 -26.25
C THR G 189 -41.89 27.82 -25.81
N ASP G 190 -41.08 27.88 -24.77
CA ASP G 190 -40.66 29.17 -24.20
C ASP G 190 -39.34 29.73 -24.79
N MET G 191 -39.01 29.32 -26.02
CA MET G 191 -37.91 29.91 -26.80
C MET G 191 -38.46 30.34 -28.15
N THR G 192 -39.63 30.99 -28.13
CA THR G 192 -40.31 31.38 -29.38
C THR G 192 -39.40 32.25 -30.25
N ASP G 193 -38.76 33.25 -29.64
CA ASP G 193 -37.83 34.16 -30.33
C ASP G 193 -36.56 33.45 -30.81
N VAL G 194 -35.66 33.13 -29.87
CA VAL G 194 -34.31 32.57 -30.16
C VAL G 194 -34.22 31.78 -31.48
N LEU G 195 -34.21 32.50 -32.59
CA LEU G 195 -34.19 31.89 -33.94
C LEU G 195 -32.80 31.86 -34.58
N ASP G 196 -31.85 32.63 -34.05
CA ASP G 196 -30.48 32.51 -34.51
C ASP G 196 -30.09 31.05 -34.24
N GLU G 197 -29.95 30.27 -35.31
CA GLU G 197 -29.68 28.84 -35.21
C GLU G 197 -28.21 28.55 -34.91
N ASN G 198 -27.40 29.60 -34.81
CA ASN G 198 -26.05 29.50 -34.27
C ASN G 198 -26.07 29.61 -32.75
N ILE G 199 -26.85 30.56 -32.23
CA ILE G 199 -27.10 30.68 -30.80
C ILE G 199 -27.84 29.44 -30.28
N LYS G 200 -28.73 28.90 -31.11
CA LYS G 200 -29.51 27.71 -30.79
C LYS G 200 -28.59 26.50 -30.73
N ALA G 201 -27.76 26.35 -31.77
CA ALA G 201 -26.81 25.23 -31.90
C ALA G 201 -25.79 25.12 -30.74
N GLU G 202 -25.46 26.25 -30.11
CA GLU G 202 -24.51 26.28 -28.99
C GLU G 202 -25.18 25.97 -27.67
N MET G 203 -26.41 26.47 -27.49
CA MET G 203 -27.24 26.11 -26.33
C MET G 203 -27.41 24.60 -26.26
N LEU G 204 -27.56 23.97 -27.40
CA LEU G 204 -27.80 22.53 -27.52
C LEU G 204 -26.57 21.70 -27.09
N LYS G 205 -25.39 22.22 -27.41
CA LYS G 205 -24.14 21.60 -26.97
C LYS G 205 -24.02 21.49 -25.46
N LEU G 206 -24.65 22.43 -24.75
CA LEU G 206 -24.66 22.48 -23.28
C LEU G 206 -25.54 21.40 -22.60
N ILE G 207 -26.37 20.72 -23.38
CA ILE G 207 -27.38 19.78 -22.87
C ILE G 207 -26.96 18.34 -23.22
N PRO G 208 -26.61 17.52 -22.20
CA PRO G 208 -26.26 16.11 -22.44
C PRO G 208 -27.33 15.32 -23.17
N ALA G 209 -28.60 15.61 -22.90
CA ALA G 209 -29.75 15.03 -23.63
C ALA G 209 -29.73 15.38 -25.12
N ALA G 210 -29.01 16.45 -25.47
CA ALA G 210 -28.76 16.83 -26.87
C ALA G 210 -30.03 17.26 -27.60
N GLN G 211 -30.97 17.76 -26.83
CA GLN G 211 -32.27 18.20 -27.37
C GLN G 211 -32.94 19.14 -26.40
N PHE G 212 -33.78 20.01 -26.92
CA PHE G 212 -34.56 20.91 -26.05
C PHE G 212 -35.74 20.15 -25.48
N GLY G 213 -36.20 20.61 -24.33
CA GLY G 213 -37.30 19.98 -23.63
C GLY G 213 -38.63 20.41 -24.21
N GLU G 214 -39.69 19.83 -23.67
CA GLU G 214 -41.04 20.17 -24.07
C GLU G 214 -41.84 20.61 -22.85
N ALA G 215 -42.90 21.36 -23.09
CA ALA G 215 -43.67 21.96 -21.99
C ALA G 215 -44.19 20.88 -21.05
N GLN G 216 -44.52 19.72 -21.63
CA GLN G 216 -45.04 18.57 -20.87
C GLN G 216 -44.05 18.04 -19.83
N ASP G 217 -42.76 18.21 -20.10
CA ASP G 217 -41.71 17.77 -19.17
C ASP G 217 -41.82 18.50 -17.86
N ILE G 218 -42.18 19.79 -17.95
CA ILE G 218 -42.34 20.64 -16.76
C ILE G 218 -43.65 20.33 -16.02
N ALA G 219 -44.74 20.17 -16.80
CA ALA G 219 -46.04 19.73 -16.29
C ALA G 219 -45.93 18.42 -15.51
N ASN G 220 -45.24 17.44 -16.09
CA ASN G 220 -44.95 16.15 -15.43
C ASN G 220 -44.39 16.33 -14.00
N ALA G 221 -43.43 17.23 -13.86
CA ALA G 221 -42.75 17.46 -12.58
C ALA G 221 -43.64 18.25 -11.61
N VAL G 222 -44.37 19.22 -12.14
CA VAL G 222 -45.27 20.02 -11.34
C VAL G 222 -46.33 19.14 -10.70
N THR G 223 -46.91 18.28 -11.53
CA THR G 223 -47.98 17.36 -11.09
C THR G 223 -47.51 16.42 -9.99
N PHE G 224 -46.27 15.99 -10.09
CA PHE G 224 -45.65 15.14 -9.06
C PHE G 224 -45.58 15.87 -7.71
N PHE G 225 -45.14 17.11 -7.76
CA PHE G 225 -45.06 17.93 -6.55
C PHE G 225 -46.43 18.34 -6.01
N ALA G 226 -47.39 18.53 -6.89
CA ALA G 226 -48.78 18.86 -6.52
C ALA G 226 -49.51 17.70 -5.85
N SER G 227 -49.01 16.50 -6.01
CA SER G 227 -49.71 15.30 -5.56
C SER G 227 -49.48 15.02 -4.08
N ASP G 228 -50.44 14.32 -3.49
CA ASP G 228 -50.41 13.93 -2.05
C ASP G 228 -49.19 13.07 -1.71
N GLN G 229 -48.73 12.32 -2.69
CA GLN G 229 -47.71 11.31 -2.45
C GLN G 229 -46.35 11.92 -2.17
N SER G 230 -46.11 13.10 -2.75
CA SER G 230 -44.85 13.86 -2.56
C SER G 230 -44.83 14.74 -1.26
N LYS G 231 -45.66 14.35 -0.29
CA LYS G 231 -45.85 15.07 0.99
C LYS G 231 -44.59 15.31 1.81
N TYR G 232 -43.60 14.44 1.67
CA TYR G 232 -42.34 14.57 2.45
C TYR G 232 -41.21 15.29 1.69
N ILE G 233 -41.58 15.95 0.60
CA ILE G 233 -40.61 16.76 -0.15
C ILE G 233 -41.01 18.21 -0.01
N THR G 234 -40.13 19.01 0.57
CA THR G 234 -40.41 20.43 0.68
C THR G 234 -39.12 21.28 0.66
N GLY G 235 -39.24 22.48 0.10
CA GLY G 235 -38.14 23.44 0.01
C GLY G 235 -37.09 23.09 -1.04
N GLN G 236 -37.46 22.19 -1.95
CA GLN G 236 -36.53 21.66 -2.94
C GLN G 236 -36.69 22.32 -4.31
N THR G 237 -35.61 22.30 -5.08
CA THR G 237 -35.63 22.73 -6.48
C THR G 237 -35.20 21.54 -7.33
N LEU G 238 -36.02 21.22 -8.32
CA LEU G 238 -35.73 20.14 -9.24
C LEU G 238 -35.47 20.75 -10.60
N ASN G 239 -34.28 20.53 -11.12
CA ASN G 239 -33.91 20.94 -12.48
C ASN G 239 -34.47 19.98 -13.50
N VAL G 240 -35.25 20.52 -14.43
CA VAL G 240 -35.76 19.75 -15.58
C VAL G 240 -35.15 20.35 -16.84
N ASP G 241 -34.02 19.79 -17.26
CA ASP G 241 -33.09 20.48 -18.18
C ASP G 241 -32.19 19.60 -19.08
N GLY G 242 -32.49 18.30 -19.14
CA GLY G 242 -31.71 17.37 -19.98
C GLY G 242 -30.27 17.13 -19.53
N GLY G 243 -30.00 17.48 -18.27
CA GLY G 243 -28.66 17.35 -17.66
C GLY G 243 -27.76 18.57 -17.78
N MET G 244 -28.35 19.70 -18.13
CA MET G 244 -27.57 20.89 -18.41
C MET G 244 -26.91 21.40 -17.14
N VAL G 245 -27.68 21.43 -16.06
CA VAL G 245 -27.16 21.84 -14.75
C VAL G 245 -27.30 20.69 -13.75
N MET G 246 -26.16 20.10 -13.39
CA MET G 246 -26.14 19.03 -12.39
C MET G 246 -25.43 19.48 -11.09
N MET H 1 -0.68 44.69 0.10
CA MET H 1 -1.42 44.17 -1.07
C MET H 1 -1.85 45.38 -1.90
N LEU H 2 -3.14 45.44 -2.22
CA LEU H 2 -3.94 46.66 -2.61
C LEU H 2 -3.32 48.07 -2.71
N LYS H 3 -2.02 48.16 -2.87
CA LYS H 3 -1.35 49.44 -3.10
C LYS H 3 -1.86 50.15 -4.36
N GLY H 4 -2.18 51.43 -4.22
CA GLY H 4 -2.68 52.24 -5.34
C GLY H 4 -4.10 51.94 -5.80
N LYS H 5 -4.77 51.00 -5.14
CA LYS H 5 -6.14 50.65 -5.49
C LYS H 5 -7.13 51.63 -4.87
N VAL H 6 -8.27 51.86 -5.53
CA VAL H 6 -9.36 52.61 -4.90
C VAL H 6 -10.63 51.74 -4.79
N ALA H 7 -11.18 51.73 -3.58
CA ALA H 7 -12.33 50.90 -3.24
C ALA H 7 -13.54 51.75 -2.91
N LEU H 8 -14.67 51.37 -3.47
CA LEU H 8 -15.97 51.91 -3.12
C LEU H 8 -16.69 50.84 -2.32
N VAL H 9 -16.98 51.15 -1.06
CA VAL H 9 -17.72 50.27 -0.17
C VAL H 9 -19.06 50.89 0.22
N THR H 10 -20.13 50.24 -0.20
CA THR H 10 -21.49 50.73 0.11
C THR H 10 -21.89 50.24 1.51
N GLY H 11 -22.64 51.05 2.24
CA GLY H 11 -22.99 50.72 3.62
C GLY H 11 -21.77 50.50 4.49
N ALA H 12 -20.84 51.44 4.45
CA ALA H 12 -19.53 51.31 5.06
C ALA H 12 -19.37 52.01 6.43
N SER H 13 -20.44 52.54 6.98
CA SER H 13 -20.34 53.40 8.19
C SER H 13 -20.26 52.65 9.51
N ARG H 14 -20.57 51.36 9.47
CA ARG H 14 -20.46 50.53 10.68
C ARG H 14 -20.54 49.05 10.41
N GLY H 15 -20.25 48.30 11.47
CA GLY H 15 -20.33 46.84 11.48
C GLY H 15 -19.44 46.22 10.43
N ILE H 16 -20.00 45.32 9.65
CA ILE H 16 -19.28 44.60 8.62
C ILE H 16 -18.70 45.57 7.59
N GLY H 17 -19.54 46.48 7.12
CA GLY H 17 -19.13 47.44 6.08
C GLY H 17 -17.95 48.29 6.49
N ARG H 18 -17.96 48.68 7.76
CA ARG H 18 -16.89 49.47 8.32
C ARG H 18 -15.58 48.70 8.42
N ALA H 19 -15.66 47.47 8.91
CA ALA H 19 -14.49 46.57 9.06
C ALA H 19 -13.85 46.30 7.70
N ILE H 20 -14.72 46.16 6.69
CA ILE H 20 -14.26 45.97 5.31
C ILE H 20 -13.47 47.19 4.82
N ALA H 21 -14.04 48.37 5.06
CA ALA H 21 -13.43 49.64 4.61
C ALA H 21 -12.04 49.77 5.21
N ILE H 22 -12.00 49.56 6.52
CA ILE H 22 -10.79 49.71 7.29
C ILE H 22 -9.72 48.70 6.89
N ASP H 23 -10.13 47.47 6.57
CA ASP H 23 -9.16 46.45 6.20
C ASP H 23 -8.57 46.72 4.82
N LEU H 24 -9.42 47.07 3.88
CA LEU H 24 -8.97 47.50 2.54
C LEU H 24 -7.94 48.63 2.60
N ALA H 25 -8.22 49.64 3.44
CA ALA H 25 -7.31 50.77 3.66
C ALA H 25 -5.99 50.33 4.27
N LYS H 26 -6.09 49.36 5.16
CA LYS H 26 -4.93 48.76 5.82
C LYS H 26 -3.98 48.10 4.81
N GLN H 27 -4.56 47.52 3.77
CA GLN H 27 -3.80 46.93 2.66
C GLN H 27 -3.33 47.93 1.60
N GLY H 28 -3.64 49.21 1.80
CA GLY H 28 -3.15 50.31 0.96
C GLY H 28 -4.17 51.00 0.06
N ALA H 29 -5.40 50.54 0.08
CA ALA H 29 -6.47 51.13 -0.74
C ALA H 29 -6.93 52.52 -0.25
N ASN H 30 -7.26 53.39 -1.19
CA ASN H 30 -8.01 54.61 -0.88
C ASN H 30 -9.47 54.19 -0.92
N VAL H 31 -10.27 54.70 0.01
CA VAL H 31 -11.61 54.16 0.20
C VAL H 31 -12.69 55.22 0.18
N VAL H 32 -13.74 54.96 -0.59
CA VAL H 32 -14.97 55.75 -0.54
C VAL H 32 -15.97 55.06 0.38
N VAL H 33 -16.22 55.72 1.52
CA VAL H 33 -17.12 55.26 2.57
C VAL H 33 -18.54 55.78 2.26
N ASN H 34 -19.36 54.92 1.68
CA ASN H 34 -20.77 55.26 1.42
C ASN H 34 -21.68 55.07 2.64
N TYR H 35 -22.62 55.97 2.79
CA TYR H 35 -23.65 55.88 3.81
C TYR H 35 -24.97 56.41 3.27
N ALA H 36 -26.06 56.02 3.93
CA ALA H 36 -27.39 56.47 3.55
C ALA H 36 -27.88 57.63 4.40
N GLY H 37 -27.60 57.62 5.71
CA GLY H 37 -28.06 58.73 6.56
C GLY H 37 -27.11 59.18 7.65
N ASN H 38 -26.35 58.23 8.22
CA ASN H 38 -25.44 58.53 9.32
C ASN H 38 -24.09 59.07 8.82
N GLU H 39 -24.03 60.38 8.64
CA GLU H 39 -22.82 61.05 8.20
C GLU H 39 -21.74 61.01 9.27
N GLN H 40 -22.13 61.21 10.52
CA GLN H 40 -21.20 61.22 11.66
C GLN H 40 -20.37 59.93 11.74
N LYS H 41 -21.05 58.79 11.71
CA LYS H 41 -20.38 57.49 11.80
C LYS H 41 -19.46 57.28 10.61
N ALA H 42 -19.94 57.64 9.44
CA ALA H 42 -19.16 57.60 8.19
C ALA H 42 -17.88 58.44 8.29
N ASN H 43 -18.02 59.62 8.88
CA ASN H 43 -16.88 60.51 9.13
C ASN H 43 -15.85 59.89 10.07
N GLU H 44 -16.31 59.10 11.04
CA GLU H 44 -15.42 58.38 11.97
C GLU H 44 -14.61 57.34 11.24
N VAL H 45 -15.26 56.62 10.36
CA VAL H 45 -14.58 55.60 9.54
C VAL H 45 -13.50 56.27 8.65
N VAL H 46 -13.87 57.38 8.03
CA VAL H 46 -12.91 58.18 7.24
C VAL H 46 -11.70 58.63 8.09
N ASP H 47 -11.96 59.13 9.29
CA ASP H 47 -10.91 59.56 10.21
C ASP H 47 -9.94 58.44 10.58
N GLU H 48 -10.49 57.26 10.78
CA GLU H 48 -9.69 56.09 11.13
C GLU H 48 -8.79 55.67 9.97
N ILE H 49 -9.34 55.72 8.76
CA ILE H 49 -8.61 55.35 7.55
C ILE H 49 -7.44 56.28 7.30
N LYS H 50 -7.67 57.57 7.55
CA LYS H 50 -6.59 58.57 7.43
C LYS H 50 -5.49 58.42 8.50
N LYS H 51 -5.89 58.05 9.69
CA LYS H 51 -4.98 57.69 10.79
C LYS H 51 -3.99 56.60 10.41
N LEU H 52 -4.46 55.60 9.69
CA LEU H 52 -3.61 54.47 9.32
C LEU H 52 -2.87 54.69 7.98
N GLY H 53 -2.88 55.93 7.49
CA GLY H 53 -1.97 56.32 6.41
C GLY H 53 -2.58 56.34 5.03
N SER H 54 -3.83 55.91 4.91
CA SER H 54 -4.52 55.93 3.63
C SER H 54 -5.41 57.17 3.48
N ASP H 55 -6.15 57.25 2.38
CA ASP H 55 -7.08 58.35 2.15
C ASP H 55 -8.50 57.83 2.00
N ALA H 56 -9.46 58.66 2.38
CA ALA H 56 -10.86 58.31 2.26
C ALA H 56 -11.76 59.53 2.20
N ILE H 57 -12.93 59.34 1.62
CA ILE H 57 -14.04 60.31 1.67
C ILE H 57 -15.34 59.58 2.04
N ALA H 58 -16.26 60.33 2.64
CA ALA H 58 -17.60 59.84 2.95
C ALA H 58 -18.57 60.38 1.89
N VAL H 59 -19.36 59.50 1.29
CA VAL H 59 -20.36 59.92 0.27
C VAL H 59 -21.77 59.38 0.54
N ARG H 60 -22.73 60.28 0.60
CA ARG H 60 -24.14 59.94 0.80
C ARG H 60 -24.75 59.40 -0.48
N ALA H 61 -25.32 58.22 -0.42
CA ALA H 61 -26.13 57.75 -1.53
C ALA H 61 -27.12 56.67 -1.05
N ASP H 62 -28.37 56.79 -1.52
CA ASP H 62 -29.32 55.69 -1.56
C ASP H 62 -28.91 54.81 -2.73
N VAL H 63 -28.46 53.58 -2.45
CA VAL H 63 -28.06 52.61 -3.51
C VAL H 63 -29.23 52.11 -4.36
N ALA H 64 -30.47 52.29 -3.89
CA ALA H 64 -31.69 52.01 -4.70
C ALA H 64 -32.05 53.20 -5.63
N ASN H 65 -31.29 54.28 -5.57
CA ASN H 65 -31.56 55.48 -6.36
C ASN H 65 -30.49 55.66 -7.45
N ALA H 66 -30.93 55.58 -8.70
CA ALA H 66 -30.03 55.56 -9.86
C ALA H 66 -29.14 56.82 -9.97
N GLU H 67 -29.69 58.00 -9.67
CA GLU H 67 -28.89 59.22 -9.79
C GLU H 67 -27.90 59.35 -8.65
N ASP H 68 -28.29 58.87 -7.47
CA ASP H 68 -27.39 58.83 -6.31
C ASP H 68 -26.19 57.96 -6.61
N VAL H 69 -26.46 56.79 -7.16
CA VAL H 69 -25.41 55.82 -7.49
C VAL H 69 -24.50 56.39 -8.56
N THR H 70 -25.09 56.96 -9.59
CA THR H 70 -24.29 57.55 -10.66
C THR H 70 -23.37 58.67 -10.13
N ASN H 71 -23.95 59.60 -9.36
CA ASN H 71 -23.18 60.67 -8.73
C ASN H 71 -22.06 60.18 -7.80
N MET H 72 -22.30 59.05 -7.14
CA MET H 72 -21.34 58.48 -6.19
C MET H 72 -20.12 57.87 -6.88
N VAL H 73 -20.37 57.09 -7.92
CA VAL H 73 -19.30 56.51 -8.74
C VAL H 73 -18.47 57.62 -9.39
N LYS H 74 -19.16 58.63 -9.89
CA LYS H 74 -18.51 59.75 -10.53
C LYS H 74 -17.62 60.55 -9.59
N GLN H 75 -18.05 60.66 -8.34
CA GLN H 75 -17.27 61.34 -7.31
C GLN H 75 -16.01 60.57 -6.93
N THR H 76 -16.17 59.26 -6.88
CA THR H 76 -15.05 58.33 -6.62
C THR H 76 -13.95 58.53 -7.65
N VAL H 77 -14.35 58.52 -8.92
CA VAL H 77 -13.42 58.65 -10.03
C VAL H 77 -12.84 60.06 -10.10
N ASP H 78 -13.66 61.05 -9.78
CA ASP H 78 -13.20 62.46 -9.75
C ASP H 78 -12.13 62.72 -8.66
N VAL H 79 -12.39 62.24 -7.45
CA VAL H 79 -11.52 62.51 -6.31
C VAL H 79 -10.30 61.60 -6.29
N PHE H 80 -10.50 60.32 -6.58
CA PHE H 80 -9.42 59.34 -6.49
C PHE H 80 -8.88 58.83 -7.84
N GLY H 81 -9.49 59.26 -8.93
CA GLY H 81 -8.94 59.03 -10.27
C GLY H 81 -9.47 57.82 -10.99
N GLN H 82 -10.01 56.88 -10.24
CA GLN H 82 -10.43 55.59 -10.78
C GLN H 82 -11.19 54.82 -9.72
N VAL H 83 -11.83 53.73 -10.15
CA VAL H 83 -12.42 52.75 -9.22
C VAL H 83 -11.93 51.34 -9.58
N ASP H 84 -11.32 50.68 -8.60
CA ASP H 84 -10.71 49.37 -8.82
C ASP H 84 -11.51 48.28 -8.16
N ILE H 85 -12.11 48.62 -7.03
CA ILE H 85 -12.85 47.66 -6.20
C ILE H 85 -14.22 48.20 -5.81
N LEU H 86 -15.24 47.37 -6.00
CA LEU H 86 -16.60 47.64 -5.48
C LEU H 86 -17.00 46.57 -4.49
N VAL H 87 -17.30 46.96 -3.26
CA VAL H 87 -17.98 46.02 -2.38
C VAL H 87 -19.41 46.51 -2.02
N ASN H 88 -20.35 45.74 -2.48
CA ASN H 88 -21.77 45.97 -2.25
C ASN H 88 -22.18 45.38 -0.91
N ASN H 89 -22.22 46.24 0.10
CA ASN H 89 -22.62 45.85 1.45
C ASN H 89 -23.93 46.49 1.94
N ALA H 90 -24.39 47.53 1.27
CA ALA H 90 -25.63 48.22 1.69
C ALA H 90 -26.80 47.23 1.74
N GLY H 91 -27.72 47.44 2.64
CA GLY H 91 -28.84 46.51 2.84
C GLY H 91 -29.53 46.67 4.17
N VAL H 92 -30.86 46.59 4.14
CA VAL H 92 -31.68 46.63 5.36
C VAL H 92 -32.42 45.31 5.55
N THR H 93 -32.88 45.06 6.78
CA THR H 93 -33.82 43.96 7.05
C THR H 93 -35.11 44.55 7.57
N LYS H 94 -36.22 43.93 7.18
CA LYS H 94 -37.56 44.24 7.69
C LYS H 94 -38.27 42.91 7.86
N ASP H 95 -38.01 42.26 8.99
CA ASP H 95 -38.48 40.89 9.19
C ASP H 95 -39.98 40.83 9.48
N ASN H 96 -40.58 39.72 9.07
CA ASN H 96 -41.97 39.41 9.37
C ASN H 96 -42.29 38.05 8.77
N LEU H 97 -43.23 37.37 9.37
CA LEU H 97 -43.82 36.19 8.76
C LEU H 97 -44.52 36.60 7.46
N LEU H 98 -44.36 35.76 6.45
CA LEU H 98 -44.87 35.98 5.09
C LEU H 98 -46.30 36.53 5.03
N MET H 99 -47.20 35.85 5.72
CA MET H 99 -48.61 36.16 5.57
C MET H 99 -49.03 37.48 6.22
N ARG H 100 -48.08 38.21 6.82
CA ARG H 100 -48.35 39.58 7.27
C ARG H 100 -47.28 40.60 6.92
N MET H 101 -46.26 40.15 6.21
CA MET H 101 -45.26 41.06 5.66
C MET H 101 -45.91 42.07 4.71
N LYS H 102 -45.67 43.36 4.99
CA LYS H 102 -46.21 44.44 4.16
C LYS H 102 -45.49 44.51 2.80
N GLU H 103 -46.23 44.99 1.81
CA GLU H 103 -45.69 45.17 0.47
C GLU H 103 -44.51 46.14 0.48
N GLU H 104 -44.60 47.21 1.27
CA GLU H 104 -43.49 48.17 1.38
C GLU H 104 -42.29 47.61 2.11
N GLU H 105 -42.51 46.72 3.09
CA GLU H 105 -41.39 45.98 3.75
C GLU H 105 -40.65 45.11 2.73
N TRP H 106 -41.42 44.49 1.86
CA TRP H 106 -40.87 43.71 0.74
C TRP H 106 -40.07 44.61 -0.20
N ASP H 107 -40.69 45.69 -0.66
CA ASP H 107 -40.08 46.57 -1.66
C ASP H 107 -38.76 47.19 -1.18
N THR H 108 -38.80 47.75 0.01
CA THR H 108 -37.62 48.42 0.58
C THR H 108 -36.42 47.47 0.70
N VAL H 109 -36.67 46.25 1.16
CA VAL H 109 -35.59 45.23 1.29
C VAL H 109 -35.07 44.77 -0.08
N ILE H 110 -35.97 44.55 -1.02
CA ILE H 110 -35.55 44.13 -2.38
C ILE H 110 -34.74 45.23 -3.05
N ASN H 111 -35.24 46.46 -2.98
CA ASN H 111 -34.61 47.60 -3.67
C ASN H 111 -33.24 47.91 -3.10
N THR H 112 -33.16 47.94 -1.78
CA THR H 112 -31.88 48.25 -1.11
C THR H 112 -30.86 47.15 -1.30
N ASN H 113 -31.25 45.92 -1.02
CA ASN H 113 -30.31 44.78 -1.02
C ASN H 113 -29.99 44.20 -2.39
N LEU H 114 -30.97 44.19 -3.27
CA LEU H 114 -30.81 43.53 -4.56
C LEU H 114 -30.62 44.54 -5.67
N LYS H 115 -31.58 45.44 -5.83
CA LYS H 115 -31.49 46.47 -6.87
C LYS H 115 -30.25 47.36 -6.71
N GLY H 116 -29.84 47.63 -5.47
CA GLY H 116 -28.60 48.37 -5.18
C GLY H 116 -27.35 47.72 -5.76
N VAL H 117 -27.26 46.40 -5.67
CA VAL H 117 -26.16 45.62 -6.28
C VAL H 117 -26.18 45.76 -7.82
N PHE H 118 -27.36 45.61 -8.40
CA PHE H 118 -27.54 45.84 -9.83
C PHE H 118 -27.04 47.25 -10.29
N LEU H 119 -27.56 48.25 -9.60
CA LEU H 119 -27.31 49.66 -9.91
C LEU H 119 -25.83 50.01 -9.79
N CYS H 120 -25.21 49.60 -8.69
CA CYS H 120 -23.80 49.88 -8.43
C CYS H 120 -22.85 49.13 -9.35
N THR H 121 -23.19 47.88 -9.61
CA THR H 121 -22.42 47.05 -10.54
C THR H 121 -22.46 47.67 -11.92
N LYS H 122 -23.65 48.03 -12.36
CA LYS H 122 -23.83 48.68 -13.64
C LYS H 122 -22.98 49.96 -13.73
N ALA H 123 -23.04 50.77 -12.69
CA ALA H 123 -22.35 52.07 -12.68
C ALA H 123 -20.81 51.97 -12.75
N VAL H 124 -20.23 51.00 -12.04
CA VAL H 124 -18.76 50.83 -12.05
C VAL H 124 -18.24 50.09 -13.29
N SER H 125 -19.13 49.34 -13.94
CA SER H 125 -18.77 48.44 -15.04
C SER H 125 -18.12 49.14 -16.18
N ARG H 126 -18.74 50.23 -16.61
CA ARG H 126 -18.18 51.05 -17.68
C ARG H 126 -16.70 51.32 -17.44
N PHE H 127 -16.37 51.78 -16.23
CA PHE H 127 -15.01 52.15 -15.84
C PHE H 127 -14.04 50.98 -15.79
N MET H 128 -14.45 49.93 -15.10
CA MET H 128 -13.62 48.71 -14.95
C MET H 128 -13.38 47.99 -16.29
N MET H 129 -14.39 47.98 -17.13
CA MET H 129 -14.27 47.37 -18.48
C MET H 129 -13.25 48.10 -19.33
N ARG H 130 -13.29 49.42 -19.24
CA ARG H 130 -12.37 50.25 -20.00
C ARG H 130 -10.91 50.06 -19.58
N GLN H 131 -10.67 50.11 -18.28
CA GLN H 131 -9.32 49.92 -17.74
C GLN H 131 -8.89 48.45 -17.80
N ARG H 132 -9.85 47.57 -18.02
CA ARG H 132 -9.60 46.12 -18.13
C ARG H 132 -9.08 45.47 -16.85
N HIS H 133 -9.65 45.88 -15.73
CA HIS H 133 -9.46 45.20 -14.48
C HIS H 133 -10.46 45.69 -13.48
N GLY H 134 -10.76 44.83 -12.52
CA GLY H 134 -11.66 45.18 -11.45
C GLY H 134 -11.98 44.00 -10.55
N ARG H 135 -12.47 44.35 -9.37
CA ARG H 135 -12.96 43.39 -8.40
C ARG H 135 -14.31 43.91 -7.91
N ILE H 136 -15.32 43.05 -8.00
CA ILE H 136 -16.60 43.30 -7.31
C ILE H 136 -16.81 42.20 -6.32
N VAL H 137 -17.10 42.57 -5.09
CA VAL H 137 -17.52 41.57 -4.10
C VAL H 137 -18.82 41.96 -3.41
N ASN H 138 -19.77 41.04 -3.52
CA ASN H 138 -21.11 41.22 -3.02
C ASN H 138 -21.30 40.53 -1.69
N ILE H 139 -21.81 41.26 -0.70
CA ILE H 139 -22.09 40.68 0.59
C ILE H 139 -23.53 40.17 0.62
N ALA H 140 -23.68 38.86 0.60
CA ALA H 140 -24.97 38.22 0.57
C ALA H 140 -25.34 37.78 2.00
N SER H 141 -25.79 36.55 2.14
CA SER H 141 -26.06 35.96 3.44
C SER H 141 -26.30 34.47 3.24
N VAL H 142 -25.92 33.73 4.25
CA VAL H 142 -26.05 32.27 4.27
C VAL H 142 -27.56 31.85 4.24
N VAL H 143 -28.38 32.74 4.75
CA VAL H 143 -29.85 32.64 4.74
C VAL H 143 -30.43 32.65 3.31
N GLY H 144 -29.70 33.28 2.38
CA GLY H 144 -30.02 33.24 0.96
C GLY H 144 -29.88 31.88 0.33
N VAL H 145 -29.10 31.02 0.97
CA VAL H 145 -28.84 29.66 0.49
C VAL H 145 -29.84 28.65 1.06
N THR H 146 -30.20 28.84 2.31
CA THR H 146 -30.98 27.86 3.09
C THR H 146 -32.47 28.21 3.29
N GLY H 147 -32.78 29.50 3.15
CA GLY H 147 -34.05 30.06 3.59
C GLY H 147 -34.07 30.32 5.08
N ASN H 148 -35.10 31.02 5.55
CA ASN H 148 -35.19 31.39 6.97
C ASN H 148 -36.54 31.99 7.26
N PRO H 149 -37.31 31.37 8.19
CA PRO H 149 -38.72 31.71 8.48
C PRO H 149 -39.10 33.19 8.61
N GLY H 150 -38.28 34.04 9.21
CA GLY H 150 -38.79 35.43 9.39
C GLY H 150 -38.57 36.39 8.24
N GLN H 151 -38.00 35.91 7.14
CA GLN H 151 -37.21 36.77 6.24
C GLN H 151 -37.39 36.54 4.75
N ALA H 152 -38.63 36.36 4.33
CA ALA H 152 -38.94 36.09 2.91
C ALA H 152 -38.27 37.12 2.00
N ASN H 153 -38.41 38.39 2.38
CA ASN H 153 -37.86 39.51 1.61
C ASN H 153 -36.34 39.53 1.57
N TYR H 154 -35.74 39.31 2.74
CA TYR H 154 -34.27 39.33 2.85
C TYR H 154 -33.65 38.13 2.15
N VAL H 155 -34.27 36.96 2.34
CA VAL H 155 -33.80 35.70 1.71
C VAL H 155 -33.85 35.81 0.19
N ALA H 156 -34.98 36.27 -0.31
CA ALA H 156 -35.18 36.49 -1.75
C ALA H 156 -34.13 37.48 -2.31
N ALA H 157 -33.92 38.56 -1.57
CA ALA H 157 -32.94 39.57 -2.00
C ALA H 157 -31.52 38.98 -2.05
N LYS H 158 -31.13 38.30 -0.99
CA LYS H 158 -29.73 37.75 -0.88
C LYS H 158 -29.49 36.54 -1.79
N ALA H 159 -30.50 35.70 -1.98
CA ALA H 159 -30.45 34.63 -3.01
C ALA H 159 -30.28 35.27 -4.40
N GLY H 160 -31.03 36.33 -4.63
CA GLY H 160 -30.93 37.10 -5.86
C GLY H 160 -29.53 37.62 -6.11
N VAL H 161 -28.93 38.19 -5.07
CA VAL H 161 -27.56 38.72 -5.14
C VAL H 161 -26.54 37.65 -5.55
N ILE H 162 -26.72 36.45 -5.01
CA ILE H 162 -25.85 35.30 -5.31
C ILE H 162 -25.95 34.93 -6.80
N GLY H 163 -27.13 35.00 -7.35
CA GLY H 163 -27.35 34.74 -8.77
C GLY H 163 -26.82 35.84 -9.65
N LEU H 164 -27.05 37.08 -9.23
CA LEU H 164 -26.58 38.27 -9.94
C LEU H 164 -25.04 38.29 -10.03
N THR H 165 -24.41 37.81 -8.96
CA THR H 165 -22.97 37.64 -8.88
C THR H 165 -22.43 36.79 -10.01
N LYS H 166 -23.18 35.73 -10.33
CA LYS H 166 -22.77 34.77 -11.38
C LYS H 166 -22.94 35.36 -12.80
N THR H 167 -24.07 36.02 -13.04
CA THR H 167 -24.27 36.69 -14.32
C THR H 167 -23.14 37.70 -14.56
N SER H 168 -22.87 38.53 -13.54
CA SER H 168 -21.84 39.57 -13.60
C SER H 168 -20.44 38.98 -13.86
N ALA H 169 -20.11 37.94 -13.12
CA ALA H 169 -18.86 37.20 -13.30
C ALA H 169 -18.68 36.82 -14.77
N LYS H 170 -19.75 36.29 -15.35
CA LYS H 170 -19.74 35.78 -16.74
C LYS H 170 -19.64 36.90 -17.76
N GLU H 171 -20.30 38.01 -17.50
CA GLU H 171 -20.33 39.15 -18.44
C GLU H 171 -19.02 39.93 -18.45
N LEU H 172 -18.35 39.95 -17.32
CA LEU H 172 -17.23 40.84 -17.12
C LEU H 172 -15.88 40.13 -17.23
N ALA H 173 -15.90 38.80 -17.29
CA ALA H 173 -14.68 37.96 -17.31
C ALA H 173 -13.65 38.33 -18.38
N SER H 174 -14.17 38.68 -19.56
CA SER H 174 -13.38 39.08 -20.73
C SER H 174 -12.61 40.42 -20.56
N ARG H 175 -13.07 41.24 -19.62
CA ARG H 175 -12.35 42.44 -19.28
C ARG H 175 -11.50 42.32 -18.02
N ASN H 176 -11.23 41.09 -17.59
CA ASN H 176 -10.37 40.83 -16.43
C ASN H 176 -10.94 41.40 -15.13
N ILE H 177 -12.25 41.31 -15.02
CA ILE H 177 -12.96 41.67 -13.81
C ILE H 177 -13.49 40.39 -13.17
N THR H 178 -13.20 40.17 -11.89
CA THR H 178 -13.82 39.05 -11.14
C THR H 178 -14.95 39.56 -10.25
N VAL H 179 -15.97 38.73 -10.07
CA VAL H 179 -17.12 39.07 -9.26
C VAL H 179 -17.44 37.85 -8.41
N ASN H 180 -17.43 38.04 -7.10
CA ASN H 180 -17.65 36.98 -6.13
C ASN H 180 -18.51 37.50 -5.00
N ALA H 181 -19.03 36.57 -4.21
CA ALA H 181 -19.91 36.91 -3.09
C ALA H 181 -19.41 36.28 -1.81
N ILE H 182 -19.56 37.03 -0.73
CA ILE H 182 -19.37 36.49 0.63
C ILE H 182 -20.72 36.39 1.30
N ALA H 183 -21.00 35.22 1.85
CA ALA H 183 -22.25 34.94 2.56
C ALA H 183 -21.96 34.80 4.04
N PRO H 184 -22.13 35.90 4.80
CA PRO H 184 -22.00 35.81 6.25
C PRO H 184 -23.04 34.91 6.90
N GLY H 185 -22.65 34.32 8.02
CA GLY H 185 -23.60 33.66 8.90
C GLY H 185 -24.06 34.64 9.97
N PHE H 186 -24.02 34.21 11.22
CA PHE H 186 -24.39 35.07 12.35
C PHE H 186 -23.15 35.76 12.91
N ILE H 187 -23.05 37.04 12.61
CA ILE H 187 -21.91 37.89 13.01
C ILE H 187 -22.38 38.88 14.08
N ALA H 188 -21.58 39.04 15.12
CA ALA H 188 -21.94 39.81 16.32
C ALA H 188 -22.47 41.24 16.05
N THR H 189 -21.79 41.98 15.19
CA THR H 189 -22.28 43.32 14.82
C THR H 189 -23.73 43.34 14.26
N ASP H 190 -24.11 42.30 13.54
CA ASP H 190 -25.47 42.18 12.96
C ASP H 190 -26.54 41.68 13.95
N MET H 191 -26.22 41.67 15.24
CA MET H 191 -27.16 41.12 16.25
C MET H 191 -27.24 42.01 17.48
N THR H 192 -27.13 43.32 17.26
CA THR H 192 -27.41 44.31 18.31
C THR H 192 -28.89 44.24 18.68
N ASP H 193 -29.71 44.10 17.63
CA ASP H 193 -31.14 43.78 17.73
C ASP H 193 -31.42 42.59 18.68
N VAL H 194 -31.27 41.36 18.17
CA VAL H 194 -31.78 40.13 18.82
C VAL H 194 -31.49 40.12 20.32
N LEU H 195 -32.33 40.81 21.08
CA LEU H 195 -32.15 40.97 22.52
C LEU H 195 -32.92 39.86 23.23
N ASP H 196 -32.74 38.61 22.77
CA ASP H 196 -33.34 37.46 23.44
C ASP H 196 -32.32 36.36 23.63
N GLU H 197 -32.27 35.82 24.84
CA GLU H 197 -31.30 34.78 25.21
C GLU H 197 -31.67 33.44 24.58
N ASN H 198 -32.97 33.26 24.33
CA ASN H 198 -33.47 31.99 23.84
C ASN H 198 -33.40 31.88 22.32
N ILE H 199 -33.59 32.99 21.64
CA ILE H 199 -33.38 33.04 20.19
C ILE H 199 -31.91 32.78 19.91
N LYS H 200 -31.05 33.57 20.56
CA LYS H 200 -29.59 33.45 20.43
C LYS H 200 -29.08 32.06 20.80
N ALA H 201 -29.58 31.52 21.90
CA ALA H 201 -29.19 30.19 22.35
C ALA H 201 -29.36 29.15 21.24
N GLU H 202 -30.45 29.27 20.49
CA GLU H 202 -30.83 28.25 19.51
C GLU H 202 -30.07 28.42 18.21
N MET H 203 -29.86 29.67 17.83
CA MET H 203 -29.01 30.04 16.70
C MET H 203 -27.61 29.44 16.90
N LEU H 204 -27.10 29.63 18.11
CA LEU H 204 -25.74 29.20 18.46
C LEU H 204 -25.58 27.69 18.31
N LYS H 205 -26.63 26.95 18.65
CA LYS H 205 -26.67 25.48 18.47
C LYS H 205 -26.50 25.04 17.01
N LEU H 206 -26.94 25.91 16.09
CA LEU H 206 -26.81 25.67 14.64
C LEU H 206 -25.35 25.81 14.09
N ILE H 207 -24.45 26.37 14.88
CA ILE H 207 -23.08 26.71 14.44
C ILE H 207 -22.09 25.74 15.07
N PRO H 208 -21.41 24.90 14.24
CA PRO H 208 -20.37 24.00 14.76
C PRO H 208 -19.20 24.69 15.51
N ALA H 209 -18.83 25.88 15.07
CA ALA H 209 -17.86 26.71 15.79
C ALA H 209 -18.32 27.07 17.21
N ALA H 210 -19.64 27.00 17.44
CA ALA H 210 -20.25 27.24 18.76
C ALA H 210 -20.07 28.69 19.25
N GLN H 211 -19.99 29.63 18.31
CA GLN H 211 -19.80 31.02 18.64
C GLN H 211 -20.18 31.86 17.44
N PHE H 212 -20.57 33.10 17.69
CA PHE H 212 -20.90 34.02 16.59
C PHE H 212 -19.60 34.57 16.03
N GLY H 213 -19.66 34.99 14.79
CA GLY H 213 -18.51 35.54 14.10
C GLY H 213 -18.29 36.99 14.47
N GLU H 214 -17.23 37.57 13.91
CA GLU H 214 -16.92 38.97 14.13
C GLU H 214 -16.80 39.63 12.77
N ALA H 215 -16.96 40.95 12.73
CA ALA H 215 -16.99 41.70 11.46
C ALA H 215 -15.66 41.49 10.68
N GLN H 216 -14.56 41.37 11.41
CA GLN H 216 -13.25 41.15 10.82
C GLN H 216 -13.16 39.85 10.02
N ASP H 217 -13.94 38.85 10.39
CA ASP H 217 -14.00 37.58 9.65
C ASP H 217 -14.46 37.79 8.20
N ILE H 218 -15.40 38.71 8.04
CA ILE H 218 -15.92 39.06 6.72
C ILE H 218 -14.91 39.92 5.95
N ALA H 219 -14.35 40.91 6.63
CA ALA H 219 -13.30 41.77 6.03
C ALA H 219 -12.17 40.93 5.48
N ASN H 220 -11.77 39.95 6.25
CA ASN H 220 -10.73 39.04 5.84
C ASN H 220 -10.98 38.34 4.51
N ALA H 221 -12.19 37.87 4.35
CA ALA H 221 -12.58 37.15 3.14
C ALA H 221 -12.72 38.11 1.97
N VAL H 222 -13.25 39.30 2.24
CA VAL H 222 -13.42 40.35 1.22
C VAL H 222 -12.07 40.78 0.65
N THR H 223 -11.13 41.00 1.54
CA THR H 223 -9.77 41.40 1.18
C THR H 223 -9.07 40.34 0.31
N PHE H 224 -9.33 39.08 0.59
CA PHE H 224 -8.78 37.97 -0.18
C PHE H 224 -9.29 38.02 -1.64
N PHE H 225 -10.61 38.20 -1.77
CA PHE H 225 -11.22 38.33 -3.10
C PHE H 225 -10.80 39.61 -3.82
N ALA H 226 -10.61 40.70 -3.08
CA ALA H 226 -10.22 41.98 -3.68
C ALA H 226 -8.78 41.99 -4.21
N SER H 227 -7.98 41.01 -3.79
CA SER H 227 -6.57 41.00 -4.10
C SER H 227 -6.29 40.41 -5.48
N ASP H 228 -5.15 40.79 -6.04
CA ASP H 228 -4.68 40.33 -7.36
C ASP H 228 -4.48 38.81 -7.43
N GLN H 229 -4.16 38.23 -6.28
CA GLN H 229 -3.77 36.85 -6.23
C GLN H 229 -4.94 35.92 -6.46
N SER H 230 -6.13 36.38 -6.10
CA SER H 230 -7.38 35.61 -6.28
C SER H 230 -8.01 35.76 -7.69
N LYS H 231 -7.18 36.14 -8.66
CA LYS H 231 -7.58 36.39 -10.06
C LYS H 231 -8.33 35.25 -10.78
N TYR H 232 -8.06 34.01 -10.38
CA TYR H 232 -8.72 32.84 -11.03
C TYR H 232 -10.01 32.35 -10.33
N ILE H 233 -10.52 33.17 -9.41
CA ILE H 233 -11.72 32.87 -8.67
C ILE H 233 -12.79 33.86 -9.10
N THR H 234 -13.85 33.34 -9.72
CA THR H 234 -14.95 34.22 -10.10
C THR H 234 -16.27 33.49 -10.09
N GLY H 235 -17.32 34.24 -9.77
CA GLY H 235 -18.69 33.74 -9.72
C GLY H 235 -18.99 32.84 -8.53
N GLN H 236 -18.11 32.89 -7.53
CA GLN H 236 -18.19 32.03 -6.35
C GLN H 236 -18.76 32.74 -5.12
N THR H 237 -19.37 31.93 -4.24
CA THR H 237 -19.94 32.38 -2.97
C THR H 237 -19.25 31.63 -1.87
N LEU H 238 -18.68 32.39 -0.95
CA LEU H 238 -17.96 31.77 0.17
C LEU H 238 -18.75 32.06 1.45
N ASN H 239 -19.19 31.00 2.10
CA ASN H 239 -19.87 31.10 3.39
C ASN H 239 -18.86 31.33 4.50
N VAL H 240 -19.07 32.41 5.25
CA VAL H 240 -18.27 32.70 6.44
C VAL H 240 -19.21 32.64 7.65
N ASP H 241 -19.32 31.46 8.23
CA ASP H 241 -20.44 31.13 9.08
C ASP H 241 -20.19 30.08 10.19
N GLY H 242 -18.94 29.80 10.48
CA GLY H 242 -18.61 28.87 11.56
C GLY H 242 -19.04 27.44 11.32
N GLY H 243 -19.35 27.12 10.07
CA GLY H 243 -19.79 25.79 9.66
C GLY H 243 -21.31 25.59 9.63
N MET H 244 -22.06 26.68 9.76
CA MET H 244 -23.51 26.61 9.88
C MET H 244 -24.14 26.03 8.60
N VAL H 245 -23.71 26.53 7.46
CA VAL H 245 -24.16 26.04 6.16
C VAL H 245 -22.96 25.38 5.41
N MET H 246 -22.97 24.05 5.34
CA MET H 246 -22.02 23.29 4.53
C MET H 246 -22.71 22.73 3.27
#